data_2AAV
#
_entry.id   2AAV
#
_entity_poly.entity_id   1
_entity_poly.type   'polypeptide(L)'
_entity_poly.pdbx_seq_one_letter_code
;GAMVVNCGHVTAYGPGLTHGVVNKPATFTVNTKDAGEGGLSLAIEGPSKAEISCTDNQDGTCSVSYLPVLPGDYSILVKY
NEQHVPGSPFTARVTGDD
;
_entity_poly.pdbx_strand_id   A
#
# COMPACT_ATOMS: atom_id res chain seq x y z
N GLY A 1 17.67 1.13 -14.98
CA GLY A 1 17.23 0.88 -13.58
C GLY A 1 17.93 1.82 -12.59
N ALA A 2 17.25 2.11 -11.49
CA ALA A 2 17.75 2.92 -10.36
C ALA A 2 18.62 2.11 -9.37
N MET A 3 19.23 2.81 -8.41
CA MET A 3 19.96 2.28 -7.25
C MET A 3 19.34 2.84 -5.95
N VAL A 4 19.64 2.22 -4.80
CA VAL A 4 19.15 2.61 -3.47
C VAL A 4 19.50 4.05 -3.05
N VAL A 5 20.57 4.61 -3.64
CA VAL A 5 21.09 5.96 -3.37
C VAL A 5 20.34 7.10 -4.07
N ASN A 6 19.42 6.81 -5.00
CA ASN A 6 18.74 7.83 -5.84
C ASN A 6 17.20 7.78 -5.87
N CYS A 7 16.57 7.05 -4.93
CA CYS A 7 15.12 6.86 -4.85
C CYS A 7 14.32 8.18 -4.78
N GLY A 8 13.04 8.13 -5.22
CA GLY A 8 12.10 9.27 -5.33
C GLY A 8 11.63 9.90 -4.03
N HIS A 9 10.84 10.97 -4.13
CA HIS A 9 10.36 11.80 -3.00
C HIS A 9 9.31 11.08 -2.14
N VAL A 10 8.59 10.12 -2.71
CA VAL A 10 7.52 9.33 -2.10
C VAL A 10 7.43 7.97 -2.77
N THR A 11 7.37 6.91 -1.96
CA THR A 11 7.47 5.50 -2.36
C THR A 11 6.44 4.64 -1.61
N ALA A 12 6.05 3.50 -2.20
CA ALA A 12 5.25 2.43 -1.60
C ALA A 12 5.92 1.06 -1.86
N TYR A 13 6.14 0.27 -0.80
CA TYR A 13 6.84 -1.02 -0.86
C TYR A 13 6.34 -2.03 0.20
N GLY A 14 6.66 -3.32 0.00
CA GLY A 14 6.30 -4.41 0.91
C GLY A 14 5.48 -5.54 0.24
N PRO A 15 5.30 -6.69 0.94
CA PRO A 15 4.60 -7.85 0.39
C PRO A 15 3.08 -7.63 0.22
N GLY A 16 2.47 -6.69 0.96
CA GLY A 16 1.05 -6.35 0.87
C GLY A 16 0.61 -5.62 -0.40
N LEU A 17 1.54 -5.28 -1.31
CA LEU A 17 1.22 -4.79 -2.66
C LEU A 17 1.09 -5.91 -3.70
N THR A 18 1.57 -7.11 -3.38
CA THR A 18 1.77 -8.24 -4.33
C THR A 18 1.16 -9.58 -3.87
N HIS A 19 0.95 -9.78 -2.57
CA HIS A 19 0.32 -10.98 -1.97
C HIS A 19 -0.59 -10.60 -0.80
N GLY A 20 -1.41 -11.53 -0.31
CA GLY A 20 -2.34 -11.35 0.82
C GLY A 20 -2.63 -12.62 1.61
N VAL A 21 -3.31 -12.47 2.75
CA VAL A 21 -3.81 -13.58 3.59
C VAL A 21 -5.24 -13.27 4.03
N VAL A 22 -6.20 -14.07 3.56
CA VAL A 22 -7.62 -13.90 3.89
C VAL A 22 -7.87 -14.02 5.41
N ASN A 23 -8.67 -13.10 5.94
CA ASN A 23 -9.06 -12.94 7.34
C ASN A 23 -7.93 -12.58 8.33
N LYS A 24 -6.68 -12.33 7.90
CA LYS A 24 -5.61 -11.80 8.76
C LYS A 24 -5.05 -10.48 8.19
N PRO A 25 -4.76 -9.45 9.01
CA PRO A 25 -4.40 -8.10 8.55
C PRO A 25 -3.25 -8.08 7.53
N ALA A 26 -3.53 -7.53 6.35
CA ALA A 26 -2.54 -7.31 5.29
C ALA A 26 -1.97 -5.90 5.43
N THR A 27 -0.66 -5.76 5.23
CA THR A 27 0.07 -4.49 5.44
C THR A 27 1.19 -4.26 4.42
N PHE A 28 1.47 -2.99 4.15
CA PHE A 28 2.65 -2.52 3.42
C PHE A 28 3.08 -1.12 3.89
N THR A 29 4.26 -0.66 3.48
CA THR A 29 4.88 0.61 3.95
C THR A 29 4.89 1.65 2.84
N VAL A 30 4.61 2.90 3.23
CA VAL A 30 4.79 4.11 2.40
C VAL A 30 5.66 5.11 3.16
N ASN A 31 6.39 5.95 2.43
CA ASN A 31 7.44 6.82 2.94
C ASN A 31 7.52 8.14 2.15
N THR A 32 6.96 9.23 2.69
CA THR A 32 6.95 10.59 2.10
C THR A 32 8.28 11.36 2.29
N LYS A 33 9.43 10.66 2.27
CA LYS A 33 10.79 11.11 2.58
C LYS A 33 11.19 12.54 2.16
N ASP A 34 10.78 13.02 0.99
CA ASP A 34 10.92 14.42 0.54
C ASP A 34 9.59 15.10 0.12
N ALA A 35 8.53 14.29 -0.04
CA ALA A 35 7.16 14.73 -0.27
C ALA A 35 6.52 15.54 0.89
N GLY A 36 6.80 15.19 2.15
CA GLY A 36 6.22 15.87 3.32
C GLY A 36 6.04 14.96 4.55
N GLU A 37 5.22 15.39 5.51
CA GLU A 37 4.82 14.62 6.71
C GLU A 37 3.73 13.55 6.46
N GLY A 38 3.18 13.54 5.25
CA GLY A 38 2.03 12.69 4.84
C GLY A 38 1.26 13.31 3.66
N GLY A 39 -0.06 13.08 3.62
CA GLY A 39 -1.01 13.73 2.72
C GLY A 39 -1.34 12.95 1.43
N LEU A 40 -0.63 11.87 1.13
CA LEU A 40 -0.96 10.93 0.06
C LEU A 40 -2.22 10.09 0.42
N SER A 41 -2.78 9.37 -0.56
CA SER A 41 -4.01 8.59 -0.33
C SER A 41 -4.06 7.31 -1.15
N LEU A 42 -4.91 6.37 -0.71
CA LEU A 42 -5.13 5.08 -1.35
C LEU A 42 -6.62 4.75 -1.60
N ALA A 43 -6.83 3.76 -2.47
CA ALA A 43 -8.08 3.05 -2.66
C ALA A 43 -7.75 1.59 -3.01
N ILE A 44 -8.55 0.63 -2.57
CA ILE A 44 -8.36 -0.81 -2.84
C ILE A 44 -9.63 -1.38 -3.50
N GLU A 45 -9.43 -2.14 -4.58
CA GLU A 45 -10.45 -2.85 -5.37
C GLU A 45 -10.20 -4.36 -5.34
N GLY A 46 -11.14 -5.16 -5.89
CA GLY A 46 -11.12 -6.62 -5.87
C GLY A 46 -12.54 -7.23 -6.02
N PRO A 47 -12.74 -8.52 -5.68
CA PRO A 47 -14.07 -9.14 -5.55
C PRO A 47 -14.85 -8.64 -4.32
N SER A 48 -14.12 -8.04 -3.38
CA SER A 48 -14.50 -7.69 -2.01
C SER A 48 -13.71 -6.44 -1.56
N LYS A 49 -14.04 -5.86 -0.40
CA LYS A 49 -13.53 -4.56 0.08
C LYS A 49 -12.69 -4.70 1.36
N ALA A 50 -12.07 -3.59 1.81
CA ALA A 50 -11.26 -3.48 3.01
C ALA A 50 -11.43 -2.10 3.73
N GLU A 51 -10.86 -1.96 4.94
CA GLU A 51 -11.09 -0.81 5.84
C GLU A 51 -10.03 0.31 5.78
N ILE A 52 -8.95 0.09 5.02
CA ILE A 52 -7.74 0.89 4.79
C ILE A 52 -7.41 1.85 5.97
N SER A 53 -6.96 1.28 7.08
CA SER A 53 -6.41 1.99 8.24
C SER A 53 -4.93 2.40 8.03
N CYS A 54 -4.39 3.22 8.93
CA CYS A 54 -2.97 3.54 8.96
C CYS A 54 -2.44 3.84 10.38
N THR A 55 -1.13 4.01 10.51
CA THR A 55 -0.41 4.33 11.78
C THR A 55 0.69 5.37 11.54
N ASP A 56 0.75 6.37 12.41
CA ASP A 56 1.68 7.51 12.30
C ASP A 56 3.16 7.14 12.56
N ASN A 57 3.41 6.32 13.59
CA ASN A 57 4.72 5.98 14.17
C ASN A 57 5.57 7.25 14.51
N GLN A 58 6.86 7.04 14.75
CA GLN A 58 7.91 8.05 14.91
C GLN A 58 9.04 7.84 13.86
N ASP A 59 8.83 6.96 12.88
CA ASP A 59 9.82 6.55 11.88
C ASP A 59 9.64 7.23 10.50
N GLY A 60 8.60 8.07 10.34
CA GLY A 60 8.37 8.89 9.14
C GLY A 60 7.49 8.26 8.05
N THR A 61 7.08 7.01 8.21
CA THR A 61 6.21 6.28 7.27
C THR A 61 4.75 6.72 7.38
N CYS A 62 3.92 6.28 6.43
CA CYS A 62 2.45 6.41 6.53
C CYS A 62 1.80 5.01 6.62
N SER A 63 2.43 4.12 7.39
CA SER A 63 2.20 2.65 7.48
C SER A 63 0.75 2.23 7.27
N VAL A 64 0.47 1.49 6.20
CA VAL A 64 -0.91 1.13 5.80
C VAL A 64 -1.27 -0.28 6.32
N SER A 65 -2.50 -0.41 6.84
CA SER A 65 -3.06 -1.66 7.37
C SER A 65 -4.49 -1.88 6.89
N TYR A 66 -4.75 -2.97 6.17
CA TYR A 66 -6.06 -3.32 5.63
C TYR A 66 -6.38 -4.81 5.94
N LEU A 67 -7.58 -5.28 5.61
CA LEU A 67 -8.05 -6.64 5.95
C LEU A 67 -8.88 -7.25 4.78
N PRO A 68 -8.26 -8.08 3.91
CA PRO A 68 -9.01 -8.88 2.94
C PRO A 68 -9.80 -10.00 3.63
N VAL A 69 -11.10 -10.01 3.43
CA VAL A 69 -12.05 -10.95 4.07
C VAL A 69 -12.60 -12.04 3.12
N LEU A 70 -12.17 -12.03 1.86
CA LEU A 70 -12.50 -13.03 0.82
C LEU A 70 -11.32 -13.16 -0.18
N PRO A 71 -10.88 -14.36 -0.59
CA PRO A 71 -9.73 -14.56 -1.48
C PRO A 71 -9.87 -13.83 -2.85
N GLY A 72 -8.79 -13.20 -3.35
CA GLY A 72 -8.88 -12.42 -4.60
C GLY A 72 -7.64 -11.65 -5.05
N ASP A 73 -7.78 -10.92 -6.15
CA ASP A 73 -6.75 -10.07 -6.77
C ASP A 73 -6.99 -8.62 -6.38
N TYR A 74 -6.53 -8.22 -5.18
CA TYR A 74 -6.84 -6.91 -4.56
C TYR A 74 -5.96 -5.81 -5.15
N SER A 75 -6.53 -5.01 -6.05
CA SER A 75 -5.83 -3.94 -6.75
C SER A 75 -5.67 -2.68 -5.91
N ILE A 76 -4.45 -2.33 -5.47
CA ILE A 76 -4.12 -1.07 -4.81
C ILE A 76 -4.04 0.04 -5.87
N LEU A 77 -4.73 1.16 -5.65
CA LEU A 77 -4.61 2.42 -6.37
C LEU A 77 -3.89 3.43 -5.44
N VAL A 78 -2.59 3.68 -5.62
CA VAL A 78 -1.86 4.75 -4.89
C VAL A 78 -1.99 6.07 -5.63
N LYS A 79 -2.39 7.15 -4.92
CA LYS A 79 -2.35 8.53 -5.42
C LYS A 79 -1.46 9.42 -4.56
N TYR A 80 -0.80 10.34 -5.22
CA TYR A 80 -0.06 11.44 -4.63
C TYR A 80 -0.53 12.75 -5.27
N ASN A 81 -1.11 13.66 -4.46
CA ASN A 81 -1.77 14.91 -4.88
C ASN A 81 -2.72 14.74 -6.10
N GLU A 82 -3.86 14.09 -5.83
CA GLU A 82 -5.04 13.89 -6.70
C GLU A 82 -4.84 12.99 -7.93
N GLN A 83 -3.61 12.58 -8.26
CA GLN A 83 -3.28 11.72 -9.40
C GLN A 83 -2.43 10.49 -8.99
N HIS A 84 -2.40 9.43 -9.81
CA HIS A 84 -1.74 8.18 -9.43
C HIS A 84 -0.21 8.26 -9.43
N VAL A 85 0.40 7.40 -8.65
CA VAL A 85 1.86 7.27 -8.49
C VAL A 85 2.54 6.60 -9.70
N PRO A 86 3.87 6.73 -9.82
CA PRO A 86 4.64 6.33 -11.01
C PRO A 86 4.64 4.83 -11.36
N GLY A 87 4.32 4.02 -10.34
CA GLY A 87 4.27 2.55 -10.37
C GLY A 87 2.87 1.96 -10.18
N SER A 88 1.84 2.79 -9.97
CA SER A 88 0.45 2.36 -9.82
C SER A 88 -0.15 1.82 -11.13
N PRO A 89 -1.19 0.94 -11.10
CA PRO A 89 -1.70 0.24 -9.92
C PRO A 89 -0.74 -0.88 -9.44
N PHE A 90 -1.05 -1.47 -8.28
CA PHE A 90 -0.46 -2.73 -7.77
C PHE A 90 -1.58 -3.77 -7.56
N THR A 91 -1.24 -5.05 -7.38
CA THR A 91 -2.23 -6.15 -7.27
C THR A 91 -1.79 -7.19 -6.24
N ALA A 92 -2.33 -7.08 -5.03
CA ALA A 92 -2.12 -8.02 -3.95
C ALA A 92 -2.91 -9.33 -4.17
N ARG A 93 -2.26 -10.42 -4.58
CA ARG A 93 -2.93 -11.73 -4.71
C ARG A 93 -3.07 -12.42 -3.36
N VAL A 94 -4.19 -12.17 -2.70
CA VAL A 94 -4.66 -12.76 -1.44
C VAL A 94 -5.02 -14.25 -1.60
N THR A 95 -4.29 -15.13 -0.91
CA THR A 95 -4.61 -16.57 -0.80
C THR A 95 -5.43 -16.86 0.46
N GLY A 96 -6.27 -17.90 0.42
CA GLY A 96 -7.18 -18.28 1.52
C GLY A 96 -6.74 -19.51 2.31
N ASP A 97 -7.41 -19.72 3.46
CA ASP A 97 -7.10 -20.72 4.48
C ASP A 97 -8.32 -21.58 4.89
N ASP A 98 -9.53 -21.14 4.50
CA ASP A 98 -10.84 -21.76 4.82
C ASP A 98 -11.82 -21.74 3.65
N GLY A 1 24.39 18.42 -6.35
CA GLY A 1 23.49 17.24 -6.46
C GLY A 1 23.82 16.20 -5.41
N ALA A 2 22.83 15.34 -5.10
CA ALA A 2 22.95 14.29 -4.06
C ALA A 2 22.52 12.87 -4.50
N MET A 3 21.54 12.73 -5.41
CA MET A 3 20.98 11.43 -5.86
C MET A 3 20.49 11.47 -7.32
N VAL A 4 21.14 10.75 -8.23
CA VAL A 4 20.87 10.80 -9.69
C VAL A 4 19.54 10.17 -10.13
N VAL A 5 19.02 9.20 -9.36
CA VAL A 5 17.80 8.43 -9.71
C VAL A 5 16.55 9.31 -9.63
N ASN A 6 16.45 10.16 -8.60
CA ASN A 6 15.47 11.22 -8.34
C ASN A 6 13.99 10.77 -8.13
N CYS A 7 13.53 9.64 -8.68
CA CYS A 7 12.12 9.17 -8.69
C CYS A 7 11.80 8.03 -7.68
N GLY A 8 12.81 7.47 -7.01
CA GLY A 8 12.68 6.37 -6.03
C GLY A 8 12.45 6.83 -4.59
N HIS A 9 12.28 8.13 -4.35
CA HIS A 9 12.26 8.76 -3.03
C HIS A 9 11.10 8.26 -2.12
N VAL A 10 9.86 8.22 -2.62
CA VAL A 10 8.68 7.64 -1.95
C VAL A 10 7.95 6.72 -2.92
N THR A 11 7.72 5.47 -2.51
CA THR A 11 7.18 4.36 -3.34
C THR A 11 6.20 3.54 -2.51
N ALA A 12 5.69 2.42 -3.05
CA ALA A 12 4.93 1.40 -2.32
C ALA A 12 5.44 -0.02 -2.66
N TYR A 13 5.77 -0.82 -1.63
CA TYR A 13 6.26 -2.20 -1.77
C TYR A 13 5.80 -3.08 -0.60
N GLY A 14 5.84 -4.40 -0.81
CA GLY A 14 5.51 -5.43 0.19
C GLY A 14 4.53 -6.49 -0.34
N PRO A 15 4.34 -7.60 0.42
CA PRO A 15 3.61 -8.77 -0.03
C PRO A 15 2.08 -8.58 -0.08
N GLY A 16 1.54 -7.59 0.64
CA GLY A 16 0.12 -7.21 0.57
C GLY A 16 -0.29 -6.48 -0.70
N LEU A 17 0.68 -6.00 -1.52
CA LEU A 17 0.36 -5.45 -2.85
C LEU A 17 0.29 -6.52 -3.95
N THR A 18 0.67 -7.78 -3.68
CA THR A 18 0.80 -8.89 -4.68
C THR A 18 -0.12 -10.07 -4.40
N HIS A 19 -0.46 -10.35 -3.13
CA HIS A 19 -1.43 -11.38 -2.76
C HIS A 19 -2.26 -10.97 -1.51
N GLY A 20 -3.15 -11.88 -1.09
CA GLY A 20 -4.01 -11.73 0.09
C GLY A 20 -4.39 -13.06 0.73
N VAL A 21 -4.87 -13.00 1.97
CA VAL A 21 -5.33 -14.17 2.77
C VAL A 21 -6.68 -13.89 3.41
N VAL A 22 -7.73 -14.57 2.93
CA VAL A 22 -9.12 -14.40 3.39
C VAL A 22 -9.24 -14.72 4.89
N ASN A 23 -9.76 -13.74 5.66
CA ASN A 23 -9.86 -13.70 7.11
C ASN A 23 -8.53 -13.60 7.89
N LYS A 24 -7.42 -13.22 7.25
CA LYS A 24 -6.14 -12.93 7.93
C LYS A 24 -5.45 -11.67 7.37
N PRO A 25 -4.75 -10.86 8.20
CA PRO A 25 -4.15 -9.59 7.79
C PRO A 25 -3.19 -9.71 6.61
N ALA A 26 -3.25 -8.72 5.73
CA ALA A 26 -2.30 -8.44 4.64
C ALA A 26 -1.74 -7.01 4.80
N THR A 27 -0.50 -6.73 4.38
CA THR A 27 0.17 -5.45 4.74
C THR A 27 1.36 -5.07 3.86
N PHE A 28 1.69 -3.78 3.80
CA PHE A 28 2.76 -3.23 2.97
C PHE A 28 3.36 -1.93 3.53
N THR A 29 4.40 -1.42 2.84
CA THR A 29 5.24 -0.29 3.27
C THR A 29 5.30 0.77 2.18
N VAL A 30 5.28 2.04 2.59
CA VAL A 30 5.23 3.27 1.76
C VAL A 30 6.20 4.29 2.35
N ASN A 31 7.44 3.86 2.31
CA ASN A 31 8.64 4.51 2.85
C ASN A 31 8.91 5.88 2.19
N THR A 32 8.55 6.94 2.89
CA THR A 32 8.72 8.34 2.49
C THR A 32 10.18 8.81 2.38
N LYS A 33 11.11 8.20 3.14
CA LYS A 33 12.51 8.61 3.33
C LYS A 33 12.66 10.04 3.91
N ASP A 34 12.31 11.07 3.13
CA ASP A 34 12.20 12.48 3.53
C ASP A 34 10.99 13.20 2.87
N ALA A 35 10.10 12.49 2.18
CA ALA A 35 8.88 12.93 1.52
C ALA A 35 7.77 13.41 2.49
N GLY A 36 7.97 14.57 3.11
CA GLY A 36 7.01 15.24 4.02
C GLY A 36 6.26 16.45 3.43
N GLU A 37 6.69 16.95 2.27
CA GLU A 37 6.19 18.22 1.69
C GLU A 37 4.89 18.12 0.89
N GLY A 38 4.53 16.92 0.44
CA GLY A 38 3.35 16.59 -0.36
C GLY A 38 2.22 15.97 0.47
N GLY A 39 2.25 14.64 0.65
CA GLY A 39 1.23 13.90 1.39
C GLY A 39 0.95 12.55 0.74
N LEU A 40 1.37 11.46 1.39
CA LEU A 40 1.03 10.09 1.05
C LEU A 40 -0.44 9.81 1.44
N SER A 41 -1.27 9.45 0.46
CA SER A 41 -2.69 9.07 0.57
C SER A 41 -2.96 7.77 -0.16
N LEU A 42 -3.86 6.91 0.33
CA LEU A 42 -4.23 5.67 -0.33
C LEU A 42 -5.65 5.18 -0.04
N ALA A 43 -6.07 4.16 -0.79
CA ALA A 43 -7.27 3.36 -0.55
C ALA A 43 -7.15 1.94 -1.16
N ILE A 44 -8.09 1.03 -0.86
CA ILE A 44 -8.21 -0.31 -1.47
C ILE A 44 -9.59 -0.42 -2.13
N GLU A 45 -9.62 -1.04 -3.30
CA GLU A 45 -10.80 -1.46 -4.05
C GLU A 45 -10.83 -3.00 -4.23
N GLY A 46 -11.96 -3.55 -4.66
CA GLY A 46 -12.17 -4.99 -4.84
C GLY A 46 -13.66 -5.35 -5.03
N PRO A 47 -14.02 -6.64 -5.01
CA PRO A 47 -15.43 -7.08 -4.93
C PRO A 47 -16.09 -6.80 -3.56
N SER A 48 -15.24 -6.53 -2.57
CA SER A 48 -15.54 -6.45 -1.14
C SER A 48 -14.65 -5.38 -0.46
N LYS A 49 -14.87 -5.10 0.84
CA LYS A 49 -14.26 -3.98 1.57
C LYS A 49 -13.56 -4.46 2.86
N ALA A 50 -12.23 -4.45 2.83
CA ALA A 50 -11.33 -4.88 3.91
C ALA A 50 -11.33 -3.93 5.14
N GLU A 51 -10.87 -4.43 6.29
CA GLU A 51 -10.63 -3.62 7.49
C GLU A 51 -9.22 -3.00 7.45
N ILE A 52 -9.11 -1.74 7.00
CA ILE A 52 -7.85 -1.00 6.79
C ILE A 52 -7.40 -0.29 8.10
N SER A 53 -6.08 -0.31 8.39
CA SER A 53 -5.43 0.42 9.48
C SER A 53 -3.96 0.78 9.13
N CYS A 54 -3.26 1.57 9.95
CA CYS A 54 -1.89 2.07 9.71
C CYS A 54 -1.01 2.02 10.97
N THR A 55 0.32 2.07 10.78
CA THR A 55 1.33 1.84 11.82
C THR A 55 1.94 3.16 12.30
N ASP A 56 1.71 3.50 13.57
CA ASP A 56 2.37 4.62 14.26
C ASP A 56 3.87 4.38 14.44
N ASN A 57 4.71 5.20 13.80
CA ASN A 57 6.18 5.17 13.94
C ASN A 57 6.78 6.59 13.80
N GLN A 58 7.82 6.89 14.58
CA GLN A 58 8.56 8.15 14.54
C GLN A 58 9.39 8.34 13.25
N ASP A 59 9.56 7.29 12.43
CA ASP A 59 10.29 7.31 11.14
C ASP A 59 9.52 8.03 10.01
N GLY A 60 8.22 8.27 10.21
CA GLY A 60 7.36 9.10 9.34
C GLY A 60 6.80 8.39 8.10
N THR A 61 6.91 7.06 8.02
CA THR A 61 6.29 6.21 7.00
C THR A 61 4.75 6.24 7.07
N CYS A 62 4.07 5.70 6.04
CA CYS A 62 2.62 5.53 6.03
C CYS A 62 2.23 4.05 5.99
N SER A 63 2.98 3.18 6.68
CA SER A 63 2.85 1.72 6.62
C SER A 63 1.43 1.27 6.96
N VAL A 64 0.79 0.52 6.04
CA VAL A 64 -0.64 0.20 6.08
C VAL A 64 -0.90 -1.31 6.02
N SER A 65 -1.80 -1.75 6.88
CA SER A 65 -2.38 -3.10 6.87
C SER A 65 -3.86 -3.07 6.46
N TYR A 66 -4.33 -4.20 5.93
CA TYR A 66 -5.73 -4.44 5.58
C TYR A 66 -6.10 -5.91 5.83
N LEU A 67 -7.38 -6.26 5.82
CA LEU A 67 -7.84 -7.58 6.22
C LEU A 67 -9.06 -7.98 5.36
N PRO A 68 -8.85 -8.71 4.24
CA PRO A 68 -9.93 -9.12 3.34
C PRO A 68 -10.82 -10.17 4.00
N VAL A 69 -12.11 -9.88 4.13
CA VAL A 69 -13.12 -10.81 4.66
C VAL A 69 -13.58 -11.87 3.65
N LEU A 70 -13.35 -11.65 2.34
CA LEU A 70 -13.70 -12.57 1.25
C LEU A 70 -12.61 -12.60 0.16
N PRO A 71 -12.51 -13.68 -0.66
CA PRO A 71 -11.60 -13.76 -1.79
C PRO A 71 -11.89 -12.70 -2.88
N GLY A 72 -10.90 -12.42 -3.73
CA GLY A 72 -11.04 -11.54 -4.90
C GLY A 72 -9.73 -11.00 -5.47
N ASP A 73 -9.85 -10.21 -6.54
CA ASP A 73 -8.79 -9.45 -7.20
C ASP A 73 -8.82 -7.99 -6.73
N TYR A 74 -8.29 -7.74 -5.53
CA TYR A 74 -8.32 -6.41 -4.90
C TYR A 74 -7.30 -5.49 -5.59
N SER A 75 -7.45 -4.17 -5.48
CA SER A 75 -6.52 -3.16 -6.03
C SER A 75 -6.12 -2.14 -4.97
N ILE A 76 -4.84 -1.72 -4.99
CA ILE A 76 -4.24 -0.79 -4.03
C ILE A 76 -3.91 0.52 -4.72
N LEU A 77 -4.71 1.53 -4.47
CA LEU A 77 -4.63 2.87 -5.08
C LEU A 77 -3.77 3.75 -4.17
N VAL A 78 -2.48 3.93 -4.49
CA VAL A 78 -1.56 4.79 -3.70
C VAL A 78 -1.21 6.07 -4.48
N LYS A 79 -1.30 7.21 -3.79
CA LYS A 79 -1.03 8.58 -4.26
C LYS A 79 0.00 9.28 -3.38
N TYR A 80 0.67 10.26 -4.00
CA TYR A 80 1.52 11.24 -3.35
C TYR A 80 1.41 12.59 -4.08
N ASN A 81 0.98 13.64 -3.36
CA ASN A 81 0.69 14.98 -3.90
C ASN A 81 -0.28 14.93 -5.11
N GLU A 82 -1.57 14.64 -4.83
CA GLU A 82 -2.76 14.65 -5.72
C GLU A 82 -2.84 13.55 -6.79
N GLN A 83 -1.73 12.88 -7.10
CA GLN A 83 -1.61 11.91 -8.22
C GLN A 83 -0.93 10.61 -7.77
N HIS A 84 -1.09 9.52 -8.52
CA HIS A 84 -0.60 8.20 -8.14
C HIS A 84 0.91 8.08 -8.06
N VAL A 85 1.40 7.25 -7.13
CA VAL A 85 2.80 6.95 -6.79
C VAL A 85 3.54 6.20 -7.90
N PRO A 86 4.89 6.12 -7.82
CA PRO A 86 5.73 5.41 -8.77
C PRO A 86 5.35 3.91 -8.86
N GLY A 87 4.74 3.54 -9.99
CA GLY A 87 4.27 2.19 -10.32
C GLY A 87 2.80 1.87 -9.96
N SER A 88 2.07 2.77 -9.27
CA SER A 88 0.65 2.60 -8.95
C SER A 88 -0.25 2.62 -10.20
N PRO A 89 -1.51 2.11 -10.10
CA PRO A 89 -2.00 1.31 -8.97
C PRO A 89 -1.43 -0.12 -8.94
N PHE A 90 -1.68 -0.82 -7.85
CA PHE A 90 -1.29 -2.23 -7.67
C PHE A 90 -2.52 -3.16 -7.64
N THR A 91 -2.34 -4.47 -7.80
CA THR A 91 -3.42 -5.48 -7.82
C THR A 91 -2.95 -6.75 -7.08
N ALA A 92 -3.74 -7.20 -6.11
CA ALA A 92 -3.40 -8.28 -5.16
C ALA A 92 -4.48 -9.39 -5.17
N ARG A 93 -4.11 -10.60 -5.63
CA ARG A 93 -5.02 -11.76 -5.62
C ARG A 93 -5.10 -12.43 -4.24
N VAL A 94 -6.11 -12.02 -3.46
CA VAL A 94 -6.57 -12.68 -2.24
C VAL A 94 -7.00 -14.13 -2.52
N THR A 95 -6.20 -15.09 -2.04
CA THR A 95 -6.28 -16.52 -2.38
C THR A 95 -7.62 -17.17 -2.08
N GLY A 96 -7.93 -17.31 -0.79
CA GLY A 96 -9.13 -17.91 -0.21
C GLY A 96 -9.03 -19.41 0.07
N ASP A 97 -9.74 -19.84 1.11
CA ASP A 97 -9.80 -21.24 1.55
C ASP A 97 -10.82 -22.08 0.72
N ASP A 98 -11.78 -21.44 0.04
CA ASP A 98 -12.85 -22.09 -0.74
C ASP A 98 -13.02 -21.49 -2.16
N GLY A 1 22.14 -2.18 1.07
CA GLY A 1 21.70 -2.07 -0.33
C GLY A 1 22.68 -1.24 -1.16
N ALA A 2 22.29 -0.02 -1.51
CA ALA A 2 23.12 0.96 -2.20
C ALA A 2 24.30 1.50 -1.33
N MET A 3 25.07 2.45 -1.89
CA MET A 3 26.18 3.12 -1.20
C MET A 3 25.74 3.97 0.02
N VAL A 4 24.45 4.35 0.07
CA VAL A 4 23.75 5.07 1.16
C VAL A 4 22.36 4.45 1.44
N VAL A 5 21.63 4.98 2.43
CA VAL A 5 20.24 4.60 2.78
C VAL A 5 19.23 4.87 1.64
N ASN A 6 17.99 4.35 1.75
CA ASN A 6 16.91 4.55 0.78
C ASN A 6 16.49 6.02 0.61
N CYS A 7 16.75 6.61 -0.57
CA CYS A 7 16.51 8.01 -0.91
C CYS A 7 15.48 8.22 -2.05
N GLY A 8 14.77 7.16 -2.48
CA GLY A 8 13.83 7.16 -3.61
C GLY A 8 12.57 8.01 -3.45
N HIS A 9 11.86 8.24 -4.56
CA HIS A 9 10.61 9.00 -4.64
C HIS A 9 9.39 8.24 -4.08
N VAL A 10 8.27 8.92 -3.89
CA VAL A 10 7.00 8.34 -3.41
C VAL A 10 6.36 7.38 -4.41
N THR A 11 6.38 6.10 -4.06
CA THR A 11 5.71 4.95 -4.71
C THR A 11 5.63 3.79 -3.70
N ALA A 12 4.51 3.07 -3.64
CA ALA A 12 4.32 1.97 -2.69
C ALA A 12 5.11 0.70 -3.08
N TYR A 13 5.58 -0.05 -2.08
CA TYR A 13 6.21 -1.36 -2.22
C TYR A 13 6.04 -2.23 -0.95
N GLY A 14 5.94 -3.54 -1.13
CA GLY A 14 5.71 -4.52 -0.06
C GLY A 14 5.07 -5.83 -0.53
N PRO A 15 4.97 -6.84 0.35
CA PRO A 15 4.55 -8.19 -0.04
C PRO A 15 3.09 -8.28 -0.44
N GLY A 16 2.19 -7.50 0.24
CA GLY A 16 0.73 -7.57 0.03
C GLY A 16 0.23 -7.06 -1.33
N LEU A 17 1.02 -6.21 -2.01
CA LEU A 17 0.61 -5.56 -3.26
C LEU A 17 0.54 -6.50 -4.46
N THR A 18 1.13 -7.68 -4.38
CA THR A 18 1.10 -8.73 -5.45
C THR A 18 0.32 -9.97 -5.00
N HIS A 19 0.54 -10.46 -3.79
CA HIS A 19 -0.13 -11.66 -3.24
C HIS A 19 -0.63 -11.40 -1.79
N GLY A 20 -1.94 -11.40 -1.61
CA GLY A 20 -2.63 -11.32 -0.32
C GLY A 20 -2.73 -12.69 0.40
N VAL A 21 -3.38 -12.70 1.57
CA VAL A 21 -3.63 -13.90 2.38
C VAL A 21 -4.99 -13.69 3.06
N VAL A 22 -6.05 -14.32 2.56
CA VAL A 22 -7.39 -13.97 3.04
C VAL A 22 -7.57 -14.32 4.53
N ASN A 23 -8.27 -13.45 5.23
CA ASN A 23 -8.48 -13.49 6.69
C ASN A 23 -7.20 -13.35 7.55
N LYS A 24 -6.03 -13.00 6.99
CA LYS A 24 -4.80 -12.63 7.76
C LYS A 24 -4.22 -11.28 7.29
N PRO A 25 -3.71 -10.43 8.19
CA PRO A 25 -3.23 -9.08 7.86
C PRO A 25 -2.23 -9.04 6.70
N ALA A 26 -2.58 -8.30 5.67
CA ALA A 26 -1.70 -7.92 4.55
C ALA A 26 -1.03 -6.55 4.80
N THR A 27 0.12 -6.29 4.18
CA THR A 27 0.98 -5.13 4.51
C THR A 27 1.80 -4.59 3.32
N PHE A 28 2.09 -3.28 3.35
CA PHE A 28 3.05 -2.58 2.48
C PHE A 28 3.65 -1.35 3.17
N THR A 29 4.61 -0.70 2.51
CA THR A 29 5.26 0.55 2.92
C THR A 29 5.20 1.60 1.81
N VAL A 30 5.07 2.89 2.19
CA VAL A 30 5.05 3.99 1.22
C VAL A 30 5.90 5.18 1.67
N ASN A 31 7.14 5.17 1.21
CA ASN A 31 8.22 6.11 1.48
C ASN A 31 7.92 7.48 0.84
N THR A 32 7.47 8.46 1.62
CA THR A 32 7.14 9.85 1.18
C THR A 32 8.33 10.77 0.92
N LYS A 33 9.59 10.29 0.93
CA LYS A 33 10.78 11.12 0.68
C LYS A 33 10.76 11.77 -0.72
N ASP A 34 11.38 12.93 -0.83
CA ASP A 34 11.55 13.80 -2.02
C ASP A 34 10.24 14.33 -2.67
N ALA A 35 9.06 13.84 -2.23
CA ALA A 35 7.71 14.23 -2.70
C ALA A 35 7.29 15.69 -2.39
N GLY A 36 7.89 16.29 -1.35
CA GLY A 36 7.52 17.59 -0.78
C GLY A 36 6.45 17.44 0.31
N GLU A 37 5.28 18.03 0.13
CA GLU A 37 4.12 17.96 1.04
C GLU A 37 2.81 18.04 0.25
N GLY A 38 2.03 16.95 0.21
CA GLY A 38 0.77 16.86 -0.57
C GLY A 38 -0.41 16.12 0.09
N GLY A 39 -0.20 15.37 1.18
CA GLY A 39 -1.23 14.58 1.87
C GLY A 39 -1.51 13.27 1.15
N LEU A 40 -0.82 12.19 1.53
CA LEU A 40 -0.99 10.84 0.99
C LEU A 40 -2.29 10.20 1.54
N SER A 41 -3.07 9.58 0.66
CA SER A 41 -4.34 8.90 0.93
C SER A 41 -4.43 7.54 0.23
N LEU A 42 -5.23 6.60 0.78
CA LEU A 42 -5.49 5.31 0.16
C LEU A 42 -6.98 4.99 -0.03
N ALA A 43 -7.23 4.04 -0.93
CA ALA A 43 -8.50 3.31 -1.08
C ALA A 43 -8.20 1.89 -1.65
N ILE A 44 -9.14 0.95 -1.53
CA ILE A 44 -9.05 -0.41 -2.11
C ILE A 44 -10.35 -0.73 -2.87
N GLU A 45 -10.22 -1.40 -4.02
CA GLU A 45 -11.30 -1.98 -4.82
C GLU A 45 -11.07 -3.50 -5.01
N GLY A 46 -12.07 -4.24 -5.52
CA GLY A 46 -12.05 -5.71 -5.63
C GLY A 46 -13.46 -6.32 -5.64
N PRO A 47 -13.63 -7.63 -5.38
CA PRO A 47 -14.96 -8.23 -5.17
C PRO A 47 -15.60 -7.79 -3.84
N SER A 48 -14.74 -7.35 -2.92
CA SER A 48 -14.94 -7.08 -1.50
C SER A 48 -13.88 -6.05 -1.06
N LYS A 49 -13.82 -5.71 0.23
CA LYS A 49 -12.96 -4.65 0.80
C LYS A 49 -12.24 -5.10 2.08
N ALA A 50 -11.34 -4.25 2.58
CA ALA A 50 -10.42 -4.49 3.71
C ALA A 50 -10.39 -3.33 4.71
N GLU A 51 -10.07 -3.62 5.97
CA GLU A 51 -9.92 -2.60 7.03
C GLU A 51 -8.60 -1.82 6.88
N ILE A 52 -8.60 -0.73 6.12
CA ILE A 52 -7.42 0.14 5.93
C ILE A 52 -7.00 0.80 7.24
N SER A 53 -5.82 0.46 7.80
CA SER A 53 -5.21 1.08 8.98
C SER A 53 -3.74 1.46 8.73
N CYS A 54 -3.49 2.69 8.30
CA CYS A 54 -2.16 3.32 8.24
C CYS A 54 -1.57 3.48 9.66
N THR A 55 -0.23 3.63 9.79
CA THR A 55 0.40 4.06 11.04
C THR A 55 1.43 5.17 10.75
N ASP A 56 1.01 6.44 10.85
CA ASP A 56 1.80 7.64 10.59
C ASP A 56 3.12 7.67 11.42
N ASN A 57 4.24 7.85 10.72
CA ASN A 57 5.58 7.95 11.29
C ASN A 57 6.34 9.10 10.59
N GLN A 58 6.96 9.98 11.38
CA GLN A 58 7.81 11.08 10.89
C GLN A 58 9.06 10.62 10.10
N ASP A 59 9.36 9.32 10.07
CA ASP A 59 10.37 8.71 9.20
C ASP A 59 9.93 8.69 7.72
N GLY A 60 8.67 9.00 7.45
CA GLY A 60 8.08 9.13 6.12
C GLY A 60 7.50 7.82 5.56
N THR A 61 6.86 6.98 6.39
CA THR A 61 6.35 5.65 6.03
C THR A 61 4.86 5.45 6.37
N CYS A 62 4.13 4.71 5.53
CA CYS A 62 2.66 4.53 5.69
C CYS A 62 2.23 3.52 6.76
N SER A 63 3.10 2.55 7.09
CA SER A 63 2.89 1.29 7.81
C SER A 63 1.43 0.82 7.77
N VAL A 64 0.93 0.62 6.54
CA VAL A 64 -0.47 0.25 6.23
C VAL A 64 -0.68 -1.25 6.48
N SER A 65 -1.34 -1.57 7.60
CA SER A 65 -1.85 -2.92 7.90
C SER A 65 -3.32 -3.00 7.50
N TYR A 66 -3.63 -3.78 6.47
CA TYR A 66 -5.01 -4.01 5.97
C TYR A 66 -5.36 -5.50 6.05
N LEU A 67 -6.65 -5.83 5.97
CA LEU A 67 -7.12 -7.20 6.20
C LEU A 67 -8.30 -7.59 5.26
N PRO A 68 -8.03 -8.23 4.10
CA PRO A 68 -9.05 -8.71 3.18
C PRO A 68 -9.78 -9.93 3.73
N VAL A 69 -11.04 -10.13 3.32
CA VAL A 69 -11.98 -11.12 3.92
C VAL A 69 -12.56 -12.17 2.96
N LEU A 70 -12.45 -11.97 1.64
CA LEU A 70 -12.95 -12.90 0.61
C LEU A 70 -11.98 -13.02 -0.59
N PRO A 71 -11.47 -14.21 -0.95
CA PRO A 71 -10.48 -14.42 -2.03
C PRO A 71 -10.80 -13.68 -3.34
N GLY A 72 -9.84 -12.92 -3.85
CA GLY A 72 -10.08 -12.00 -4.97
C GLY A 72 -8.87 -11.18 -5.42
N ASP A 73 -9.09 -10.38 -6.44
CA ASP A 73 -8.15 -9.39 -6.96
C ASP A 73 -8.43 -8.00 -6.34
N TYR A 74 -7.58 -7.57 -5.40
CA TYR A 74 -7.74 -6.33 -4.63
C TYR A 74 -6.83 -5.24 -5.21
N SER A 75 -7.38 -4.27 -5.92
CA SER A 75 -6.61 -3.12 -6.43
C SER A 75 -6.38 -2.09 -5.33
N ILE A 76 -5.12 -1.82 -4.97
CA ILE A 76 -4.79 -0.70 -4.06
C ILE A 76 -4.77 0.58 -4.92
N LEU A 77 -5.57 1.59 -4.54
CA LEU A 77 -5.56 2.94 -5.09
C LEU A 77 -4.72 3.84 -4.15
N VAL A 78 -3.42 3.97 -4.42
CA VAL A 78 -2.54 4.89 -3.68
C VAL A 78 -2.61 6.27 -4.34
N LYS A 79 -2.81 7.31 -3.54
CA LYS A 79 -2.96 8.70 -3.99
C LYS A 79 -2.02 9.65 -3.24
N TYR A 80 -1.43 10.60 -3.94
CA TYR A 80 -0.64 11.72 -3.36
C TYR A 80 -1.18 13.04 -3.90
N ASN A 81 -1.72 13.89 -3.00
CA ASN A 81 -2.48 15.12 -3.32
C ASN A 81 -3.63 14.87 -4.31
N GLU A 82 -4.52 13.96 -3.91
CA GLU A 82 -5.75 13.52 -4.61
C GLU A 82 -5.59 12.84 -5.98
N GLN A 83 -4.36 12.82 -6.56
CA GLN A 83 -4.03 12.14 -7.82
C GLN A 83 -3.32 10.81 -7.53
N HIS A 84 -3.55 9.78 -8.34
CA HIS A 84 -2.95 8.46 -8.10
C HIS A 84 -1.43 8.46 -8.32
N VAL A 85 -0.74 7.61 -7.57
CA VAL A 85 0.72 7.45 -7.53
C VAL A 85 1.30 6.85 -8.83
N PRO A 86 2.64 6.91 -9.02
CA PRO A 86 3.37 6.53 -10.24
C PRO A 86 3.32 5.06 -10.66
N GLY A 87 2.77 4.20 -9.81
CA GLY A 87 2.57 2.75 -9.98
C GLY A 87 1.14 2.25 -9.77
N SER A 88 0.20 3.11 -9.35
CA SER A 88 -1.21 2.74 -9.10
C SER A 88 -2.00 2.45 -10.39
N PRO A 89 -3.01 1.53 -10.37
CA PRO A 89 -3.41 0.70 -9.21
C PRO A 89 -2.42 -0.44 -8.98
N PHE A 90 -2.43 -1.03 -7.79
CA PHE A 90 -1.63 -2.22 -7.45
C PHE A 90 -2.57 -3.42 -7.27
N THR A 91 -2.74 -4.24 -8.32
CA THR A 91 -3.65 -5.39 -8.38
C THR A 91 -3.06 -6.60 -7.66
N ALA A 92 -3.30 -6.66 -6.35
CA ALA A 92 -2.93 -7.78 -5.52
C ALA A 92 -3.89 -8.96 -5.74
N ARG A 93 -3.42 -10.19 -5.52
CA ARG A 93 -4.25 -11.39 -5.57
C ARG A 93 -4.19 -12.17 -4.25
N VAL A 94 -5.17 -11.91 -3.42
CA VAL A 94 -5.51 -12.48 -2.11
C VAL A 94 -5.95 -13.94 -2.23
N THR A 95 -5.09 -14.87 -1.81
CA THR A 95 -5.34 -16.33 -1.88
C THR A 95 -6.24 -16.82 -0.74
N GLY A 96 -6.95 -17.91 -0.96
CA GLY A 96 -7.89 -18.56 -0.04
C GLY A 96 -7.23 -19.47 0.98
N ASP A 97 -6.16 -19.01 1.63
CA ASP A 97 -5.36 -19.82 2.58
C ASP A 97 -6.15 -20.26 3.83
N ASP A 98 -7.09 -19.43 4.30
CA ASP A 98 -7.94 -19.67 5.49
C ASP A 98 -9.42 -19.29 5.27
N GLY A 1 32.00 -4.17 1.24
CA GLY A 1 31.64 -3.16 0.22
C GLY A 1 30.17 -2.74 0.33
N ALA A 2 29.82 -1.61 -0.29
CA ALA A 2 28.45 -1.10 -0.37
C ALA A 2 27.51 -1.95 -1.26
N MET A 3 26.20 -1.67 -1.22
CA MET A 3 25.16 -2.31 -2.02
C MET A 3 24.02 -1.31 -2.34
N VAL A 4 23.26 -1.55 -3.40
CA VAL A 4 22.10 -0.73 -3.82
C VAL A 4 20.99 -0.69 -2.76
N VAL A 5 20.18 0.38 -2.75
CA VAL A 5 19.08 0.62 -1.78
C VAL A 5 17.70 0.53 -2.43
N ASN A 6 16.66 0.37 -1.60
CA ASN A 6 15.27 0.10 -2.06
C ASN A 6 14.33 1.33 -2.04
N CYS A 7 14.74 2.43 -1.38
CA CYS A 7 13.95 3.64 -1.15
C CYS A 7 13.41 4.28 -2.45
N GLY A 8 12.10 4.18 -2.65
CA GLY A 8 11.38 4.78 -3.79
C GLY A 8 10.59 6.04 -3.38
N HIS A 9 11.14 7.22 -3.66
CA HIS A 9 10.50 8.52 -3.38
C HIS A 9 9.09 8.63 -3.97
N VAL A 10 8.10 8.96 -3.14
CA VAL A 10 6.67 9.20 -3.43
C VAL A 10 6.00 8.11 -4.33
N THR A 11 6.41 6.86 -4.13
CA THR A 11 5.82 5.65 -4.76
C THR A 11 5.86 4.53 -3.73
N ALA A 12 4.76 3.81 -3.55
CA ALA A 12 4.67 2.77 -2.54
C ALA A 12 5.49 1.52 -2.91
N TYR A 13 5.87 0.75 -1.89
CA TYR A 13 6.58 -0.53 -1.96
C TYR A 13 6.20 -1.45 -0.79
N GLY A 14 6.28 -2.75 -1.01
CA GLY A 14 5.90 -3.81 -0.04
C GLY A 14 5.24 -5.01 -0.71
N PRO A 15 5.06 -6.13 0.02
CA PRO A 15 4.46 -7.35 -0.53
C PRO A 15 2.96 -7.22 -0.83
N GLY A 16 2.24 -6.37 -0.06
CA GLY A 16 0.79 -6.18 -0.15
C GLY A 16 0.26 -5.57 -1.45
N LEU A 17 1.15 -5.01 -2.28
CA LEU A 17 0.80 -4.43 -3.60
C LEU A 17 0.81 -5.46 -4.74
N THR A 18 1.40 -6.64 -4.55
CA THR A 18 1.58 -7.68 -5.58
C THR A 18 1.07 -9.05 -5.17
N HIS A 19 1.11 -9.39 -3.87
CA HIS A 19 0.55 -10.60 -3.26
C HIS A 19 -0.15 -10.29 -1.92
N GLY A 20 -0.67 -11.31 -1.25
CA GLY A 20 -1.35 -11.19 0.04
C GLY A 20 -1.56 -12.55 0.73
N VAL A 21 -2.10 -12.55 1.95
CA VAL A 21 -2.50 -13.76 2.69
C VAL A 21 -3.90 -13.57 3.30
N VAL A 22 -4.87 -14.38 2.88
CA VAL A 22 -6.26 -14.32 3.37
C VAL A 22 -6.30 -14.59 4.88
N ASN A 23 -7.08 -13.80 5.64
CA ASN A 23 -7.20 -13.86 7.10
C ASN A 23 -5.87 -13.75 7.91
N LYS A 24 -4.80 -13.19 7.31
CA LYS A 24 -3.56 -12.78 8.00
C LYS A 24 -3.13 -11.38 7.51
N PRO A 25 -2.56 -10.50 8.35
CA PRO A 25 -2.35 -9.09 8.02
C PRO A 25 -1.52 -8.84 6.74
N ALA A 26 -2.00 -7.89 5.93
CA ALA A 26 -1.31 -7.37 4.75
C ALA A 26 -0.88 -5.90 4.96
N THR A 27 0.27 -5.51 4.40
CA THR A 27 0.95 -4.21 4.65
C THR A 27 1.74 -3.67 3.44
N PHE A 28 2.03 -2.35 3.43
CA PHE A 28 2.96 -1.66 2.53
C PHE A 28 3.49 -0.35 3.17
N THR A 29 4.42 0.32 2.46
CA THR A 29 5.17 1.53 2.88
C THR A 29 5.18 2.55 1.74
N VAL A 30 5.13 3.88 2.01
CA VAL A 30 5.12 4.95 0.99
C VAL A 30 5.79 6.25 1.42
N ASN A 31 7.11 6.33 1.23
CA ASN A 31 7.97 7.41 1.76
C ASN A 31 8.00 8.67 0.89
N THR A 32 7.42 9.77 1.37
CA THR A 32 7.29 11.07 0.70
C THR A 32 8.50 11.98 1.02
N LYS A 33 9.47 12.02 0.11
CA LYS A 33 10.72 12.78 0.20
C LYS A 33 10.58 14.17 -0.42
N ASP A 34 10.78 14.25 -1.73
CA ASP A 34 10.88 15.53 -2.47
C ASP A 34 9.51 16.20 -2.70
N ALA A 35 8.43 15.42 -2.85
CA ALA A 35 7.12 15.92 -3.27
C ALA A 35 6.39 16.80 -2.23
N GLY A 36 6.64 16.62 -0.93
CA GLY A 36 5.95 17.31 0.16
C GLY A 36 6.03 16.56 1.48
N GLU A 37 5.36 17.11 2.49
CA GLU A 37 5.45 16.69 3.91
C GLU A 37 4.61 15.45 4.28
N GLY A 38 3.92 14.85 3.29
CA GLY A 38 3.10 13.64 3.43
C GLY A 38 1.60 13.96 3.43
N GLY A 39 1.07 14.37 2.25
CA GLY A 39 -0.35 14.70 2.01
C GLY A 39 -1.09 13.67 1.14
N LEU A 40 -0.46 12.53 0.84
CA LEU A 40 -1.01 11.45 0.00
C LEU A 40 -2.21 10.72 0.64
N SER A 41 -2.94 9.93 -0.14
CA SER A 41 -4.07 9.10 0.34
C SER A 41 -4.32 7.90 -0.54
N LEU A 42 -5.11 6.94 -0.04
CA LEU A 42 -5.24 5.62 -0.61
C LEU A 42 -6.51 4.89 -0.17
N ALA A 43 -6.80 3.78 -0.85
CA ALA A 43 -7.81 2.78 -0.47
C ALA A 43 -7.42 1.39 -0.99
N ILE A 44 -8.13 0.36 -0.50
CA ILE A 44 -8.06 -1.04 -0.95
C ILE A 44 -9.45 -1.50 -1.38
N GLU A 45 -9.53 -2.00 -2.62
CA GLU A 45 -10.71 -2.63 -3.24
C GLU A 45 -10.37 -4.05 -3.72
N GLY A 46 -11.36 -4.80 -4.24
CA GLY A 46 -11.19 -6.20 -4.67
C GLY A 46 -12.55 -6.88 -4.89
N PRO A 47 -12.65 -8.22 -4.79
CA PRO A 47 -13.93 -8.93 -4.77
C PRO A 47 -14.72 -8.71 -3.48
N SER A 48 -14.03 -8.18 -2.47
CA SER A 48 -14.41 -8.04 -1.08
C SER A 48 -13.67 -6.84 -0.46
N LYS A 49 -14.05 -6.45 0.77
CA LYS A 49 -13.37 -5.36 1.49
C LYS A 49 -12.24 -5.87 2.38
N ALA A 50 -11.39 -4.95 2.84
CA ALA A 50 -10.32 -5.18 3.82
C ALA A 50 -10.28 -3.99 4.80
N GLU A 51 -10.47 -4.20 6.10
CA GLU A 51 -10.47 -3.14 7.12
C GLU A 51 -9.08 -2.47 7.18
N ILE A 52 -9.02 -1.15 6.98
CA ILE A 52 -7.77 -0.39 6.87
C ILE A 52 -7.43 0.31 8.19
N SER A 53 -6.17 0.21 8.61
CA SER A 53 -5.55 0.94 9.72
C SER A 53 -4.28 1.69 9.29
N CYS A 54 -3.91 2.71 10.06
CA CYS A 54 -2.71 3.54 9.91
C CYS A 54 -2.12 3.90 11.29
N THR A 55 -1.01 4.64 11.31
CA THR A 55 -0.28 5.11 12.51
C THR A 55 0.14 6.59 12.34
N ASP A 56 0.37 7.31 13.44
CA ASP A 56 0.88 8.71 13.44
C ASP A 56 2.26 8.78 12.74
N ASN A 57 2.29 9.28 11.51
CA ASN A 57 3.39 9.22 10.55
C ASN A 57 4.56 10.19 10.84
N GLN A 58 5.13 10.13 12.04
CA GLN A 58 6.36 10.85 12.44
C GLN A 58 7.62 10.49 11.60
N ASP A 59 7.59 9.35 10.90
CA ASP A 59 8.66 8.83 10.03
C ASP A 59 8.49 9.22 8.54
N GLY A 60 7.45 10.00 8.18
CA GLY A 60 7.28 10.55 6.82
C GLY A 60 6.89 9.51 5.76
N THR A 61 6.11 8.50 6.13
CA THR A 61 5.63 7.42 5.24
C THR A 61 4.29 6.84 5.70
N CYS A 62 3.49 6.26 4.78
CA CYS A 62 2.19 5.68 5.17
C CYS A 62 2.34 4.25 5.73
N SER A 63 2.21 4.10 7.04
CA SER A 63 2.27 2.81 7.73
C SER A 63 0.94 2.01 7.61
N VAL A 64 0.54 1.72 6.37
CA VAL A 64 -0.76 1.10 6.02
C VAL A 64 -0.79 -0.39 6.36
N SER A 65 -1.72 -0.79 7.24
CA SER A 65 -1.96 -2.18 7.62
C SER A 65 -3.43 -2.54 7.45
N TYR A 66 -3.73 -3.67 6.81
CA TYR A 66 -5.09 -4.13 6.54
C TYR A 66 -5.18 -5.67 6.61
N LEU A 67 -6.39 -6.22 6.45
CA LEU A 67 -6.67 -7.65 6.60
C LEU A 67 -7.73 -8.09 5.55
N PRO A 68 -7.32 -8.73 4.43
CA PRO A 68 -8.24 -9.29 3.44
C PRO A 68 -8.97 -10.53 3.99
N VAL A 69 -10.30 -10.59 3.84
CA VAL A 69 -11.13 -11.66 4.46
C VAL A 69 -11.40 -12.86 3.50
N LEU A 70 -11.20 -12.68 2.20
CA LEU A 70 -11.24 -13.70 1.15
C LEU A 70 -10.15 -13.47 0.09
N PRO A 71 -9.79 -14.49 -0.71
CA PRO A 71 -8.83 -14.38 -1.80
C PRO A 71 -9.39 -13.58 -2.98
N GLY A 72 -8.49 -12.98 -3.77
CA GLY A 72 -8.85 -12.10 -4.89
C GLY A 72 -7.72 -11.27 -5.49
N ASP A 73 -8.10 -10.50 -6.51
CA ASP A 73 -7.33 -9.46 -7.20
C ASP A 73 -7.61 -8.11 -6.52
N TYR A 74 -6.84 -7.77 -5.48
CA TYR A 74 -7.09 -6.57 -4.68
C TYR A 74 -6.40 -5.33 -5.27
N SER A 75 -7.16 -4.34 -5.70
CA SER A 75 -6.64 -3.05 -6.17
C SER A 75 -6.25 -2.15 -5.01
N ILE A 76 -5.02 -1.61 -5.02
CA ILE A 76 -4.54 -0.53 -4.14
C ILE A 76 -4.61 0.79 -4.95
N LEU A 77 -5.38 1.77 -4.46
CA LEU A 77 -5.71 3.02 -5.16
C LEU A 77 -4.93 4.19 -4.52
N VAL A 78 -3.60 4.24 -4.63
CA VAL A 78 -2.82 5.37 -4.10
C VAL A 78 -2.97 6.62 -4.97
N LYS A 79 -3.22 7.77 -4.34
CA LYS A 79 -3.36 9.11 -4.91
C LYS A 79 -2.42 10.14 -4.27
N TYR A 80 -2.06 11.15 -5.04
CA TYR A 80 -1.35 12.35 -4.59
C TYR A 80 -2.10 13.60 -5.08
N ASN A 81 -2.95 14.16 -4.21
CA ASN A 81 -3.92 15.24 -4.50
C ASN A 81 -4.82 14.94 -5.70
N GLU A 82 -5.82 14.10 -5.45
CA GLU A 82 -6.95 13.70 -6.30
C GLU A 82 -6.64 12.79 -7.50
N GLN A 83 -5.37 12.66 -7.92
CA GLN A 83 -4.91 11.88 -9.07
C GLN A 83 -3.97 10.75 -8.63
N HIS A 84 -3.98 9.62 -9.33
CA HIS A 84 -3.21 8.44 -8.94
C HIS A 84 -1.69 8.66 -9.01
N VAL A 85 -0.95 7.91 -8.19
CA VAL A 85 0.51 7.90 -8.08
C VAL A 85 1.20 7.27 -9.32
N PRO A 86 2.52 7.45 -9.45
CA PRO A 86 3.32 6.93 -10.56
C PRO A 86 3.28 5.40 -10.65
N GLY A 87 2.39 4.89 -11.51
CA GLY A 87 2.14 3.45 -11.71
C GLY A 87 0.92 2.86 -10.98
N SER A 88 0.22 3.62 -10.12
CA SER A 88 -1.04 3.17 -9.51
C SER A 88 -2.17 3.12 -10.56
N PRO A 89 -3.23 2.30 -10.34
CA PRO A 89 -3.42 1.38 -9.21
C PRO A 89 -2.54 0.12 -9.25
N PHE A 90 -2.45 -0.60 -8.14
CA PHE A 90 -1.66 -1.83 -7.97
C PHE A 90 -2.56 -3.05 -7.70
N THR A 91 -2.57 -4.05 -8.58
CA THR A 91 -3.40 -5.26 -8.45
C THR A 91 -2.66 -6.40 -7.73
N ALA A 92 -2.90 -6.53 -6.42
CA ALA A 92 -2.30 -7.56 -5.58
C ALA A 92 -3.05 -8.91 -5.64
N ARG A 93 -2.36 -10.04 -5.39
CA ARG A 93 -2.92 -11.40 -5.45
C ARG A 93 -2.75 -12.19 -4.15
N VAL A 94 -3.71 -11.91 -3.28
CA VAL A 94 -3.99 -12.50 -1.96
C VAL A 94 -4.28 -14.02 -2.05
N THR A 95 -3.30 -14.84 -1.72
CA THR A 95 -3.38 -16.30 -1.65
C THR A 95 -4.31 -16.73 -0.49
N GLY A 96 -5.23 -17.66 -0.75
CA GLY A 96 -6.18 -18.17 0.25
C GLY A 96 -5.59 -18.98 1.41
N ASP A 97 -6.42 -19.24 2.42
CA ASP A 97 -6.11 -20.05 3.61
C ASP A 97 -7.27 -20.96 4.02
N ASP A 98 -8.53 -20.55 3.81
CA ASP A 98 -9.77 -21.27 4.13
C ASP A 98 -10.89 -21.08 3.10
N GLY A 1 31.84 6.43 -12.27
CA GLY A 1 31.15 6.66 -13.57
C GLY A 1 29.73 7.18 -13.36
N ALA A 2 28.82 6.81 -14.26
CA ALA A 2 27.40 7.19 -14.25
C ALA A 2 26.61 6.56 -13.08
N MET A 3 25.41 7.09 -12.83
CA MET A 3 24.45 6.65 -11.80
C MET A 3 23.00 6.70 -12.29
N VAL A 4 22.11 5.95 -11.63
CA VAL A 4 20.64 6.02 -11.82
C VAL A 4 20.05 7.26 -11.12
N VAL A 5 18.80 7.61 -11.45
CA VAL A 5 18.01 8.62 -10.74
C VAL A 5 17.44 8.01 -9.44
N ASN A 6 18.05 8.38 -8.31
CA ASN A 6 17.64 7.91 -6.98
C ASN A 6 16.21 8.36 -6.57
N CYS A 7 15.60 7.58 -5.68
CA CYS A 7 14.21 7.76 -5.21
C CYS A 7 14.05 8.98 -4.31
N GLY A 8 14.67 8.97 -3.11
CA GLY A 8 14.67 10.05 -2.11
C GLY A 8 13.36 10.27 -1.35
N HIS A 9 12.22 10.22 -2.03
CA HIS A 9 10.88 10.57 -1.57
C HIS A 9 10.15 9.37 -0.94
N VAL A 10 8.96 9.64 -0.36
CA VAL A 10 8.01 8.62 0.13
C VAL A 10 7.84 7.48 -0.85
N THR A 11 7.99 6.25 -0.37
CA THR A 11 7.94 5.02 -1.18
C THR A 11 6.88 4.09 -0.62
N ALA A 12 6.13 3.40 -1.48
CA ALA A 12 5.19 2.36 -1.09
C ALA A 12 5.53 1.03 -1.78
N TYR A 13 5.67 -0.03 -0.99
CA TYR A 13 6.16 -1.35 -1.35
C TYR A 13 5.62 -2.41 -0.37
N GLY A 14 5.89 -3.69 -0.63
CA GLY A 14 5.54 -4.82 0.26
C GLY A 14 4.58 -5.86 -0.36
N PRO A 15 4.41 -7.00 0.32
CA PRO A 15 3.65 -8.13 -0.20
C PRO A 15 2.15 -7.81 -0.35
N GLY A 16 1.58 -6.91 0.48
CA GLY A 16 0.19 -6.46 0.37
C GLY A 16 -0.14 -5.65 -0.88
N LEU A 17 0.83 -5.38 -1.76
CA LEU A 17 0.64 -4.78 -3.09
C LEU A 17 0.81 -5.77 -4.26
N THR A 18 1.17 -7.03 -4.01
CA THR A 18 1.40 -8.08 -5.01
C THR A 18 0.75 -9.43 -4.68
N HIS A 19 0.32 -9.66 -3.43
CA HIS A 19 -0.34 -10.86 -2.91
C HIS A 19 -1.34 -10.53 -1.78
N GLY A 20 -2.06 -11.52 -1.25
CA GLY A 20 -3.04 -11.39 -0.16
C GLY A 20 -3.52 -12.73 0.42
N VAL A 21 -4.24 -12.70 1.55
CA VAL A 21 -4.89 -13.87 2.18
C VAL A 21 -6.34 -13.57 2.53
N VAL A 22 -7.30 -14.34 2.00
CA VAL A 22 -8.76 -14.18 2.27
C VAL A 22 -9.08 -14.55 3.72
N ASN A 23 -9.87 -13.71 4.39
CA ASN A 23 -10.34 -13.83 5.78
C ASN A 23 -9.25 -13.76 6.88
N LYS A 24 -7.97 -13.44 6.56
CA LYS A 24 -6.92 -13.13 7.55
C LYS A 24 -6.12 -11.88 7.15
N PRO A 25 -5.77 -10.99 8.11
CA PRO A 25 -5.20 -9.67 7.81
C PRO A 25 -3.97 -9.68 6.92
N ALA A 26 -3.86 -8.64 6.08
CA ALA A 26 -2.71 -8.36 5.22
C ALA A 26 -2.20 -6.92 5.41
N THR A 27 -0.92 -6.68 5.05
CA THR A 27 -0.20 -5.43 5.31
C THR A 27 0.75 -5.01 4.18
N PHE A 28 1.08 -3.72 4.12
CA PHE A 28 2.15 -3.17 3.25
C PHE A 28 2.80 -1.89 3.84
N THR A 29 3.91 -1.44 3.24
CA THR A 29 4.80 -0.39 3.77
C THR A 29 4.73 0.89 2.90
N VAL A 30 4.87 2.06 3.53
CA VAL A 30 4.60 3.40 2.97
C VAL A 30 5.52 4.47 3.62
N ASN A 31 6.78 4.09 3.78
CA ASN A 31 7.87 4.83 4.43
C ASN A 31 7.97 6.29 3.92
N THR A 32 7.53 7.23 4.77
CA THR A 32 7.35 8.67 4.54
C THR A 32 8.66 9.47 4.55
N LYS A 33 9.57 9.10 3.66
CA LYS A 33 10.90 9.69 3.43
C LYS A 33 10.77 11.14 2.91
N ASP A 34 11.13 12.12 3.74
CA ASP A 34 11.03 13.57 3.49
C ASP A 34 9.63 14.03 2.99
N ALA A 35 8.58 13.31 3.36
CA ALA A 35 7.23 13.45 2.80
C ALA A 35 6.48 14.74 3.20
N GLY A 36 6.59 15.15 4.48
CA GLY A 36 5.79 16.22 5.10
C GLY A 36 5.11 15.79 6.40
N GLU A 37 4.02 16.47 6.76
CA GLU A 37 3.22 16.25 7.97
C GLU A 37 2.20 15.09 7.89
N GLY A 38 2.17 14.38 6.75
CA GLY A 38 1.26 13.24 6.48
C GLY A 38 0.03 13.61 5.65
N GLY A 39 0.22 14.18 4.45
CA GLY A 39 -0.83 14.65 3.53
C GLY A 39 -1.33 13.54 2.56
N LEU A 40 -1.50 12.32 3.06
CA LEU A 40 -1.77 11.12 2.28
C LEU A 40 -3.17 10.51 2.53
N SER A 41 -3.61 9.65 1.60
CA SER A 41 -4.86 8.87 1.67
C SER A 41 -4.74 7.59 0.86
N LEU A 42 -5.40 6.52 1.32
CA LEU A 42 -5.53 5.23 0.60
C LEU A 42 -6.93 4.99 0.04
N ALA A 43 -6.98 4.20 -1.02
CA ALA A 43 -8.17 3.54 -1.53
C ALA A 43 -7.76 2.17 -2.11
N ILE A 44 -8.67 1.20 -2.06
CA ILE A 44 -8.54 -0.14 -2.65
C ILE A 44 -9.77 -0.43 -3.53
N GLU A 45 -9.55 -1.07 -4.66
CA GLU A 45 -10.56 -1.53 -5.62
C GLU A 45 -10.33 -3.02 -5.98
N GLY A 46 -11.25 -3.63 -6.74
CA GLY A 46 -11.27 -5.08 -7.00
C GLY A 46 -12.72 -5.60 -7.15
N PRO A 47 -12.94 -6.92 -7.03
CA PRO A 47 -14.29 -7.52 -6.97
C PRO A 47 -15.02 -7.26 -5.65
N SER A 48 -14.24 -6.83 -4.63
CA SER A 48 -14.61 -6.74 -3.24
C SER A 48 -13.76 -5.65 -2.52
N LYS A 49 -13.98 -5.46 -1.22
CA LYS A 49 -13.38 -4.39 -0.39
C LYS A 49 -12.82 -4.92 0.94
N ALA A 50 -12.17 -4.04 1.69
CA ALA A 50 -11.53 -4.34 2.96
C ALA A 50 -11.58 -3.13 3.91
N GLU A 51 -11.45 -3.35 5.21
CA GLU A 51 -11.40 -2.29 6.24
C GLU A 51 -9.93 -1.85 6.48
N ILE A 52 -9.56 -0.70 5.91
CA ILE A 52 -8.20 -0.11 5.93
C ILE A 52 -7.89 0.48 7.31
N SER A 53 -6.62 0.40 7.73
CA SER A 53 -6.02 1.05 8.91
C SER A 53 -4.58 1.46 8.61
N CYS A 54 -4.03 2.46 9.31
CA CYS A 54 -2.65 2.98 9.18
C CYS A 54 -2.05 3.29 10.56
N THR A 55 -0.72 3.23 10.70
CA THR A 55 0.01 3.51 11.95
C THR A 55 1.24 4.37 11.70
N ASP A 56 1.24 5.60 12.24
CA ASP A 56 2.41 6.48 12.28
C ASP A 56 3.50 5.93 13.22
N ASN A 57 4.41 5.10 12.69
CA ASN A 57 5.43 4.38 13.45
C ASN A 57 6.63 5.30 13.76
N GLN A 58 7.31 4.97 14.85
CA GLN A 58 8.55 5.57 15.34
C GLN A 58 9.75 5.45 14.39
N ASP A 59 9.70 4.51 13.45
CA ASP A 59 10.77 4.29 12.45
C ASP A 59 10.60 5.16 11.19
N GLY A 60 9.51 5.93 11.09
CA GLY A 60 9.27 6.89 10.01
C GLY A 60 8.39 6.40 8.85
N THR A 61 7.46 5.48 9.10
CA THR A 61 6.51 4.91 8.12
C THR A 61 5.06 4.93 8.62
N CYS A 62 4.09 4.87 7.71
CA CYS A 62 2.65 4.95 7.98
C CYS A 62 1.96 3.56 8.09
N SER A 63 2.76 2.48 8.12
CA SER A 63 2.42 1.04 8.32
C SER A 63 0.95 0.66 8.14
N VAL A 64 0.58 0.29 6.90
CA VAL A 64 -0.80 0.02 6.48
C VAL A 64 -1.22 -1.43 6.80
N SER A 65 -2.49 -1.59 7.19
CA SER A 65 -3.17 -2.88 7.34
C SER A 65 -4.56 -2.88 6.68
N TYR A 66 -4.99 -4.03 6.19
CA TYR A 66 -6.30 -4.29 5.59
C TYR A 66 -6.68 -5.79 5.76
N LEU A 67 -7.92 -6.15 5.44
CA LEU A 67 -8.44 -7.51 5.66
C LEU A 67 -9.51 -7.88 4.61
N PRO A 68 -9.14 -8.57 3.50
CA PRO A 68 -10.08 -8.95 2.43
C PRO A 68 -11.03 -10.09 2.87
N VAL A 69 -12.27 -10.07 2.38
CA VAL A 69 -13.31 -11.06 2.68
C VAL A 69 -13.62 -12.04 1.53
N LEU A 70 -13.07 -11.77 0.33
CA LEU A 70 -13.07 -12.70 -0.82
C LEU A 70 -11.74 -12.63 -1.62
N PRO A 71 -11.41 -13.68 -2.40
CA PRO A 71 -10.27 -13.66 -3.32
C PRO A 71 -10.42 -12.57 -4.42
N GLY A 72 -9.32 -12.22 -5.10
CA GLY A 72 -9.34 -11.33 -6.26
C GLY A 72 -8.04 -10.61 -6.59
N ASP A 73 -8.09 -9.82 -7.68
CA ASP A 73 -7.01 -8.92 -8.14
C ASP A 73 -7.28 -7.50 -7.59
N TYR A 74 -6.88 -7.25 -6.35
CA TYR A 74 -7.17 -6.04 -5.59
C TYR A 74 -6.25 -4.87 -5.99
N SER A 75 -6.76 -3.90 -6.77
CA SER A 75 -6.04 -2.67 -7.08
C SER A 75 -5.79 -1.83 -5.81
N ILE A 76 -4.63 -1.18 -5.70
CA ILE A 76 -4.22 -0.32 -4.58
C ILE A 76 -3.83 1.10 -5.08
N LEU A 77 -4.52 2.12 -4.54
CA LEU A 77 -4.48 3.52 -4.94
C LEU A 77 -3.89 4.37 -3.81
N VAL A 78 -2.58 4.37 -3.64
CA VAL A 78 -1.84 5.15 -2.62
C VAL A 78 -1.65 6.59 -3.09
N LYS A 79 -2.42 7.54 -2.53
CA LYS A 79 -2.32 8.98 -2.87
C LYS A 79 -1.52 9.77 -1.81
N TYR A 80 -0.71 10.72 -2.25
CA TYR A 80 -0.02 11.73 -1.42
C TYR A 80 -0.15 13.09 -2.12
N ASN A 81 -0.88 14.02 -1.51
CA ASN A 81 -1.25 15.32 -2.07
C ASN A 81 -1.96 15.23 -3.44
N GLU A 82 -3.22 14.79 -3.40
CA GLU A 82 -4.22 14.77 -4.49
C GLU A 82 -3.88 13.83 -5.68
N GLN A 83 -2.70 13.20 -5.74
CA GLN A 83 -2.26 12.30 -6.82
C GLN A 83 -1.50 11.09 -6.30
N HIS A 84 -1.32 10.05 -7.12
CA HIS A 84 -0.69 8.81 -6.68
C HIS A 84 0.81 8.95 -6.40
N VAL A 85 1.28 8.15 -5.46
CA VAL A 85 2.67 8.04 -4.99
C VAL A 85 3.58 7.39 -6.04
N PRO A 86 4.91 7.46 -5.88
CA PRO A 86 5.92 6.87 -6.75
C PRO A 86 5.80 5.35 -6.85
N GLY A 87 5.41 4.90 -8.06
CA GLY A 87 5.19 3.48 -8.42
C GLY A 87 3.73 3.02 -8.39
N SER A 88 2.83 3.78 -7.76
CA SER A 88 1.38 3.53 -7.79
C SER A 88 0.70 3.86 -9.15
N PRO A 89 -0.46 3.24 -9.50
CA PRO A 89 -1.17 2.21 -8.71
C PRO A 89 -0.50 0.83 -8.73
N PHE A 90 -0.96 -0.07 -7.86
CA PHE A 90 -0.55 -1.49 -7.75
C PHE A 90 -1.77 -2.43 -7.86
N THR A 91 -1.54 -3.75 -7.99
CA THR A 91 -2.56 -4.78 -8.03
C THR A 91 -2.10 -6.04 -7.28
N ALA A 92 -2.57 -6.19 -6.05
CA ALA A 92 -2.33 -7.36 -5.21
C ALA A 92 -3.15 -8.59 -5.63
N ARG A 93 -2.72 -9.81 -5.27
CA ARG A 93 -3.40 -11.08 -5.54
C ARG A 93 -3.74 -11.86 -4.26
N VAL A 94 -4.90 -11.55 -3.70
CA VAL A 94 -5.57 -12.28 -2.60
C VAL A 94 -5.98 -13.68 -3.11
N THR A 95 -5.11 -14.67 -2.89
CA THR A 95 -5.19 -16.03 -3.52
C THR A 95 -6.37 -16.90 -3.08
N GLY A 96 -6.79 -16.75 -1.82
CA GLY A 96 -7.88 -17.51 -1.21
C GLY A 96 -7.64 -19.01 -1.01
N ASP A 97 -8.68 -19.70 -0.55
CA ASP A 97 -8.65 -21.10 -0.12
C ASP A 97 -9.87 -21.94 -0.60
N ASP A 98 -11.08 -21.35 -0.53
CA ASP A 98 -12.36 -22.00 -0.89
C ASP A 98 -13.36 -21.03 -1.54
N GLY A 1 33.44 4.07 0.51
CA GLY A 1 33.34 5.27 -0.35
C GLY A 1 31.90 5.65 -0.63
N ALA A 2 31.69 6.56 -1.58
CA ALA A 2 30.37 7.01 -2.00
C ALA A 2 29.57 5.92 -2.77
N MET A 3 28.25 6.11 -2.87
CA MET A 3 27.29 5.31 -3.65
C MET A 3 26.35 6.23 -4.46
N VAL A 4 25.38 5.64 -5.16
CA VAL A 4 24.46 6.33 -6.10
C VAL A 4 23.78 7.59 -5.52
N VAL A 5 23.84 8.70 -6.27
CA VAL A 5 23.28 10.03 -5.93
C VAL A 5 21.78 10.19 -6.32
N ASN A 6 21.15 9.11 -6.77
CA ASN A 6 19.76 9.02 -7.24
C ASN A 6 18.74 9.50 -6.17
N CYS A 7 17.55 9.94 -6.63
CA CYS A 7 16.45 10.49 -5.84
C CYS A 7 15.84 9.52 -4.81
N GLY A 8 14.93 10.04 -3.97
CA GLY A 8 14.21 9.28 -2.94
C GLY A 8 12.73 9.71 -2.86
N HIS A 9 11.99 9.50 -3.95
CA HIS A 9 10.55 9.77 -4.05
C HIS A 9 9.71 8.87 -3.09
N VAL A 10 8.42 9.19 -2.94
CA VAL A 10 7.43 8.34 -2.26
C VAL A 10 7.21 7.03 -3.01
N THR A 11 7.12 5.93 -2.25
CA THR A 11 6.96 4.55 -2.76
C THR A 11 5.96 3.77 -1.90
N ALA A 12 5.30 2.77 -2.52
CA ALA A 12 4.48 1.76 -1.87
C ALA A 12 5.00 0.37 -2.24
N TYR A 13 5.28 -0.49 -1.25
CA TYR A 13 5.86 -1.82 -1.44
C TYR A 13 5.42 -2.84 -0.38
N GLY A 14 5.50 -4.11 -0.74
CA GLY A 14 5.16 -5.27 0.10
C GLY A 14 4.39 -6.39 -0.62
N PRO A 15 4.17 -7.54 0.06
CA PRO A 15 3.44 -8.67 -0.51
C PRO A 15 1.95 -8.39 -0.71
N GLY A 16 1.37 -7.47 0.05
CA GLY A 16 -0.04 -7.12 -0.02
C GLY A 16 -0.50 -6.38 -1.28
N LEU A 17 0.43 -5.97 -2.15
CA LEU A 17 0.07 -5.36 -3.45
C LEU A 17 -0.15 -6.37 -4.60
N THR A 18 0.30 -7.62 -4.43
CA THR A 18 0.35 -8.65 -5.48
C THR A 18 -0.32 -9.98 -5.06
N HIS A 19 -0.27 -10.29 -3.76
CA HIS A 19 -0.87 -11.47 -3.14
C HIS A 19 -1.65 -11.09 -1.86
N GLY A 20 -2.25 -12.09 -1.20
CA GLY A 20 -2.88 -11.92 0.12
C GLY A 20 -3.25 -13.28 0.77
N VAL A 21 -3.78 -13.23 2.00
CA VAL A 21 -4.43 -14.37 2.68
C VAL A 21 -5.71 -13.95 3.38
N VAL A 22 -6.77 -14.73 3.20
CA VAL A 22 -8.16 -14.41 3.57
C VAL A 22 -8.42 -14.66 5.06
N ASN A 23 -9.27 -13.82 5.68
CA ASN A 23 -9.70 -13.89 7.11
C ASN A 23 -8.58 -13.62 8.13
N LYS A 24 -7.40 -13.14 7.69
CA LYS A 24 -6.25 -12.69 8.48
C LYS A 24 -5.72 -11.38 7.91
N PRO A 25 -5.22 -10.45 8.76
CA PRO A 25 -4.78 -9.11 8.32
C PRO A 25 -3.73 -9.10 7.19
N ALA A 26 -3.88 -8.16 6.26
CA ALA A 26 -2.94 -7.88 5.17
C ALA A 26 -2.43 -6.43 5.24
N THR A 27 -1.22 -6.21 4.75
CA THR A 27 -0.49 -4.92 4.92
C THR A 27 0.47 -4.63 3.77
N PHE A 28 0.85 -3.35 3.62
CA PHE A 28 1.97 -2.90 2.80
C PHE A 28 2.60 -1.63 3.39
N THR A 29 3.89 -1.44 3.15
CA THR A 29 4.67 -0.28 3.63
C THR A 29 4.65 0.85 2.61
N VAL A 30 4.49 2.08 3.08
CA VAL A 30 4.68 3.33 2.30
C VAL A 30 5.64 4.24 3.03
N ASN A 31 6.37 5.02 2.26
CA ASN A 31 7.53 5.80 2.67
C ASN A 31 7.48 7.23 2.13
N THR A 32 6.99 8.17 2.93
CA THR A 32 6.70 9.56 2.55
C THR A 32 7.87 10.54 2.78
N LYS A 33 9.08 10.03 3.02
CA LYS A 33 10.31 10.80 3.31
C LYS A 33 10.71 11.73 2.16
N ASP A 34 10.84 13.03 2.44
CA ASP A 34 11.13 14.12 1.49
C ASP A 34 10.25 14.16 0.21
N ALA A 35 9.07 13.54 0.26
CA ALA A 35 8.15 13.38 -0.86
C ALA A 35 7.48 14.69 -1.34
N GLY A 36 7.37 15.70 -0.48
CA GLY A 36 6.65 16.95 -0.73
C GLY A 36 5.99 17.50 0.55
N GLU A 37 5.11 18.51 0.39
CA GLU A 37 4.34 19.13 1.49
C GLU A 37 3.24 18.22 2.11
N GLY A 38 3.01 17.03 1.52
CA GLY A 38 1.97 16.06 1.88
C GLY A 38 1.08 15.68 0.70
N GLY A 39 0.12 14.77 0.95
CA GLY A 39 -0.89 14.37 -0.05
C GLY A 39 -1.07 12.86 -0.24
N LEU A 40 -0.37 12.02 0.53
CA LEU A 40 -0.53 10.56 0.55
C LEU A 40 -1.98 10.18 0.94
N SER A 41 -2.70 9.52 0.02
CA SER A 41 -4.06 8.99 0.23
C SER A 41 -4.31 7.77 -0.65
N LEU A 42 -5.11 6.82 -0.16
CA LEU A 42 -5.33 5.55 -0.81
C LEU A 42 -6.64 4.84 -0.39
N ALA A 43 -6.98 3.81 -1.16
CA ALA A 43 -8.02 2.83 -0.84
C ALA A 43 -7.79 1.48 -1.55
N ILE A 44 -8.51 0.44 -1.14
CA ILE A 44 -8.45 -0.91 -1.69
C ILE A 44 -9.86 -1.32 -2.16
N GLU A 45 -9.98 -1.63 -3.44
CA GLU A 45 -11.16 -2.26 -4.06
C GLU A 45 -11.05 -3.80 -4.04
N GLY A 46 -12.04 -4.53 -4.53
CA GLY A 46 -12.09 -5.99 -4.56
C GLY A 46 -13.52 -6.55 -4.70
N PRO A 47 -13.75 -7.87 -4.52
CA PRO A 47 -15.11 -8.45 -4.51
C PRO A 47 -15.89 -8.05 -3.24
N SER A 48 -15.15 -7.61 -2.21
CA SER A 48 -15.53 -7.35 -0.82
C SER A 48 -14.69 -6.21 -0.29
N LYS A 49 -15.35 -5.12 0.09
CA LYS A 49 -14.78 -3.80 0.49
C LYS A 49 -13.93 -3.92 1.78
N ALA A 50 -12.59 -3.75 1.65
CA ALA A 50 -11.64 -3.82 2.75
C ALA A 50 -11.79 -2.65 3.74
N GLU A 51 -11.46 -2.91 5.01
CA GLU A 51 -11.40 -1.92 6.09
C GLU A 51 -10.03 -1.20 6.12
N ILE A 52 -9.98 0.04 5.61
CA ILE A 52 -8.74 0.80 5.43
C ILE A 52 -8.28 1.40 6.78
N SER A 53 -6.99 1.23 7.13
CA SER A 53 -6.27 1.86 8.25
C SER A 53 -4.78 2.13 7.93
N CYS A 54 -4.07 2.87 8.79
CA CYS A 54 -2.65 3.21 8.64
C CYS A 54 -1.95 3.39 10.00
N THR A 55 -0.61 3.38 9.99
CA THR A 55 0.22 3.45 11.20
C THR A 55 1.26 4.58 11.11
N ASP A 56 1.22 5.50 12.07
CA ASP A 56 2.27 6.50 12.27
C ASP A 56 3.58 5.90 12.84
N ASN A 57 4.74 6.28 12.30
CA ASN A 57 6.06 5.89 12.81
C ASN A 57 7.06 7.08 12.76
N GLN A 58 8.13 6.97 13.56
CA GLN A 58 9.20 7.97 13.81
C GLN A 58 9.91 8.49 12.53
N ASP A 59 10.29 7.58 11.64
CA ASP A 59 11.18 7.86 10.50
C ASP A 59 10.47 8.30 9.21
N GLY A 60 9.14 8.41 9.20
CA GLY A 60 8.37 9.00 8.10
C GLY A 60 7.75 7.99 7.13
N THR A 61 7.29 6.85 7.64
CA THR A 61 6.44 5.87 6.95
C THR A 61 4.96 6.01 7.34
N CYS A 62 4.06 5.52 6.48
CA CYS A 62 2.59 5.62 6.64
C CYS A 62 1.87 4.23 6.63
N SER A 63 2.62 3.16 6.91
CA SER A 63 2.29 1.72 6.82
C SER A 63 0.79 1.38 6.86
N VAL A 64 0.23 0.96 5.73
CA VAL A 64 -1.21 0.69 5.50
C VAL A 64 -1.58 -0.71 5.99
N SER A 65 -2.72 -0.81 6.67
CA SER A 65 -3.21 -2.01 7.37
C SER A 65 -4.71 -2.27 7.09
N TYR A 66 -5.04 -3.49 6.65
CA TYR A 66 -6.40 -3.91 6.29
C TYR A 66 -6.63 -5.42 6.51
N LEU A 67 -7.81 -5.94 6.18
CA LEU A 67 -8.22 -7.33 6.43
C LEU A 67 -9.15 -7.86 5.30
N PRO A 68 -8.63 -8.60 4.30
CA PRO A 68 -9.45 -9.21 3.24
C PRO A 68 -10.26 -10.37 3.80
N VAL A 69 -11.59 -10.28 3.67
CA VAL A 69 -12.54 -11.24 4.32
C VAL A 69 -13.18 -12.25 3.36
N LEU A 70 -12.85 -12.18 2.06
CA LEU A 70 -13.37 -13.07 1.01
C LEU A 70 -12.37 -13.19 -0.15
N PRO A 71 -12.01 -14.39 -0.66
CA PRO A 71 -11.03 -14.57 -1.75
C PRO A 71 -11.33 -13.71 -2.99
N GLY A 72 -10.32 -13.03 -3.54
CA GLY A 72 -10.52 -12.05 -4.61
C GLY A 72 -9.29 -11.38 -5.18
N ASP A 73 -9.54 -10.47 -6.12
CA ASP A 73 -8.56 -9.61 -6.80
C ASP A 73 -8.67 -8.18 -6.25
N TYR A 74 -7.94 -7.90 -5.17
CA TYR A 74 -8.01 -6.65 -4.41
C TYR A 74 -7.15 -5.56 -5.06
N SER A 75 -7.75 -4.75 -5.92
CA SER A 75 -7.07 -3.62 -6.57
C SER A 75 -6.68 -2.55 -5.57
N ILE A 76 -5.40 -2.18 -5.52
CA ILE A 76 -4.88 -1.10 -4.67
C ILE A 76 -4.80 0.22 -5.46
N LEU A 77 -5.41 1.27 -4.91
CA LEU A 77 -5.49 2.62 -5.47
C LEU A 77 -4.69 3.59 -4.58
N VAL A 78 -3.41 3.87 -4.89
CA VAL A 78 -2.54 4.79 -4.12
C VAL A 78 -2.31 6.09 -4.87
N LYS A 79 -2.41 7.25 -4.18
CA LYS A 79 -2.16 8.59 -4.71
C LYS A 79 -1.22 9.40 -3.81
N TYR A 80 -0.56 10.39 -4.42
CA TYR A 80 0.22 11.45 -3.79
C TYR A 80 -0.04 12.79 -4.48
N ASN A 81 -0.82 13.66 -3.84
CA ASN A 81 -1.29 14.96 -4.32
C ASN A 81 -2.00 14.86 -5.72
N GLU A 82 -3.26 14.45 -5.68
CA GLU A 82 -4.23 14.36 -6.79
C GLU A 82 -3.91 13.39 -7.95
N GLN A 83 -2.75 12.74 -7.94
CA GLN A 83 -2.26 11.84 -8.99
C GLN A 83 -1.81 10.49 -8.38
N HIS A 84 -1.92 9.38 -9.12
CA HIS A 84 -1.52 8.07 -8.62
C HIS A 84 0.00 7.92 -8.49
N VAL A 85 0.40 7.05 -7.56
CA VAL A 85 1.79 6.76 -7.24
C VAL A 85 2.49 5.92 -8.34
N PRO A 86 3.83 5.86 -8.30
CA PRO A 86 4.66 5.11 -9.26
C PRO A 86 4.23 3.64 -9.40
N GLY A 87 3.73 3.27 -10.59
CA GLY A 87 3.31 1.91 -10.95
C GLY A 87 1.85 1.55 -10.59
N SER A 88 1.13 2.41 -9.85
CA SER A 88 -0.29 2.23 -9.56
C SER A 88 -1.19 2.32 -10.80
N PRO A 89 -2.37 1.66 -10.80
CA PRO A 89 -2.88 0.78 -9.74
C PRO A 89 -2.17 -0.59 -9.69
N PHE A 90 -2.36 -1.30 -8.57
CA PHE A 90 -1.90 -2.67 -8.32
C PHE A 90 -3.11 -3.62 -8.18
N THR A 91 -2.89 -4.93 -8.22
CA THR A 91 -3.93 -5.98 -8.11
C THR A 91 -3.47 -7.17 -7.27
N ALA A 92 -3.93 -7.23 -6.02
CA ALA A 92 -3.49 -8.21 -5.03
C ALA A 92 -4.38 -9.45 -4.99
N ARG A 93 -3.87 -10.61 -5.42
CA ARG A 93 -4.64 -11.87 -5.46
C ARG A 93 -4.57 -12.66 -4.14
N VAL A 94 -5.37 -12.25 -3.20
CA VAL A 94 -5.68 -12.87 -1.90
C VAL A 94 -6.21 -14.31 -2.05
N THR A 95 -5.43 -15.29 -1.59
CA THR A 95 -5.77 -16.72 -1.59
C THR A 95 -6.54 -17.10 -0.31
N GLY A 96 -7.48 -18.06 -0.37
CA GLY A 96 -8.18 -18.60 0.80
C GLY A 96 -7.30 -19.39 1.76
N ASP A 97 -7.85 -19.76 2.91
CA ASP A 97 -7.13 -20.44 4.00
C ASP A 97 -7.91 -21.66 4.59
N ASP A 98 -9.00 -21.43 5.36
CA ASP A 98 -9.88 -22.47 5.90
C ASP A 98 -10.69 -23.22 4.81
N GLY A 1 17.88 1.47 -18.51
CA GLY A 1 17.07 1.81 -17.32
C GLY A 1 17.22 3.28 -16.97
N ALA A 2 16.15 3.89 -16.45
CA ALA A 2 16.15 5.29 -15.99
C ALA A 2 17.04 5.50 -14.75
N MET A 3 17.38 6.76 -14.47
CA MET A 3 18.21 7.21 -13.34
C MET A 3 17.60 8.43 -12.64
N VAL A 4 18.05 8.72 -11.41
CA VAL A 4 17.53 9.81 -10.53
C VAL A 4 16.06 9.62 -10.07
N VAL A 5 15.38 8.55 -10.50
CA VAL A 5 13.95 8.26 -10.23
C VAL A 5 13.56 8.13 -8.74
N ASN A 6 14.52 7.94 -7.84
CA ASN A 6 14.30 7.81 -6.39
C ASN A 6 14.73 9.08 -5.58
N CYS A 7 15.06 10.19 -6.23
CA CYS A 7 15.53 11.41 -5.58
C CYS A 7 14.45 12.05 -4.66
N GLY A 8 14.55 11.83 -3.35
CA GLY A 8 13.75 12.47 -2.29
C GLY A 8 12.31 11.94 -2.07
N HIS A 9 11.71 11.25 -3.03
CA HIS A 9 10.31 10.77 -2.95
C HIS A 9 10.17 9.54 -2.03
N VAL A 10 9.08 9.48 -1.26
CA VAL A 10 8.74 8.33 -0.38
C VAL A 10 8.15 7.20 -1.22
N THR A 11 8.15 5.97 -0.71
CA THR A 11 7.78 4.75 -1.45
C THR A 11 7.01 3.78 -0.54
N ALA A 12 6.43 2.75 -1.15
CA ALA A 12 5.65 1.71 -0.50
C ALA A 12 6.22 0.32 -0.89
N TYR A 13 6.33 -0.58 0.08
CA TYR A 13 6.86 -1.94 -0.09
C TYR A 13 6.35 -2.91 0.99
N GLY A 14 6.27 -4.19 0.66
CA GLY A 14 5.87 -5.26 1.60
C GLY A 14 5.06 -6.37 0.92
N PRO A 15 4.72 -7.44 1.65
CA PRO A 15 4.03 -8.62 1.10
C PRO A 15 2.62 -8.32 0.60
N GLY A 16 1.90 -7.39 1.25
CA GLY A 16 0.53 -6.97 0.90
C GLY A 16 0.37 -6.23 -0.43
N LEU A 17 1.46 -5.87 -1.11
CA LEU A 17 1.40 -5.35 -2.49
C LEU A 17 1.62 -6.44 -3.55
N THR A 18 1.92 -7.69 -3.12
CA THR A 18 2.37 -8.81 -3.96
C THR A 18 1.42 -10.02 -3.84
N HIS A 19 1.08 -10.42 -2.60
CA HIS A 19 0.15 -11.51 -2.27
C HIS A 19 -0.69 -11.17 -1.03
N GLY A 20 -1.55 -12.11 -0.65
CA GLY A 20 -2.41 -12.01 0.56
C GLY A 20 -3.08 -13.33 0.94
N VAL A 21 -3.82 -13.32 2.06
CA VAL A 21 -4.69 -14.41 2.51
C VAL A 21 -6.06 -13.86 2.98
N VAL A 22 -7.12 -14.64 2.74
CA VAL A 22 -8.54 -14.24 2.94
C VAL A 22 -9.04 -14.45 4.37
N ASN A 23 -9.94 -13.56 4.83
CA ASN A 23 -10.53 -13.51 6.17
C ASN A 23 -9.50 -13.44 7.33
N LYS A 24 -8.25 -13.08 7.04
CA LYS A 24 -7.16 -12.78 7.98
C LYS A 24 -6.39 -11.54 7.53
N PRO A 25 -5.89 -10.69 8.44
CA PRO A 25 -5.22 -9.44 8.12
C PRO A 25 -3.99 -9.58 7.23
N ALA A 26 -3.82 -8.63 6.31
CA ALA A 26 -2.66 -8.47 5.45
C ALA A 26 -2.11 -7.01 5.53
N THR A 27 -0.83 -6.81 5.21
CA THR A 27 -0.17 -5.52 5.48
C THR A 27 0.99 -5.20 4.51
N PHE A 28 1.38 -3.93 4.48
CA PHE A 28 2.59 -3.44 3.84
C PHE A 28 3.15 -2.20 4.59
N THR A 29 4.27 -1.64 4.13
CA THR A 29 4.98 -0.56 4.80
C THR A 29 5.21 0.62 3.86
N VAL A 30 4.99 1.81 4.39
CA VAL A 30 5.41 3.09 3.80
C VAL A 30 6.24 3.84 4.85
N ASN A 31 7.24 4.58 4.37
CA ASN A 31 8.18 5.35 5.19
C ASN A 31 8.18 6.80 4.69
N THR A 32 7.27 7.61 5.26
CA THR A 32 6.92 8.93 4.74
C THR A 32 7.52 10.09 5.54
N LYS A 33 8.83 10.30 5.37
CA LYS A 33 9.63 11.29 6.10
C LYS A 33 10.03 12.49 5.22
N ASP A 34 10.96 12.26 4.29
CA ASP A 34 11.64 13.32 3.50
C ASP A 34 10.73 14.14 2.55
N ALA A 35 9.55 13.61 2.19
CA ALA A 35 8.49 14.34 1.47
C ALA A 35 7.85 15.50 2.27
N GLY A 36 8.17 15.65 3.56
CA GLY A 36 7.66 16.72 4.43
C GLY A 36 6.62 16.22 5.45
N GLU A 37 6.79 14.99 5.94
CA GLU A 37 6.06 14.29 7.03
C GLU A 37 4.51 14.29 6.97
N GLY A 38 3.94 14.57 5.79
CA GLY A 38 2.51 14.45 5.49
C GLY A 38 2.10 15.00 4.13
N GLY A 39 0.89 14.65 3.65
CA GLY A 39 0.33 15.08 2.36
C GLY A 39 -0.18 13.95 1.45
N LEU A 40 -0.41 12.75 1.96
CA LEU A 40 -0.68 11.51 1.21
C LEU A 40 -2.07 10.91 1.46
N SER A 41 -2.52 10.04 0.55
CA SER A 41 -3.75 9.23 0.65
C SER A 41 -3.68 8.00 -0.26
N LEU A 42 -4.44 6.95 0.08
CA LEU A 42 -4.58 5.77 -0.74
C LEU A 42 -5.96 5.11 -0.68
N ALA A 43 -6.19 4.13 -1.56
CA ALA A 43 -7.34 3.24 -1.58
C ALA A 43 -6.99 1.85 -2.15
N ILE A 44 -7.89 0.86 -1.94
CA ILE A 44 -7.78 -0.49 -2.51
C ILE A 44 -9.00 -0.77 -3.40
N GLU A 45 -8.74 -1.27 -4.61
CA GLU A 45 -9.70 -1.80 -5.58
C GLU A 45 -9.53 -3.33 -5.72
N GLY A 46 -10.42 -4.00 -6.46
CA GLY A 46 -10.46 -5.47 -6.62
C GLY A 46 -11.83 -5.99 -7.05
N PRO A 47 -12.09 -7.31 -6.97
CA PRO A 47 -13.44 -7.87 -7.21
C PRO A 47 -14.41 -7.56 -6.05
N SER A 48 -13.85 -7.19 -4.91
CA SER A 48 -14.42 -7.07 -3.58
C SER A 48 -13.72 -5.91 -2.86
N LYS A 49 -14.10 -5.60 -1.62
CA LYS A 49 -13.61 -4.43 -0.86
C LYS A 49 -12.96 -4.81 0.48
N ALA A 50 -12.24 -3.85 1.06
CA ALA A 50 -11.56 -3.91 2.36
C ALA A 50 -11.56 -2.53 3.07
N GLU A 51 -10.96 -2.43 4.25
CA GLU A 51 -10.88 -1.19 5.05
C GLU A 51 -9.41 -0.83 5.36
N ILE A 52 -8.99 0.38 4.96
CA ILE A 52 -7.64 0.91 5.10
C ILE A 52 -7.36 1.24 6.59
N SER A 53 -6.34 0.62 7.18
CA SER A 53 -5.93 0.85 8.58
C SER A 53 -4.42 1.14 8.68
N CYS A 54 -4.03 2.41 8.56
CA CYS A 54 -2.66 2.90 8.75
C CYS A 54 -2.12 2.72 10.19
N THR A 55 -0.78 2.66 10.35
CA THR A 55 -0.09 2.52 11.65
C THR A 55 1.05 3.55 11.76
N ASP A 56 0.70 4.76 12.18
CA ASP A 56 1.59 5.91 12.38
C ASP A 56 2.47 5.73 13.62
N ASN A 57 3.72 5.30 13.43
CA ASN A 57 4.69 5.10 14.50
C ASN A 57 5.74 6.22 14.49
N GLN A 58 6.38 6.38 15.64
CA GLN A 58 7.35 7.46 15.92
C GLN A 58 8.63 7.44 15.06
N ASP A 59 8.94 6.32 14.39
CA ASP A 59 10.09 6.15 13.51
C ASP A 59 9.86 6.76 12.10
N GLY A 60 8.61 7.10 11.76
CA GLY A 60 8.23 7.80 10.52
C GLY A 60 7.47 6.94 9.50
N THR A 61 7.07 5.71 9.86
CA THR A 61 6.27 4.82 9.00
C THR A 61 4.76 5.12 9.06
N CYS A 62 4.04 4.82 7.99
CA CYS A 62 2.57 4.90 7.98
C CYS A 62 1.84 3.53 7.86
N SER A 63 2.61 2.46 7.68
CA SER A 63 2.29 1.02 7.67
C SER A 63 0.80 0.64 7.58
N VAL A 64 0.26 0.56 6.37
CA VAL A 64 -1.15 0.26 6.10
C VAL A 64 -1.43 -1.25 6.16
N SER A 65 -2.37 -1.59 7.05
CA SER A 65 -3.01 -2.90 7.16
C SER A 65 -4.35 -2.87 6.40
N TYR A 66 -4.80 -4.05 5.93
CA TYR A 66 -6.13 -4.32 5.34
C TYR A 66 -6.56 -5.79 5.64
N LEU A 67 -7.77 -6.19 5.25
CA LEU A 67 -8.34 -7.49 5.67
C LEU A 67 -9.35 -8.01 4.61
N PRO A 68 -8.92 -8.71 3.54
CA PRO A 68 -9.75 -9.07 2.40
C PRO A 68 -10.77 -10.16 2.78
N VAL A 69 -12.06 -9.87 2.59
CA VAL A 69 -13.14 -10.82 2.94
C VAL A 69 -13.35 -11.94 1.92
N LEU A 70 -12.84 -11.76 0.69
CA LEU A 70 -12.76 -12.74 -0.41
C LEU A 70 -11.40 -12.66 -1.15
N PRO A 71 -11.00 -13.72 -1.88
CA PRO A 71 -9.77 -13.74 -2.68
C PRO A 71 -9.90 -12.85 -3.93
N GLY A 72 -8.76 -12.53 -4.56
CA GLY A 72 -8.79 -11.81 -5.85
C GLY A 72 -7.50 -11.08 -6.22
N ASP A 73 -7.52 -10.46 -7.39
CA ASP A 73 -6.53 -9.51 -7.89
C ASP A 73 -6.88 -8.08 -7.44
N TYR A 74 -6.65 -7.80 -6.15
CA TYR A 74 -6.78 -6.45 -5.61
C TYR A 74 -5.70 -5.52 -6.18
N SER A 75 -5.99 -4.22 -6.22
CA SER A 75 -5.12 -3.17 -6.77
C SER A 75 -4.98 -2.03 -5.77
N ILE A 76 -3.74 -1.59 -5.51
CA ILE A 76 -3.40 -0.59 -4.50
C ILE A 76 -3.13 0.77 -5.18
N LEU A 77 -4.05 1.72 -4.99
CA LEU A 77 -4.02 3.07 -5.56
C LEU A 77 -3.44 4.07 -4.54
N VAL A 78 -2.15 4.44 -4.66
CA VAL A 78 -1.44 5.32 -3.68
C VAL A 78 -1.11 6.67 -4.32
N LYS A 79 -1.35 7.77 -3.59
CA LYS A 79 -1.03 9.16 -3.98
C LYS A 79 -0.25 9.93 -2.90
N TYR A 80 0.49 10.93 -3.37
CA TYR A 80 1.12 11.98 -2.57
C TYR A 80 0.87 13.32 -3.27
N ASN A 81 0.30 14.32 -2.58
CA ASN A 81 -0.18 15.62 -3.10
C ASN A 81 -0.92 15.50 -4.46
N GLU A 82 -2.00 14.71 -4.45
CA GLU A 82 -2.96 14.43 -5.55
C GLU A 82 -2.38 13.64 -6.77
N GLN A 83 -1.08 13.33 -6.79
CA GLN A 83 -0.42 12.58 -7.86
C GLN A 83 0.01 11.19 -7.41
N HIS A 84 -0.10 10.16 -8.25
CA HIS A 84 0.22 8.79 -7.82
C HIS A 84 1.70 8.59 -7.52
N VAL A 85 1.96 7.64 -6.60
CA VAL A 85 3.31 7.32 -6.06
C VAL A 85 4.18 6.56 -7.07
N PRO A 86 5.50 6.46 -6.80
CA PRO A 86 6.47 5.78 -7.64
C PRO A 86 6.14 4.28 -7.86
N GLY A 87 5.74 3.92 -9.09
CA GLY A 87 5.37 2.56 -9.46
C GLY A 87 3.90 2.18 -9.20
N SER A 88 3.05 3.10 -8.71
CA SER A 88 1.59 2.86 -8.54
C SER A 88 0.85 2.71 -9.88
N PRO A 89 -0.29 1.99 -9.91
CA PRO A 89 -0.81 1.11 -8.83
C PRO A 89 -0.06 -0.22 -8.69
N PHE A 90 -0.20 -0.87 -7.53
CA PHE A 90 0.31 -2.23 -7.25
C PHE A 90 -0.80 -3.29 -7.36
N THR A 91 -0.48 -4.60 -7.35
CA THR A 91 -1.44 -5.72 -7.60
C THR A 91 -1.18 -6.92 -6.70
N ALA A 92 -2.10 -7.19 -5.75
CA ALA A 92 -2.02 -8.31 -4.78
C ALA A 92 -3.02 -9.43 -5.11
N ARG A 93 -2.55 -10.67 -5.17
CA ARG A 93 -3.29 -11.86 -5.71
C ARG A 93 -3.99 -12.77 -4.67
N VAL A 94 -4.27 -12.20 -3.49
CA VAL A 94 -4.92 -12.75 -2.28
C VAL A 94 -5.52 -14.15 -2.45
N THR A 95 -4.85 -15.16 -1.92
CA THR A 95 -5.24 -16.58 -2.00
C THR A 95 -6.26 -16.95 -0.95
N GLY A 96 -7.34 -17.64 -1.36
CA GLY A 96 -8.40 -18.13 -0.48
C GLY A 96 -8.11 -19.52 0.09
N ASP A 97 -8.76 -19.90 1.19
CA ASP A 97 -8.60 -21.21 1.83
C ASP A 97 -9.92 -21.77 2.44
N ASP A 98 -10.66 -20.93 3.17
CA ASP A 98 -11.99 -21.24 3.73
C ASP A 98 -13.05 -21.62 2.68
N GLY A 1 30.23 12.07 -6.10
CA GLY A 1 29.03 12.01 -5.23
C GLY A 1 28.28 10.70 -5.39
N ALA A 2 27.69 10.19 -4.30
CA ALA A 2 26.91 8.95 -4.27
C ALA A 2 25.51 9.09 -4.90
N MET A 3 24.81 7.97 -5.07
CA MET A 3 23.47 7.88 -5.69
C MET A 3 22.36 8.63 -4.94
N VAL A 4 22.63 9.12 -3.73
CA VAL A 4 21.76 10.05 -2.98
C VAL A 4 21.48 11.35 -3.74
N VAL A 5 22.29 11.70 -4.75
CA VAL A 5 22.07 12.81 -5.70
C VAL A 5 20.78 12.69 -6.53
N ASN A 6 20.17 11.49 -6.62
CA ASN A 6 18.95 11.20 -7.40
C ASN A 6 17.85 10.49 -6.58
N CYS A 7 16.67 10.34 -7.19
CA CYS A 7 15.43 9.80 -6.60
C CYS A 7 15.08 10.44 -5.24
N GLY A 8 14.58 9.66 -4.27
CA GLY A 8 14.31 10.10 -2.89
C GLY A 8 12.83 10.29 -2.52
N HIS A 9 11.92 10.21 -3.51
CA HIS A 9 10.47 10.22 -3.32
C HIS A 9 9.98 8.99 -2.53
N VAL A 10 8.77 9.07 -1.97
CA VAL A 10 8.08 7.92 -1.37
C VAL A 10 7.79 6.82 -2.41
N THR A 11 7.70 5.57 -1.96
CA THR A 11 7.29 4.40 -2.79
C THR A 11 6.26 3.55 -2.04
N ALA A 12 5.72 2.51 -2.68
CA ALA A 12 4.90 1.49 -2.02
C ALA A 12 5.29 0.11 -2.57
N TYR A 13 5.73 -0.80 -1.70
CA TYR A 13 6.20 -2.14 -2.06
C TYR A 13 5.88 -3.18 -0.97
N GLY A 14 5.89 -4.47 -1.35
CA GLY A 14 5.58 -5.60 -0.46
C GLY A 14 4.68 -6.67 -1.10
N PRO A 15 4.40 -7.75 -0.37
CA PRO A 15 3.55 -8.84 -0.85
C PRO A 15 2.07 -8.42 -0.98
N GLY A 16 1.59 -7.49 -0.15
CA GLY A 16 0.20 -7.05 -0.13
C GLY A 16 -0.30 -6.31 -1.39
N LEU A 17 0.57 -5.95 -2.33
CA LEU A 17 0.16 -5.41 -3.63
C LEU A 17 0.05 -6.48 -4.74
N THR A 18 0.48 -7.71 -4.47
CA THR A 18 0.56 -8.82 -5.43
C THR A 18 -0.30 -10.01 -4.98
N HIS A 19 -0.36 -10.30 -3.69
CA HIS A 19 -1.18 -11.31 -3.03
C HIS A 19 -1.97 -10.70 -1.84
N GLY A 20 -2.87 -11.47 -1.23
CA GLY A 20 -3.64 -11.12 -0.01
C GLY A 20 -4.04 -12.36 0.78
N VAL A 21 -4.53 -12.19 2.03
CA VAL A 21 -4.98 -13.30 2.89
C VAL A 21 -6.36 -12.99 3.48
N VAL A 22 -7.35 -13.79 3.09
CA VAL A 22 -8.75 -13.65 3.50
C VAL A 22 -8.90 -13.82 5.02
N ASN A 23 -9.53 -12.84 5.69
CA ASN A 23 -9.75 -12.73 7.13
C ASN A 23 -8.46 -12.80 7.99
N LYS A 24 -7.28 -12.49 7.42
CA LYS A 24 -6.01 -12.28 8.14
C LYS A 24 -5.32 -10.98 7.68
N PRO A 25 -4.93 -10.08 8.61
CA PRO A 25 -4.43 -8.75 8.27
C PRO A 25 -3.22 -8.83 7.34
N ALA A 26 -3.36 -8.27 6.15
CA ALA A 26 -2.32 -8.20 5.12
C ALA A 26 -1.67 -6.80 5.08
N THR A 27 -0.44 -6.67 4.56
CA THR A 27 0.36 -5.44 4.67
C THR A 27 1.30 -5.18 3.47
N PHE A 28 1.75 -3.93 3.34
CA PHE A 28 2.84 -3.47 2.47
C PHE A 28 3.51 -2.20 3.05
N THR A 29 4.77 -1.93 2.67
CA THR A 29 5.60 -0.83 3.15
C THR A 29 5.46 0.39 2.24
N VAL A 30 5.36 1.58 2.85
CA VAL A 30 5.17 2.93 2.26
C VAL A 30 6.13 3.91 2.94
N ASN A 31 7.40 3.58 2.76
CA ASN A 31 8.62 4.20 3.31
C ASN A 31 8.79 5.66 2.82
N THR A 32 8.22 6.58 3.58
CA THR A 32 8.32 8.06 3.54
C THR A 32 9.69 8.57 4.00
N LYS A 33 10.76 8.06 3.37
CA LYS A 33 12.18 8.38 3.65
C LYS A 33 12.57 9.87 3.76
N ASP A 34 12.31 10.65 2.71
CA ASP A 34 12.50 12.12 2.64
C ASP A 34 11.22 12.84 2.12
N ALA A 35 10.11 12.09 2.06
CA ALA A 35 8.81 12.43 1.44
C ALA A 35 8.15 13.71 2.00
N GLY A 36 8.04 13.82 3.33
CA GLY A 36 7.28 14.87 4.03
C GLY A 36 6.61 14.33 5.29
N GLU A 37 5.81 15.17 5.97
CA GLU A 37 5.12 14.88 7.25
C GLU A 37 3.96 13.84 7.19
N GLY A 38 3.54 13.45 5.98
CA GLY A 38 2.44 12.52 5.71
C GLY A 38 1.63 12.90 4.46
N GLY A 39 0.52 12.16 4.20
CA GLY A 39 -0.43 12.40 3.11
C GLY A 39 -0.79 11.16 2.27
N LEU A 40 -0.17 10.01 2.56
CA LEU A 40 -0.47 8.71 1.96
C LEU A 40 -1.96 8.35 2.13
N SER A 41 -2.67 8.20 1.01
CA SER A 41 -4.11 7.89 0.92
C SER A 41 -4.34 6.74 -0.06
N LEU A 42 -5.33 5.90 0.27
CA LEU A 42 -5.63 4.64 -0.43
C LEU A 42 -7.11 4.50 -0.81
N ALA A 43 -7.33 3.69 -1.84
CA ALA A 43 -8.61 3.16 -2.24
C ALA A 43 -8.39 1.72 -2.77
N ILE A 44 -8.89 0.71 -2.05
CA ILE A 44 -8.89 -0.68 -2.48
C ILE A 44 -10.25 -1.03 -3.09
N GLU A 45 -10.21 -1.74 -4.22
CA GLU A 45 -11.37 -2.28 -4.97
C GLU A 45 -11.23 -3.79 -5.20
N GLY A 46 -12.27 -4.44 -5.75
CA GLY A 46 -12.31 -5.91 -5.95
C GLY A 46 -13.74 -6.43 -6.06
N PRO A 47 -13.95 -7.76 -5.94
CA PRO A 47 -15.30 -8.34 -5.81
C PRO A 47 -15.93 -8.03 -4.44
N SER A 48 -15.09 -7.66 -3.46
CA SER A 48 -15.36 -7.52 -2.03
C SER A 48 -14.51 -6.38 -1.45
N LYS A 49 -14.53 -6.17 -0.14
CA LYS A 49 -13.95 -4.98 0.54
C LYS A 49 -12.91 -5.33 1.61
N ALA A 50 -12.15 -4.31 2.04
CA ALA A 50 -11.11 -4.40 3.07
C ALA A 50 -11.10 -3.20 4.02
N GLU A 51 -10.94 -3.44 5.33
CA GLU A 51 -10.65 -2.40 6.33
C GLU A 51 -9.28 -1.73 6.03
N ILE A 52 -9.06 -0.48 6.45
CA ILE A 52 -7.84 0.29 6.20
C ILE A 52 -7.25 0.81 7.53
N SER A 53 -5.97 0.53 7.79
CA SER A 53 -5.14 1.03 8.91
C SER A 53 -3.74 1.47 8.40
N CYS A 54 -3.08 2.36 9.17
CA CYS A 54 -1.75 2.89 8.90
C CYS A 54 -1.04 3.41 10.16
N THR A 55 0.28 3.66 10.10
CA THR A 55 1.03 4.33 11.18
C THR A 55 1.30 5.78 10.78
N ASP A 56 0.42 6.69 11.20
CA ASP A 56 0.43 8.12 10.85
C ASP A 56 1.73 8.84 11.25
N ASN A 57 2.39 8.38 12.31
CA ASN A 57 3.73 8.81 12.74
C ASN A 57 4.78 8.41 11.69
N GLN A 58 5.33 9.39 10.97
CA GLN A 58 6.44 9.25 10.01
C GLN A 58 7.77 8.90 10.70
N ASP A 59 7.88 7.69 11.22
CA ASP A 59 9.06 7.08 11.86
C ASP A 59 10.03 6.42 10.84
N GLY A 60 9.73 6.58 9.55
CA GLY A 60 10.42 6.01 8.40
C GLY A 60 9.48 5.39 7.36
N THR A 61 8.24 5.06 7.74
CA THR A 61 7.19 4.54 6.85
C THR A 61 5.79 4.82 7.42
N CYS A 62 4.79 4.93 6.54
CA CYS A 62 3.38 5.07 6.87
C CYS A 62 2.66 3.73 7.22
N SER A 63 3.42 2.62 7.18
CA SER A 63 3.10 1.23 7.51
C SER A 63 1.62 0.83 7.34
N VAL A 64 1.17 0.64 6.11
CA VAL A 64 -0.22 0.27 5.77
C VAL A 64 -0.52 -1.18 6.14
N SER A 65 -1.68 -1.38 6.78
CA SER A 65 -2.33 -2.67 7.06
C SER A 65 -3.77 -2.65 6.53
N TYR A 66 -4.21 -3.75 5.94
CA TYR A 66 -5.57 -3.93 5.45
C TYR A 66 -6.07 -5.35 5.73
N LEU A 67 -7.38 -5.56 5.67
CA LEU A 67 -8.01 -6.81 6.08
C LEU A 67 -9.20 -7.14 5.15
N PRO A 68 -8.99 -7.93 4.09
CA PRO A 68 -10.08 -8.38 3.20
C PRO A 68 -10.90 -9.49 3.87
N VAL A 69 -12.16 -9.63 3.43
CA VAL A 69 -13.13 -10.59 4.02
C VAL A 69 -13.52 -11.77 3.14
N LEU A 70 -13.26 -11.70 1.83
CA LEU A 70 -13.38 -12.80 0.86
C LEU A 70 -12.27 -12.76 -0.20
N PRO A 71 -11.98 -13.88 -0.89
CA PRO A 71 -10.92 -13.97 -1.89
C PRO A 71 -11.30 -13.28 -3.21
N GLY A 72 -10.29 -13.03 -4.06
CA GLY A 72 -10.47 -12.42 -5.37
C GLY A 72 -9.28 -11.62 -5.94
N ASP A 73 -9.49 -11.09 -7.14
CA ASP A 73 -8.61 -10.11 -7.80
C ASP A 73 -8.99 -8.69 -7.32
N TYR A 74 -8.37 -8.26 -6.22
CA TYR A 74 -8.51 -6.89 -5.72
C TYR A 74 -7.54 -5.95 -6.46
N SER A 75 -7.80 -4.63 -6.39
CA SER A 75 -6.94 -3.56 -6.94
C SER A 75 -6.57 -2.56 -5.85
N ILE A 76 -5.36 -2.00 -5.95
CA ILE A 76 -4.78 -1.02 -5.00
C ILE A 76 -4.49 0.30 -5.73
N LEU A 77 -5.25 1.35 -5.44
CA LEU A 77 -5.02 2.73 -5.89
C LEU A 77 -4.32 3.49 -4.72
N VAL A 78 -3.05 3.83 -4.87
CA VAL A 78 -2.23 4.61 -3.91
C VAL A 78 -1.97 6.02 -4.42
N LYS A 79 -2.15 7.04 -3.59
CA LYS A 79 -1.76 8.44 -3.85
C LYS A 79 -1.00 9.06 -2.66
N TYR A 80 -0.15 10.07 -2.92
CA TYR A 80 0.55 10.81 -1.84
C TYR A 80 0.39 12.34 -1.82
N ASN A 81 0.14 12.91 -2.99
CA ASN A 81 0.05 14.35 -3.24
C ASN A 81 -1.06 14.70 -4.28
N GLU A 82 -2.27 14.17 -4.02
CA GLU A 82 -3.43 14.13 -4.95
C GLU A 82 -3.14 13.40 -6.27
N GLN A 83 -1.99 12.70 -6.35
CA GLN A 83 -1.39 12.08 -7.54
C GLN A 83 -0.84 10.70 -7.19
N HIS A 84 -0.87 9.74 -8.14
CA HIS A 84 -0.48 8.37 -7.84
C HIS A 84 1.02 8.18 -7.57
N VAL A 85 1.31 7.23 -6.69
CA VAL A 85 2.63 6.79 -6.31
C VAL A 85 3.36 6.03 -7.43
N PRO A 86 4.68 5.83 -7.30
CA PRO A 86 5.53 5.19 -8.32
C PRO A 86 5.08 3.74 -8.59
N GLY A 87 4.62 3.47 -9.82
CA GLY A 87 4.20 2.14 -10.31
C GLY A 87 2.74 1.77 -10.09
N SER A 88 1.95 2.58 -9.38
CA SER A 88 0.49 2.40 -9.24
C SER A 88 -0.31 2.54 -10.56
N PRO A 89 -1.52 1.96 -10.67
CA PRO A 89 -2.15 1.05 -9.68
C PRO A 89 -1.58 -0.40 -9.70
N PHE A 90 -1.99 -1.23 -8.74
CA PHE A 90 -1.61 -2.63 -8.56
C PHE A 90 -2.86 -3.54 -8.50
N THR A 91 -2.67 -4.86 -8.62
CA THR A 91 -3.74 -5.89 -8.60
C THR A 91 -3.32 -7.06 -7.70
N ALA A 92 -3.86 -7.11 -6.47
CA ALA A 92 -3.53 -8.08 -5.44
C ALA A 92 -4.45 -9.32 -5.52
N ARG A 93 -3.89 -10.53 -5.58
CA ARG A 93 -4.62 -11.81 -5.53
C ARG A 93 -4.74 -12.37 -4.12
N VAL A 94 -5.77 -11.96 -3.41
CA VAL A 94 -6.26 -12.42 -2.10
C VAL A 94 -6.74 -13.88 -2.14
N THR A 95 -6.05 -14.77 -1.40
CA THR A 95 -6.35 -16.20 -1.32
C THR A 95 -7.08 -16.59 -0.04
N GLY A 96 -7.96 -17.58 -0.12
CA GLY A 96 -8.81 -18.00 1.00
C GLY A 96 -8.07 -18.67 2.16
N ASP A 97 -8.75 -18.86 3.28
CA ASP A 97 -8.26 -19.59 4.46
C ASP A 97 -9.43 -20.17 5.32
N ASP A 98 -10.46 -19.35 5.60
CA ASP A 98 -11.65 -19.71 6.43
C ASP A 98 -12.49 -20.88 5.81
N GLY A 1 28.09 1.98 -11.54
CA GLY A 1 27.89 3.00 -10.49
C GLY A 1 27.21 2.42 -9.27
N ALA A 2 27.65 2.83 -8.07
CA ALA A 2 27.14 2.39 -6.77
C ALA A 2 27.19 3.53 -5.72
N MET A 3 26.89 3.24 -4.45
CA MET A 3 27.01 4.17 -3.30
C MET A 3 26.09 5.42 -3.40
N VAL A 4 25.00 5.32 -4.17
CA VAL A 4 24.01 6.39 -4.39
C VAL A 4 22.57 5.84 -4.30
N VAL A 5 21.62 6.69 -3.91
CA VAL A 5 20.20 6.35 -3.71
C VAL A 5 19.50 6.01 -5.02
N ASN A 6 18.88 4.83 -5.11
CA ASN A 6 18.24 4.29 -6.33
C ASN A 6 16.96 5.03 -6.78
N CYS A 7 16.25 5.69 -5.86
CA CYS A 7 15.06 6.50 -6.14
C CYS A 7 15.06 7.84 -5.35
N GLY A 8 14.86 7.82 -4.03
CA GLY A 8 14.90 9.00 -3.14
C GLY A 8 13.63 9.86 -3.12
N HIS A 9 12.54 9.41 -3.74
CA HIS A 9 11.20 10.00 -3.73
C HIS A 9 10.17 9.05 -3.07
N VAL A 10 8.93 9.51 -2.93
CA VAL A 10 7.78 8.75 -2.39
C VAL A 10 7.55 7.43 -3.14
N THR A 11 7.58 6.30 -2.40
CA THR A 11 7.53 4.91 -2.90
C THR A 11 6.75 3.96 -1.96
N ALA A 12 6.29 2.84 -2.53
CA ALA A 12 5.64 1.69 -1.90
C ALA A 12 6.42 0.38 -2.10
N TYR A 13 6.40 -0.48 -1.08
CA TYR A 13 7.00 -1.82 -1.09
C TYR A 13 6.38 -2.77 -0.04
N GLY A 14 6.64 -4.08 -0.22
CA GLY A 14 6.22 -5.18 0.68
C GLY A 14 5.41 -6.28 -0.03
N PRO A 15 5.20 -7.45 0.60
CA PRO A 15 4.43 -8.57 0.04
C PRO A 15 2.97 -8.22 -0.29
N GLY A 16 2.35 -7.40 0.56
CA GLY A 16 0.93 -7.04 0.53
C GLY A 16 0.43 -6.39 -0.77
N LEU A 17 1.31 -5.75 -1.55
CA LEU A 17 1.01 -5.15 -2.86
C LEU A 17 0.89 -6.18 -4.02
N THR A 18 1.32 -7.42 -3.79
CA THR A 18 1.47 -8.49 -4.80
C THR A 18 0.70 -9.76 -4.40
N HIS A 19 0.70 -10.13 -3.12
CA HIS A 19 -0.07 -11.24 -2.56
C HIS A 19 -0.81 -10.85 -1.27
N GLY A 20 -1.65 -11.73 -0.76
CA GLY A 20 -2.42 -11.52 0.48
C GLY A 20 -2.83 -12.85 1.18
N VAL A 21 -3.45 -12.74 2.35
CA VAL A 21 -4.01 -13.87 3.11
C VAL A 21 -5.43 -13.53 3.58
N VAL A 22 -6.45 -14.21 3.05
CA VAL A 22 -7.84 -14.01 3.45
C VAL A 22 -8.04 -14.27 4.95
N ASN A 23 -8.83 -13.40 5.61
CA ASN A 23 -9.11 -13.39 7.04
C ASN A 23 -7.89 -13.21 7.98
N LYS A 24 -6.68 -12.90 7.45
CA LYS A 24 -5.52 -12.52 8.28
C LYS A 24 -5.01 -11.10 7.89
N PRO A 25 -4.53 -10.26 8.83
CA PRO A 25 -4.20 -8.86 8.56
C PRO A 25 -3.09 -8.69 7.51
N ALA A 26 -3.43 -8.07 6.37
CA ALA A 26 -2.46 -7.66 5.36
C ALA A 26 -1.85 -6.26 5.65
N THR A 27 -0.59 -6.04 5.25
CA THR A 27 0.12 -4.75 5.44
C THR A 27 1.10 -4.47 4.30
N PHE A 28 1.57 -3.22 4.22
CA PHE A 28 2.69 -2.77 3.38
C PHE A 28 3.43 -1.61 4.07
N THR A 29 4.55 -1.19 3.48
CA THR A 29 5.30 -0.01 3.88
C THR A 29 5.54 0.90 2.68
N VAL A 30 5.34 2.16 2.97
CA VAL A 30 5.22 3.28 2.08
C VAL A 30 5.83 4.47 2.83
N ASN A 31 6.82 5.11 2.21
CA ASN A 31 7.68 6.09 2.88
C ASN A 31 7.77 7.38 2.07
N THR A 32 7.33 8.49 2.68
CA THR A 32 7.12 9.80 2.04
C THR A 32 8.37 10.66 1.96
N LYS A 33 9.39 10.15 1.26
CA LYS A 33 10.67 10.84 0.98
C LYS A 33 10.46 12.09 0.12
N ASP A 34 10.97 13.22 0.61
CA ASP A 34 10.90 14.55 -0.03
C ASP A 34 9.49 15.10 -0.30
N ALA A 35 8.43 14.46 0.27
CA ALA A 35 7.03 14.85 0.10
C ALA A 35 6.65 16.18 0.80
N GLY A 36 7.49 16.72 1.68
CA GLY A 36 7.32 17.95 2.44
C GLY A 36 6.10 17.94 3.37
N GLU A 37 4.96 18.51 2.96
CA GLU A 37 3.71 18.52 3.75
C GLU A 37 2.91 17.19 3.73
N GLY A 38 3.40 16.23 2.93
CA GLY A 38 2.84 14.88 2.78
C GLY A 38 1.64 14.89 1.84
N GLY A 39 0.43 14.76 2.38
CA GLY A 39 -0.82 14.78 1.59
C GLY A 39 -1.13 13.53 0.77
N LEU A 40 -0.41 12.43 0.95
CA LEU A 40 -0.70 11.13 0.35
C LEU A 40 -1.99 10.52 0.90
N SER A 41 -2.84 9.97 0.02
CA SER A 41 -4.02 9.15 0.34
C SER A 41 -3.97 7.83 -0.45
N LEU A 42 -4.79 6.85 -0.08
CA LEU A 42 -4.98 5.61 -0.82
C LEU A 42 -6.33 4.94 -0.57
N ALA A 43 -6.59 3.89 -1.33
CA ALA A 43 -7.69 2.95 -1.11
C ALA A 43 -7.30 1.52 -1.52
N ILE A 44 -8.15 0.53 -1.17
CA ILE A 44 -8.10 -0.87 -1.61
C ILE A 44 -9.46 -1.24 -2.22
N GLU A 45 -9.43 -1.82 -3.42
CA GLU A 45 -10.59 -2.31 -4.17
C GLU A 45 -10.37 -3.77 -4.61
N GLY A 46 -11.36 -4.40 -5.26
CA GLY A 46 -11.30 -5.73 -5.86
C GLY A 46 -12.69 -6.36 -5.93
N PRO A 47 -12.89 -7.60 -5.46
CA PRO A 47 -14.22 -8.21 -5.32
C PRO A 47 -14.99 -7.68 -4.09
N SER A 48 -14.28 -6.98 -3.21
CA SER A 48 -14.66 -6.58 -1.86
C SER A 48 -13.85 -5.35 -1.43
N LYS A 49 -14.11 -4.80 -0.24
CA LYS A 49 -13.41 -3.65 0.37
C LYS A 49 -13.00 -3.98 1.81
N ALA A 50 -11.70 -4.19 2.02
CA ALA A 50 -11.11 -4.39 3.33
C ALA A 50 -11.24 -3.13 4.24
N GLU A 51 -11.21 -3.30 5.56
CA GLU A 51 -11.21 -2.20 6.55
C GLU A 51 -9.80 -1.58 6.66
N ILE A 52 -9.56 -0.46 5.97
CA ILE A 52 -8.26 0.26 5.93
C ILE A 52 -8.02 1.05 7.24
N SER A 53 -6.84 0.88 7.84
CA SER A 53 -6.31 1.60 9.00
C SER A 53 -4.88 2.10 8.75
N CYS A 54 -4.47 3.15 9.45
CA CYS A 54 -3.10 3.68 9.45
C CYS A 54 -2.75 4.39 10.78
N THR A 55 -1.47 4.76 10.95
CA THR A 55 -0.96 5.52 12.11
C THR A 55 -0.04 6.64 11.63
N ASP A 56 -0.21 7.84 12.19
CA ASP A 56 0.49 9.10 11.90
C ASP A 56 1.96 9.17 12.43
N ASN A 57 2.70 8.06 12.31
CA ASN A 57 4.07 7.91 12.79
C ASN A 57 5.03 8.90 12.10
N GLN A 58 5.62 9.77 12.90
CA GLN A 58 6.59 10.78 12.48
C GLN A 58 7.95 10.21 12.02
N ASP A 59 8.13 8.88 11.95
CA ASP A 59 9.29 8.25 11.30
C ASP A 59 9.19 8.30 9.76
N GLY A 60 8.07 8.77 9.20
CA GLY A 60 7.81 8.90 7.77
C GLY A 60 7.03 7.73 7.14
N THR A 61 6.71 6.70 7.93
CA THR A 61 5.96 5.52 7.47
C THR A 61 4.45 5.80 7.40
N CYS A 62 3.85 5.48 6.25
CA CYS A 62 2.40 5.45 6.08
C CYS A 62 1.95 4.01 6.32
N SER A 63 1.92 3.63 7.59
CA SER A 63 1.73 2.25 8.10
C SER A 63 0.30 1.72 7.88
N VAL A 64 -0.06 1.47 6.61
CA VAL A 64 -1.35 0.91 6.16
C VAL A 64 -1.47 -0.56 6.57
N SER A 65 -2.54 -0.86 7.31
CA SER A 65 -3.02 -2.22 7.61
C SER A 65 -4.47 -2.38 7.17
N TYR A 66 -4.81 -3.60 6.79
CA TYR A 66 -6.14 -3.96 6.26
C TYR A 66 -6.40 -5.46 6.43
N LEU A 67 -7.63 -5.89 6.15
CA LEU A 67 -8.07 -7.26 6.35
C LEU A 67 -8.97 -7.72 5.18
N PRO A 68 -8.44 -8.35 4.13
CA PRO A 68 -9.25 -8.93 3.05
C PRO A 68 -10.08 -10.12 3.55
N VAL A 69 -11.41 -10.01 3.49
CA VAL A 69 -12.37 -11.02 3.98
C VAL A 69 -12.81 -12.06 2.92
N LEU A 70 -12.40 -11.86 1.66
CA LEU A 70 -12.80 -12.69 0.50
C LEU A 70 -11.63 -12.93 -0.48
N PRO A 71 -11.35 -14.17 -0.92
CA PRO A 71 -10.28 -14.48 -1.89
C PRO A 71 -10.41 -13.70 -3.21
N GLY A 72 -9.38 -12.95 -3.59
CA GLY A 72 -9.49 -12.00 -4.71
C GLY A 72 -8.18 -11.44 -5.28
N ASP A 73 -8.34 -10.64 -6.35
CA ASP A 73 -7.27 -9.89 -7.04
C ASP A 73 -7.46 -8.40 -6.75
N TYR A 74 -7.08 -7.96 -5.55
CA TYR A 74 -7.36 -6.60 -5.08
C TYR A 74 -6.47 -5.56 -5.78
N SER A 75 -6.93 -4.32 -5.95
CA SER A 75 -6.14 -3.16 -6.43
C SER A 75 -5.77 -2.24 -5.27
N ILE A 76 -4.48 -1.98 -5.05
CA ILE A 76 -4.05 -0.91 -4.15
C ILE A 76 -4.01 0.42 -4.94
N LEU A 77 -4.92 1.34 -4.66
CA LEU A 77 -5.01 2.66 -5.32
C LEU A 77 -4.15 3.67 -4.55
N VAL A 78 -2.84 3.76 -4.79
CA VAL A 78 -1.98 4.75 -4.10
C VAL A 78 -2.10 6.13 -4.75
N LYS A 79 -2.92 7.03 -4.19
CA LYS A 79 -3.27 8.39 -4.67
C LYS A 79 -2.47 9.49 -3.97
N TYR A 80 -1.26 9.76 -4.45
CA TYR A 80 -0.46 10.88 -4.01
C TYR A 80 -1.09 12.21 -4.49
N ASN A 81 -1.76 12.93 -3.58
CA ASN A 81 -2.60 14.09 -3.86
C ASN A 81 -3.64 13.83 -4.99
N GLU A 82 -4.54 12.88 -4.72
CA GLU A 82 -5.74 12.55 -5.51
C GLU A 82 -5.49 12.05 -6.95
N GLN A 83 -4.23 11.75 -7.31
CA GLN A 83 -3.86 11.06 -8.55
C GLN A 83 -2.80 9.99 -8.29
N HIS A 84 -2.83 8.87 -9.03
CA HIS A 84 -2.01 7.71 -8.70
C HIS A 84 -0.49 7.93 -8.84
N VAL A 85 0.27 7.33 -7.93
CA VAL A 85 1.74 7.29 -7.90
C VAL A 85 2.34 6.48 -9.06
N PRO A 86 3.66 6.62 -9.32
CA PRO A 86 4.39 5.99 -10.44
C PRO A 86 4.18 4.47 -10.46
N GLY A 87 3.46 3.97 -11.47
CA GLY A 87 3.20 2.55 -11.73
C GLY A 87 1.98 1.91 -11.00
N SER A 88 1.27 2.66 -10.14
CA SER A 88 0.00 2.24 -9.49
C SER A 88 -1.15 2.10 -10.50
N PRO A 89 -2.22 1.33 -10.17
CA PRO A 89 -2.39 0.54 -8.96
C PRO A 89 -1.59 -0.79 -8.91
N PHE A 90 -1.55 -1.43 -7.74
CA PHE A 90 -0.87 -2.72 -7.49
C PHE A 90 -1.89 -3.86 -7.31
N THR A 91 -1.85 -4.85 -8.21
CA THR A 91 -2.69 -6.08 -8.20
C THR A 91 -2.21 -7.08 -7.14
N ALA A 92 -2.81 -7.05 -5.95
CA ALA A 92 -2.55 -7.91 -4.81
C ALA A 92 -3.39 -9.20 -4.80
N ARG A 93 -2.78 -10.33 -5.16
CA ARG A 93 -3.42 -11.66 -5.22
C ARG A 93 -3.49 -12.35 -3.85
N VAL A 94 -4.49 -11.96 -3.07
CA VAL A 94 -4.94 -12.56 -1.81
C VAL A 94 -5.38 -14.04 -1.98
N THR A 95 -4.50 -14.99 -1.63
CA THR A 95 -4.87 -16.42 -1.53
C THR A 95 -5.73 -16.70 -0.28
N GLY A 96 -6.58 -17.73 -0.37
CA GLY A 96 -7.56 -18.10 0.66
C GLY A 96 -7.34 -19.49 1.28
N ASP A 97 -7.94 -19.70 2.45
CA ASP A 97 -8.02 -20.99 3.16
C ASP A 97 -9.36 -21.75 3.00
N ASP A 98 -10.32 -21.11 2.32
CA ASP A 98 -11.70 -21.57 2.03
C ASP A 98 -11.98 -21.66 0.51
N GLY A 1 23.39 10.11 -21.43
CA GLY A 1 22.38 10.69 -20.53
C GLY A 1 22.82 10.57 -19.08
N ALA A 2 23.29 11.68 -18.49
CA ALA A 2 23.74 11.72 -17.10
C ALA A 2 22.56 11.66 -16.09
N MET A 3 22.89 11.47 -14.80
CA MET A 3 21.96 11.43 -13.66
C MET A 3 22.54 12.21 -12.47
N VAL A 4 21.67 12.68 -11.58
CA VAL A 4 21.99 13.46 -10.37
C VAL A 4 21.36 12.90 -9.09
N VAL A 5 20.49 11.88 -9.19
CA VAL A 5 19.69 11.31 -8.08
C VAL A 5 20.57 10.82 -6.93
N ASN A 6 20.58 11.59 -5.84
CA ASN A 6 21.27 11.25 -4.58
C ASN A 6 20.39 11.45 -3.31
N CYS A 7 19.18 12.00 -3.48
CA CYS A 7 18.14 12.14 -2.47
C CYS A 7 16.95 11.23 -2.83
N GLY A 8 16.26 10.67 -1.84
CA GLY A 8 15.13 9.73 -2.03
C GLY A 8 13.77 10.42 -2.23
N HIS A 9 12.76 9.58 -2.47
CA HIS A 9 11.33 9.93 -2.53
C HIS A 9 10.45 8.78 -1.96
N VAL A 10 9.16 9.07 -1.76
CA VAL A 10 8.13 8.12 -1.28
C VAL A 10 7.96 6.90 -2.21
N THR A 11 7.78 5.72 -1.62
CA THR A 11 7.61 4.40 -2.29
C THR A 11 6.66 3.49 -1.50
N ALA A 12 6.16 2.42 -2.14
CA ALA A 12 5.33 1.36 -1.54
C ALA A 12 5.81 -0.03 -2.01
N TYR A 13 5.93 -0.98 -1.08
CA TYR A 13 6.40 -2.34 -1.31
C TYR A 13 5.99 -3.31 -0.17
N GLY A 14 6.13 -4.61 -0.42
CA GLY A 14 5.96 -5.70 0.57
C GLY A 14 5.10 -6.88 0.07
N PRO A 15 5.07 -7.99 0.83
CA PRO A 15 4.39 -9.23 0.44
C PRO A 15 2.86 -9.13 0.52
N GLY A 16 2.28 -8.17 1.26
CA GLY A 16 0.83 -7.90 1.28
C GLY A 16 0.26 -7.55 -0.11
N LEU A 17 1.06 -6.85 -0.93
CA LEU A 17 0.73 -6.52 -2.32
C LEU A 17 0.78 -7.75 -3.27
N THR A 18 1.19 -8.92 -2.79
CA THR A 18 1.23 -10.20 -3.50
C THR A 18 0.26 -11.26 -2.92
N HIS A 19 0.14 -11.38 -1.59
CA HIS A 19 -0.74 -12.33 -0.90
C HIS A 19 -1.55 -11.70 0.24
N GLY A 20 -2.80 -12.16 0.37
CA GLY A 20 -3.74 -11.75 1.43
C GLY A 20 -4.27 -12.93 2.27
N VAL A 21 -4.94 -12.66 3.40
CA VAL A 21 -5.60 -13.65 4.25
C VAL A 21 -6.97 -13.14 4.70
N VAL A 22 -8.06 -13.73 4.20
CA VAL A 22 -9.45 -13.31 4.49
C VAL A 22 -9.72 -13.29 6.00
N ASN A 23 -10.22 -12.17 6.52
CA ASN A 23 -10.51 -11.90 7.95
C ASN A 23 -9.29 -11.85 8.89
N LYS A 24 -8.03 -11.75 8.38
CA LYS A 24 -6.83 -11.51 9.18
C LYS A 24 -6.04 -10.28 8.66
N PRO A 25 -5.60 -9.35 9.54
CA PRO A 25 -5.04 -8.06 9.13
C PRO A 25 -3.84 -8.18 8.17
N ALA A 26 -4.05 -7.79 6.91
CA ALA A 26 -2.98 -7.69 5.92
C ALA A 26 -2.21 -6.36 6.08
N THR A 27 -0.93 -6.33 5.67
CA THR A 27 -0.04 -5.15 5.84
C THR A 27 0.98 -5.00 4.71
N PHE A 28 1.44 -3.78 4.45
CA PHE A 28 2.59 -3.48 3.60
C PHE A 28 3.37 -2.23 4.05
N THR A 29 4.54 -2.01 3.47
CA THR A 29 5.49 -0.94 3.86
C THR A 29 5.44 0.21 2.87
N VAL A 30 5.32 1.43 3.42
CA VAL A 30 5.49 2.69 2.70
C VAL A 30 6.45 3.58 3.48
N ASN A 31 7.20 4.38 2.75
CA ASN A 31 8.38 5.10 3.23
C ASN A 31 8.32 6.60 2.85
N THR A 32 7.52 7.34 3.60
CA THR A 32 7.18 8.75 3.44
C THR A 32 8.27 9.67 4.05
N LYS A 33 9.21 10.15 3.23
CA LYS A 33 10.25 11.08 3.71
C LYS A 33 9.68 12.37 4.32
N ASP A 34 8.48 12.78 3.88
CA ASP A 34 7.68 13.87 4.47
C ASP A 34 6.16 13.56 4.46
N ALA A 35 5.57 13.51 3.25
CA ALA A 35 4.13 13.35 2.92
C ALA A 35 3.16 14.39 3.55
N GLY A 36 3.16 14.57 4.87
CA GLY A 36 2.35 15.55 5.60
C GLY A 36 0.82 15.32 5.46
N GLU A 37 0.06 16.38 5.73
CA GLU A 37 -1.42 16.39 5.82
C GLU A 37 -2.19 16.15 4.50
N GLY A 38 -1.46 16.01 3.39
CA GLY A 38 -2.00 15.84 2.03
C GLY A 38 -0.95 15.29 1.05
N GLY A 39 -0.69 13.98 1.12
CA GLY A 39 0.28 13.30 0.26
C GLY A 39 -0.19 11.91 -0.18
N LEU A 40 0.29 10.87 0.50
CA LEU A 40 0.00 9.47 0.23
C LEU A 40 -1.47 9.13 0.52
N SER A 41 -2.21 8.62 -0.47
CA SER A 41 -3.61 8.17 -0.38
C SER A 41 -3.81 6.79 -1.03
N LEU A 42 -4.77 5.99 -0.55
CA LEU A 42 -5.02 4.61 -0.99
C LEU A 42 -6.45 4.31 -1.41
N ALA A 43 -6.60 3.27 -2.24
CA ALA A 43 -7.87 2.60 -2.56
C ALA A 43 -7.58 1.13 -2.95
N ILE A 44 -8.58 0.27 -2.86
CA ILE A 44 -8.54 -1.15 -3.23
C ILE A 44 -9.69 -1.45 -4.20
N GLU A 45 -9.45 -2.35 -5.16
CA GLU A 45 -10.45 -2.95 -6.04
C GLU A 45 -10.43 -4.48 -5.97
N GLY A 46 -11.52 -5.12 -6.40
CA GLY A 46 -11.78 -6.55 -6.21
C GLY A 46 -13.29 -6.89 -6.19
N PRO A 47 -13.68 -8.10 -5.71
CA PRO A 47 -15.09 -8.45 -5.48
C PRO A 47 -15.68 -7.70 -4.28
N SER A 48 -14.81 -7.13 -3.43
CA SER A 48 -15.08 -6.60 -2.08
C SER A 48 -14.07 -5.53 -1.70
N LYS A 49 -14.43 -4.59 -0.81
CA LYS A 49 -13.55 -3.49 -0.35
C LYS A 49 -12.94 -3.82 1.00
N ALA A 50 -11.63 -3.58 1.15
CA ALA A 50 -10.92 -3.67 2.42
C ALA A 50 -11.28 -2.54 3.40
N GLU A 51 -10.93 -2.71 4.68
CA GLU A 51 -11.02 -1.67 5.73
C GLU A 51 -9.59 -1.17 6.08
N ILE A 52 -9.23 0.03 5.61
CA ILE A 52 -7.84 0.56 5.62
C ILE A 52 -7.54 1.46 6.83
N SER A 53 -6.32 1.36 7.36
CA SER A 53 -5.70 2.12 8.47
C SER A 53 -4.20 2.39 8.19
N CYS A 54 -3.54 3.23 9.02
CA CYS A 54 -2.11 3.58 8.92
C CYS A 54 -1.46 3.92 10.28
N THR A 55 -0.12 3.92 10.34
CA THR A 55 0.65 4.21 11.58
C THR A 55 1.94 4.96 11.22
N ASP A 56 2.11 6.17 11.77
CA ASP A 56 3.38 6.90 11.73
C ASP A 56 4.40 6.25 12.68
N ASN A 57 5.23 5.36 12.16
CA ASN A 57 6.23 4.64 12.94
C ASN A 57 7.52 5.46 13.14
N GLN A 58 8.30 5.02 14.12
CA GLN A 58 9.57 5.62 14.57
C GLN A 58 10.68 5.64 13.50
N ASP A 59 10.60 4.73 12.51
CA ASP A 59 11.51 4.63 11.37
C ASP A 59 11.15 5.62 10.23
N GLY A 60 10.03 6.36 10.37
CA GLY A 60 9.55 7.35 9.41
C GLY A 60 8.62 6.76 8.32
N THR A 61 8.32 5.47 8.38
CA THR A 61 7.33 4.79 7.54
C THR A 61 5.89 5.20 7.91
N CYS A 62 4.95 5.01 6.97
CA CYS A 62 3.53 5.33 7.14
C CYS A 62 2.64 4.08 7.41
N SER A 63 3.29 2.93 7.64
CA SER A 63 2.81 1.56 7.92
C SER A 63 1.32 1.33 7.65
N VAL A 64 0.96 1.14 6.39
CA VAL A 64 -0.41 0.78 5.98
C VAL A 64 -0.80 -0.61 6.53
N SER A 65 -1.96 -0.68 7.17
CA SER A 65 -2.64 -1.91 7.60
C SER A 65 -4.07 -1.93 7.05
N TYR A 66 -4.55 -3.10 6.64
CA TYR A 66 -5.89 -3.26 6.08
C TYR A 66 -6.48 -4.64 6.37
N LEU A 67 -7.78 -4.80 6.18
CA LEU A 67 -8.49 -6.05 6.45
C LEU A 67 -9.39 -6.46 5.26
N PRO A 68 -9.01 -7.50 4.49
CA PRO A 68 -9.91 -8.10 3.50
C PRO A 68 -10.95 -8.96 4.21
N VAL A 69 -12.18 -9.01 3.70
CA VAL A 69 -13.36 -9.63 4.34
C VAL A 69 -14.07 -10.70 3.49
N LEU A 70 -13.64 -10.87 2.24
CA LEU A 70 -14.16 -11.84 1.26
C LEU A 70 -13.05 -12.27 0.27
N PRO A 71 -12.86 -13.58 -0.01
CA PRO A 71 -11.79 -14.09 -0.88
C PRO A 71 -11.79 -13.46 -2.28
N GLY A 72 -10.61 -13.04 -2.78
CA GLY A 72 -10.52 -12.38 -4.10
C GLY A 72 -9.14 -11.90 -4.54
N ASP A 73 -9.12 -11.34 -5.74
CA ASP A 73 -7.96 -10.69 -6.38
C ASP A 73 -7.99 -9.17 -6.11
N TYR A 74 -7.29 -8.76 -5.04
CA TYR A 74 -7.34 -7.40 -4.50
C TYR A 74 -6.29 -6.51 -5.20
N SER A 75 -6.72 -5.68 -6.14
CA SER A 75 -5.88 -4.63 -6.73
C SER A 75 -5.64 -3.53 -5.70
N ILE A 76 -4.38 -3.04 -5.57
CA ILE A 76 -3.97 -1.97 -4.68
C ILE A 76 -3.64 -0.71 -5.47
N LEU A 77 -4.32 0.41 -5.19
CA LEU A 77 -4.21 1.69 -5.91
C LEU A 77 -3.57 2.73 -4.99
N VAL A 78 -2.25 2.70 -4.85
CA VAL A 78 -1.48 3.71 -4.07
C VAL A 78 -1.27 4.95 -4.93
N LYS A 79 -1.66 6.13 -4.46
CA LYS A 79 -1.36 7.44 -5.07
C LYS A 79 -0.58 8.34 -4.11
N TYR A 80 0.05 9.37 -4.67
CA TYR A 80 0.68 10.47 -3.96
C TYR A 80 0.33 11.82 -4.61
N ASN A 81 -0.49 12.62 -3.91
CA ASN A 81 -1.07 13.92 -4.29
C ASN A 81 -2.07 13.87 -5.46
N GLU A 82 -1.74 13.18 -6.56
CA GLU A 82 -2.60 13.09 -7.77
C GLU A 82 -2.42 11.81 -8.60
N GLN A 83 -1.22 11.20 -8.61
CA GLN A 83 -0.80 10.12 -9.53
C GLN A 83 -0.35 8.88 -8.74
N HIS A 84 -0.33 7.70 -9.39
CA HIS A 84 0.10 6.46 -8.76
C HIS A 84 1.59 6.49 -8.41
N VAL A 85 1.91 5.87 -7.29
CA VAL A 85 3.26 5.80 -6.71
C VAL A 85 4.20 4.87 -7.51
N PRO A 86 5.52 4.93 -7.27
CA PRO A 86 6.54 4.16 -7.98
C PRO A 86 6.26 2.65 -7.94
N GLY A 87 5.89 2.07 -9.08
CA GLY A 87 5.57 0.66 -9.28
C GLY A 87 4.09 0.29 -9.10
N SER A 88 3.23 1.21 -8.63
CA SER A 88 1.76 1.01 -8.57
C SER A 88 1.10 1.08 -9.95
N PRO A 89 -0.10 0.52 -10.16
CA PRO A 89 -0.85 -0.31 -9.22
C PRO A 89 -0.24 -1.73 -9.02
N PHE A 90 -0.73 -2.42 -8.00
CA PHE A 90 -0.38 -3.81 -7.62
C PHE A 90 -1.64 -4.70 -7.61
N THR A 91 -1.49 -6.02 -7.58
CA THR A 91 -2.57 -7.04 -7.50
C THR A 91 -2.19 -8.17 -6.55
N ALA A 92 -2.72 -8.14 -5.33
CA ALA A 92 -2.59 -9.22 -4.35
C ALA A 92 -3.60 -10.36 -4.59
N ARG A 93 -3.31 -11.52 -4.02
CA ARG A 93 -4.20 -12.71 -3.96
C ARG A 93 -4.53 -13.07 -2.51
N VAL A 94 -5.67 -12.58 -2.04
CA VAL A 94 -6.31 -12.94 -0.78
C VAL A 94 -6.92 -14.36 -0.85
N THR A 95 -6.13 -15.36 -0.47
CA THR A 95 -6.66 -16.74 -0.28
C THR A 95 -7.57 -16.79 0.97
N GLY A 96 -8.57 -17.67 0.98
CA GLY A 96 -9.63 -17.72 1.97
C GLY A 96 -9.74 -19.08 2.67
N ASP A 97 -10.01 -19.02 3.97
CA ASP A 97 -10.30 -20.16 4.85
C ASP A 97 -11.79 -20.24 5.31
N ASP A 98 -12.61 -19.25 4.95
CA ASP A 98 -14.06 -19.15 5.21
C ASP A 98 -14.87 -20.34 4.63
N GLY A 1 33.30 6.43 -2.05
CA GLY A 1 33.34 5.35 -3.06
C GLY A 1 32.54 5.71 -4.30
N ALA A 2 31.84 4.73 -4.89
CA ALA A 2 30.98 4.91 -6.06
C ALA A 2 29.72 5.77 -5.76
N MET A 3 29.00 6.19 -6.79
CA MET A 3 27.78 7.01 -6.67
C MET A 3 26.61 6.21 -6.08
N VAL A 4 26.13 6.63 -4.91
CA VAL A 4 24.93 6.07 -4.25
C VAL A 4 23.63 6.33 -5.04
N VAL A 5 22.57 5.58 -4.72
CA VAL A 5 21.22 5.77 -5.29
C VAL A 5 20.58 7.11 -4.81
N ASN A 6 19.68 7.67 -5.63
CA ASN A 6 19.03 8.98 -5.40
C ASN A 6 17.60 8.89 -4.80
N CYS A 7 17.10 7.67 -4.52
CA CYS A 7 15.75 7.38 -4.00
C CYS A 7 15.48 8.02 -2.60
N GLY A 8 14.91 9.22 -2.58
CA GLY A 8 14.56 10.03 -1.39
C GLY A 8 13.18 10.67 -1.47
N HIS A 9 12.24 10.04 -2.18
CA HIS A 9 10.89 10.55 -2.51
C HIS A 9 9.82 9.46 -2.27
N VAL A 10 8.54 9.82 -2.35
CA VAL A 10 7.42 8.90 -2.04
C VAL A 10 7.24 7.82 -3.11
N THR A 11 7.22 6.57 -2.65
CA THR A 11 6.99 5.32 -3.42
C THR A 11 6.12 4.35 -2.59
N ALA A 12 5.64 3.26 -3.21
CA ALA A 12 4.88 2.21 -2.55
C ALA A 12 5.40 0.80 -3.01
N TYR A 13 5.57 -0.13 -2.07
CA TYR A 13 6.03 -1.51 -2.31
C TYR A 13 5.59 -2.50 -1.22
N GLY A 14 5.74 -3.82 -1.46
CA GLY A 14 5.44 -4.90 -0.51
C GLY A 14 4.60 -6.03 -1.10
N PRO A 15 4.52 -7.20 -0.43
CA PRO A 15 3.80 -8.38 -0.92
C PRO A 15 2.27 -8.21 -0.92
N GLY A 16 1.73 -7.37 -0.03
CA GLY A 16 0.29 -7.08 0.08
C GLY A 16 -0.33 -6.30 -1.08
N LEU A 17 0.47 -5.82 -2.05
CA LEU A 17 -0.01 -5.25 -3.32
C LEU A 17 -0.14 -6.32 -4.43
N THR A 18 0.28 -7.57 -4.17
CA THR A 18 0.44 -8.63 -5.20
C THR A 18 -0.27 -9.94 -4.79
N HIS A 19 -0.16 -10.35 -3.53
CA HIS A 19 -0.81 -11.54 -2.93
C HIS A 19 -1.46 -11.19 -1.58
N GLY A 20 -2.32 -12.07 -1.08
CA GLY A 20 -3.08 -11.89 0.17
C GLY A 20 -3.38 -13.19 0.90
N VAL A 21 -3.96 -13.11 2.10
CA VAL A 21 -4.42 -14.22 2.94
C VAL A 21 -5.63 -13.72 3.73
N VAL A 22 -6.59 -14.61 4.01
CA VAL A 22 -7.91 -14.18 4.53
C VAL A 22 -8.18 -14.58 5.99
N ASN A 23 -9.02 -13.76 6.67
CA ASN A 23 -9.28 -13.74 8.11
C ASN A 23 -8.04 -13.51 9.01
N LYS A 24 -6.90 -13.12 8.43
CA LYS A 24 -5.71 -12.63 9.12
C LYS A 24 -5.14 -11.41 8.35
N PRO A 25 -4.28 -10.58 8.98
CA PRO A 25 -3.83 -9.32 8.37
C PRO A 25 -2.89 -9.51 7.18
N ALA A 26 -2.91 -8.49 6.31
CA ALA A 26 -1.97 -8.27 5.21
C ALA A 26 -1.54 -6.81 5.15
N THR A 27 -0.35 -6.52 4.65
CA THR A 27 0.25 -5.18 4.76
C THR A 27 1.18 -4.84 3.58
N PHE A 28 1.48 -3.54 3.43
CA PHE A 28 2.51 -3.03 2.52
C PHE A 28 3.18 -1.76 3.09
N THR A 29 4.19 -1.25 2.39
CA THR A 29 5.04 -0.14 2.82
C THR A 29 4.93 1.05 1.87
N VAL A 30 4.82 2.25 2.45
CA VAL A 30 4.89 3.56 1.77
C VAL A 30 5.70 4.51 2.65
N ASN A 31 6.30 5.50 2.00
CA ASN A 31 7.32 6.38 2.61
C ASN A 31 7.19 7.85 2.15
N THR A 32 6.41 8.64 2.88
CA THR A 32 6.08 10.05 2.55
C THR A 32 7.17 11.07 2.93
N LYS A 33 8.32 10.63 3.45
CA LYS A 33 9.44 11.52 3.82
C LYS A 33 9.97 12.29 2.61
N ASP A 34 10.20 13.59 2.79
CA ASP A 34 10.73 14.58 1.83
C ASP A 34 9.93 14.69 0.50
N ALA A 35 8.70 14.15 0.46
CA ALA A 35 7.81 14.13 -0.71
C ALA A 35 7.27 15.50 -1.16
N GLY A 36 7.24 16.46 -0.22
CA GLY A 36 6.70 17.82 -0.43
C GLY A 36 5.69 18.21 0.66
N GLU A 37 5.07 19.37 0.46
CA GLU A 37 4.03 19.95 1.33
C GLU A 37 2.63 19.28 1.18
N GLY A 38 2.53 18.32 0.25
CA GLY A 38 1.33 17.54 -0.09
C GLY A 38 0.91 16.50 0.95
N GLY A 39 -0.14 15.74 0.61
CA GLY A 39 -0.74 14.69 1.43
C GLY A 39 -1.14 13.49 0.58
N LEU A 40 -0.52 12.32 0.82
CA LEU A 40 -0.84 11.06 0.15
C LEU A 40 -2.30 10.67 0.36
N SER A 41 -2.94 10.05 -0.65
CA SER A 41 -4.27 9.46 -0.57
C SER A 41 -4.29 8.09 -1.26
N LEU A 42 -4.86 7.07 -0.62
CA LEU A 42 -5.13 5.77 -1.20
C LEU A 42 -6.46 5.16 -0.74
N ALA A 43 -6.86 4.10 -1.47
CA ALA A 43 -7.96 3.21 -1.12
C ALA A 43 -7.73 1.78 -1.60
N ILE A 44 -8.49 0.82 -1.07
CA ILE A 44 -8.58 -0.56 -1.55
C ILE A 44 -9.99 -0.82 -2.07
N GLU A 45 -10.11 -1.63 -3.14
CA GLU A 45 -11.35 -2.13 -3.71
C GLU A 45 -11.32 -3.66 -3.88
N GLY A 46 -12.50 -4.29 -4.00
CA GLY A 46 -12.65 -5.75 -4.03
C GLY A 46 -14.08 -6.19 -3.77
N PRO A 47 -14.33 -7.52 -3.65
CA PRO A 47 -15.69 -8.07 -3.37
C PRO A 47 -16.14 -7.83 -1.92
N SER A 48 -15.19 -7.70 -1.00
CA SER A 48 -15.37 -7.76 0.47
C SER A 48 -14.40 -6.81 1.21
N LYS A 49 -14.37 -5.59 0.65
CA LYS A 49 -13.52 -4.41 0.95
C LYS A 49 -13.05 -4.35 2.41
N ALA A 50 -11.75 -4.55 2.61
CA ALA A 50 -11.07 -4.48 3.91
C ALA A 50 -11.06 -3.06 4.50
N GLU A 51 -10.98 -2.96 5.83
CA GLU A 51 -10.80 -1.68 6.53
C GLU A 51 -9.33 -1.17 6.43
N ILE A 52 -9.16 0.13 6.25
CA ILE A 52 -7.86 0.82 6.16
C ILE A 52 -7.33 1.17 7.57
N SER A 53 -6.05 0.86 7.81
CA SER A 53 -5.26 1.28 8.97
C SER A 53 -3.80 1.54 8.55
N CYS A 54 -2.93 2.06 9.44
CA CYS A 54 -1.49 2.22 9.18
C CYS A 54 -0.63 2.13 10.46
N THR A 55 0.69 2.17 10.32
CA THR A 55 1.59 2.27 11.49
C THR A 55 1.33 3.57 12.26
N ASP A 56 1.56 3.56 13.58
CA ASP A 56 1.54 4.76 14.43
C ASP A 56 2.68 5.71 14.07
N ASN A 57 3.93 5.23 14.19
CA ASN A 57 5.16 5.83 13.67
C ASN A 57 6.31 4.80 13.71
N GLN A 58 7.40 5.11 12.99
CA GLN A 58 8.68 4.37 13.01
C GLN A 58 9.83 5.34 12.70
N ASP A 59 9.74 6.02 11.53
CA ASP A 59 10.75 6.96 11.02
C ASP A 59 10.17 8.14 10.21
N GLY A 60 8.95 7.99 9.70
CA GLY A 60 8.28 8.91 8.77
C GLY A 60 7.55 8.24 7.60
N THR A 61 7.42 6.90 7.62
CA THR A 61 6.58 6.09 6.74
C THR A 61 5.07 6.30 6.97
N CYS A 62 4.24 5.78 6.07
CA CYS A 62 2.77 5.76 6.16
C CYS A 62 2.20 4.32 6.11
N SER A 63 3.06 3.31 6.33
CA SER A 63 2.85 1.85 6.10
C SER A 63 1.46 1.35 6.43
N VAL A 64 0.65 1.12 5.38
CA VAL A 64 -0.78 0.75 5.45
C VAL A 64 -0.97 -0.75 5.73
N SER A 65 -1.95 -1.06 6.55
CA SER A 65 -2.38 -2.39 6.96
C SER A 65 -3.87 -2.61 6.72
N TYR A 66 -4.24 -3.81 6.29
CA TYR A 66 -5.62 -4.25 6.04
C TYR A 66 -5.84 -5.71 6.49
N LEU A 67 -7.08 -6.18 6.56
CA LEU A 67 -7.43 -7.51 7.10
C LEU A 67 -8.71 -8.04 6.41
N PRO A 68 -8.58 -8.70 5.24
CA PRO A 68 -9.72 -9.11 4.44
C PRO A 68 -10.44 -10.32 5.06
N VAL A 69 -11.71 -10.51 4.71
CA VAL A 69 -12.59 -11.53 5.31
C VAL A 69 -13.23 -12.49 4.29
N LEU A 70 -13.15 -12.21 2.98
CA LEU A 70 -13.51 -13.13 1.89
C LEU A 70 -12.52 -12.98 0.71
N PRO A 71 -11.94 -14.06 0.16
CA PRO A 71 -10.99 -14.01 -0.94
C PRO A 71 -11.43 -13.26 -2.19
N GLY A 72 -10.47 -12.89 -3.06
CA GLY A 72 -10.76 -12.01 -4.21
C GLY A 72 -9.54 -11.34 -4.83
N ASP A 73 -9.82 -10.50 -5.83
CA ASP A 73 -8.83 -9.65 -6.52
C ASP A 73 -8.93 -8.21 -5.96
N TYR A 74 -8.07 -7.90 -4.99
CA TYR A 74 -8.06 -6.65 -4.20
C TYR A 74 -7.22 -5.55 -4.86
N SER A 75 -7.86 -4.61 -5.57
CA SER A 75 -7.19 -3.45 -6.16
C SER A 75 -6.69 -2.50 -5.10
N ILE A 76 -5.53 -1.86 -5.31
CA ILE A 76 -4.91 -0.84 -4.46
C ILE A 76 -4.71 0.46 -5.28
N LEU A 77 -5.37 1.54 -4.91
CA LEU A 77 -5.46 2.78 -5.69
C LEU A 77 -4.67 3.92 -5.01
N VAL A 78 -3.35 3.94 -5.17
CA VAL A 78 -2.44 4.91 -4.49
C VAL A 78 -2.20 6.16 -5.34
N LYS A 79 -2.46 7.36 -4.81
CA LYS A 79 -2.18 8.67 -5.42
C LYS A 79 -1.36 9.61 -4.54
N TYR A 80 -0.66 10.54 -5.20
CA TYR A 80 0.00 11.68 -4.58
C TYR A 80 -0.13 12.87 -5.53
N ASN A 81 -0.59 14.01 -5.03
CA ASN A 81 -0.95 15.20 -5.79
C ASN A 81 -1.84 14.89 -7.02
N GLU A 82 -3.06 14.39 -6.76
CA GLU A 82 -4.16 13.99 -7.68
C GLU A 82 -3.81 13.01 -8.83
N GLN A 83 -2.63 12.41 -8.83
CA GLN A 83 -2.11 11.49 -9.85
C GLN A 83 -1.60 10.20 -9.18
N HIS A 84 -1.62 9.02 -9.83
CA HIS A 84 -1.14 7.78 -9.19
C HIS A 84 0.37 7.81 -8.87
N VAL A 85 0.73 7.09 -7.81
CA VAL A 85 2.11 6.87 -7.36
C VAL A 85 2.92 5.98 -8.32
N PRO A 86 4.25 5.92 -8.18
CA PRO A 86 5.18 5.19 -9.05
C PRO A 86 4.81 3.69 -9.17
N GLY A 87 4.19 3.31 -10.28
CA GLY A 87 3.77 1.94 -10.63
C GLY A 87 2.32 1.58 -10.30
N SER A 88 1.58 2.46 -9.63
CA SER A 88 0.16 2.30 -9.30
C SER A 88 -0.77 2.53 -10.53
N PRO A 89 -2.02 2.03 -10.53
CA PRO A 89 -2.66 1.17 -9.50
C PRO A 89 -2.09 -0.26 -9.47
N PHE A 90 -2.38 -0.98 -8.39
CA PHE A 90 -2.00 -2.38 -8.17
C PHE A 90 -3.23 -3.27 -7.98
N THR A 91 -3.08 -4.59 -8.06
CA THR A 91 -4.14 -5.58 -7.73
C THR A 91 -3.51 -6.81 -7.09
N ALA A 92 -3.73 -6.96 -5.79
CA ALA A 92 -3.36 -8.16 -5.03
C ALA A 92 -4.36 -9.32 -5.26
N ARG A 93 -3.95 -10.56 -4.96
CA ARG A 93 -4.84 -11.74 -4.99
C ARG A 93 -4.80 -12.57 -3.69
N VAL A 94 -5.76 -12.30 -2.81
CA VAL A 94 -6.10 -13.03 -1.56
C VAL A 94 -6.44 -14.50 -1.81
N THR A 95 -5.90 -15.39 -0.98
CA THR A 95 -6.25 -16.83 -0.95
C THR A 95 -7.05 -17.20 0.32
N GLY A 96 -7.78 -18.33 0.26
CA GLY A 96 -8.77 -18.74 1.27
C GLY A 96 -8.24 -19.56 2.46
N ASP A 97 -9.08 -19.69 3.51
CA ASP A 97 -8.85 -20.56 4.67
C ASP A 97 -9.10 -22.04 4.34
N ASP A 98 -10.12 -22.34 3.52
CA ASP A 98 -10.45 -23.68 3.00
C ASP A 98 -9.47 -24.15 1.89
N GLY A 1 15.72 3.42 -17.70
CA GLY A 1 16.32 4.42 -16.78
C GLY A 1 15.42 4.69 -15.59
N ALA A 2 15.94 5.41 -14.60
CA ALA A 2 15.24 5.83 -13.37
C ALA A 2 15.54 7.31 -13.01
N MET A 3 14.50 8.05 -12.61
CA MET A 3 14.52 9.49 -12.25
C MET A 3 14.14 9.73 -10.77
N VAL A 4 14.11 8.66 -9.97
CA VAL A 4 13.66 8.63 -8.56
C VAL A 4 14.52 9.46 -7.58
N VAL A 5 15.66 10.04 -8.00
CA VAL A 5 16.67 10.75 -7.19
C VAL A 5 16.15 11.93 -6.34
N ASN A 6 14.92 12.41 -6.57
CA ASN A 6 14.26 13.42 -5.73
C ASN A 6 12.90 12.93 -5.18
N CYS A 7 11.82 12.94 -5.96
CA CYS A 7 10.45 12.64 -5.52
C CYS A 7 10.15 11.16 -5.18
N GLY A 8 11.04 10.24 -5.56
CA GLY A 8 10.87 8.78 -5.44
C GLY A 8 11.49 8.15 -4.20
N HIS A 9 11.90 8.93 -3.20
CA HIS A 9 12.56 8.42 -1.99
C HIS A 9 11.59 7.63 -1.07
N VAL A 10 10.31 8.01 -1.03
CA VAL A 10 9.23 7.18 -0.44
C VAL A 10 8.93 6.00 -1.35
N THR A 11 8.83 4.80 -0.79
CA THR A 11 8.54 3.56 -1.53
C THR A 11 7.63 2.65 -0.70
N ALA A 12 6.93 1.72 -1.36
CA ALA A 12 6.08 0.73 -0.70
C ALA A 12 6.54 -0.69 -1.04
N TYR A 13 6.54 -1.58 -0.04
CA TYR A 13 7.03 -2.95 -0.13
C TYR A 13 6.36 -3.88 0.90
N GLY A 14 6.30 -5.18 0.56
CA GLY A 14 5.70 -6.26 1.35
C GLY A 14 4.91 -7.27 0.49
N PRO A 15 4.54 -8.42 1.05
CA PRO A 15 3.78 -9.46 0.33
C PRO A 15 2.37 -8.98 -0.02
N GLY A 16 1.84 -8.04 0.75
CA GLY A 16 0.52 -7.43 0.55
C GLY A 16 0.33 -6.61 -0.73
N LEU A 17 1.40 -6.36 -1.52
CA LEU A 17 1.31 -5.71 -2.83
C LEU A 17 1.19 -6.70 -4.00
N THR A 18 1.40 -8.01 -3.78
CA THR A 18 1.38 -9.05 -4.82
C THR A 18 0.44 -10.23 -4.52
N HIS A 19 0.21 -10.53 -3.25
CA HIS A 19 -0.65 -11.60 -2.75
C HIS A 19 -1.47 -11.12 -1.54
N GLY A 20 -2.39 -11.94 -1.04
CA GLY A 20 -3.18 -11.65 0.15
C GLY A 20 -3.83 -12.89 0.79
N VAL A 21 -4.50 -12.72 1.92
CA VAL A 21 -5.28 -13.78 2.61
C VAL A 21 -6.61 -13.23 3.13
N VAL A 22 -7.66 -14.06 3.09
CA VAL A 22 -9.08 -13.71 3.31
C VAL A 22 -9.50 -13.91 4.78
N ASN A 23 -10.36 -13.01 5.28
CA ASN A 23 -10.95 -12.94 6.62
C ASN A 23 -9.96 -12.86 7.81
N LYS A 24 -8.65 -12.64 7.56
CA LYS A 24 -7.64 -12.28 8.57
C LYS A 24 -6.75 -11.16 8.00
N PRO A 25 -6.34 -10.16 8.81
CA PRO A 25 -5.60 -8.98 8.38
C PRO A 25 -4.34 -9.28 7.54
N ALA A 26 -4.13 -8.44 6.52
CA ALA A 26 -2.95 -8.41 5.65
C ALA A 26 -2.27 -7.02 5.69
N THR A 27 -0.97 -6.93 5.35
CA THR A 27 -0.16 -5.71 5.55
C THR A 27 0.95 -5.47 4.52
N PHE A 28 1.44 -4.23 4.47
CA PHE A 28 2.66 -3.77 3.78
C PHE A 28 3.20 -2.46 4.37
N THR A 29 4.45 -2.13 4.04
CA THR A 29 5.21 -0.97 4.54
C THR A 29 5.34 0.12 3.47
N VAL A 30 5.44 1.39 3.88
CA VAL A 30 5.33 2.62 3.04
C VAL A 30 6.26 3.75 3.56
N ASN A 31 7.52 3.38 3.79
CA ASN A 31 8.56 4.19 4.43
C ASN A 31 8.73 5.61 3.83
N THR A 32 8.54 6.64 4.65
CA THR A 32 8.48 8.08 4.29
C THR A 32 9.80 8.84 4.59
N LYS A 33 10.89 8.12 4.86
CA LYS A 33 12.20 8.67 5.24
C LYS A 33 12.77 9.54 4.10
N ASP A 34 13.02 10.82 4.39
CA ASP A 34 13.51 11.89 3.50
C ASP A 34 12.65 12.07 2.22
N ALA A 35 11.37 11.71 2.27
CA ALA A 35 10.42 11.70 1.16
C ALA A 35 10.13 13.08 0.53
N GLY A 36 9.91 14.12 1.36
CA GLY A 36 9.43 15.42 0.90
C GLY A 36 8.58 16.18 1.94
N GLU A 37 7.74 17.10 1.48
CA GLU A 37 6.92 18.03 2.29
C GLU A 37 5.72 17.37 3.01
N GLY A 38 5.53 16.07 2.82
CA GLY A 38 4.39 15.27 3.33
C GLY A 38 3.29 15.03 2.29
N GLY A 39 2.22 14.34 2.69
CA GLY A 39 1.01 14.14 1.86
C GLY A 39 0.90 12.78 1.17
N LEU A 40 1.29 11.67 1.85
CA LEU A 40 1.06 10.29 1.41
C LEU A 40 -0.45 9.93 1.51
N SER A 41 -1.04 9.51 0.41
CA SER A 41 -2.44 9.09 0.27
C SER A 41 -2.55 7.80 -0.53
N LEU A 42 -3.24 6.79 -0.02
CA LEU A 42 -3.55 5.57 -0.76
C LEU A 42 -4.92 4.96 -0.42
N ALA A 43 -5.33 4.02 -1.27
CA ALA A 43 -6.48 3.16 -1.00
C ALA A 43 -6.27 1.76 -1.62
N ILE A 44 -7.04 0.78 -1.15
CA ILE A 44 -7.18 -0.56 -1.76
C ILE A 44 -8.57 -0.64 -2.36
N GLU A 45 -8.63 -0.94 -3.66
CA GLU A 45 -9.82 -1.31 -4.42
C GLU A 45 -9.84 -2.83 -4.70
N GLY A 46 -10.98 -3.36 -5.12
CA GLY A 46 -11.15 -4.79 -5.40
C GLY A 46 -12.60 -5.17 -5.67
N PRO A 47 -12.92 -6.48 -5.79
CA PRO A 47 -14.30 -6.96 -6.04
C PRO A 47 -15.21 -6.82 -4.82
N SER A 48 -14.63 -6.76 -3.62
CA SER A 48 -15.30 -6.91 -2.34
C SER A 48 -14.77 -5.98 -1.22
N LYS A 49 -13.98 -4.97 -1.61
CA LYS A 49 -13.50 -3.79 -0.84
C LYS A 49 -12.98 -4.07 0.58
N ALA A 50 -11.66 -4.16 0.76
CA ALA A 50 -11.00 -4.28 2.06
C ALA A 50 -11.19 -3.04 2.95
N GLU A 51 -11.14 -3.23 4.28
CA GLU A 51 -11.22 -2.16 5.28
C GLU A 51 -9.81 -1.59 5.60
N ILE A 52 -9.58 -0.30 5.35
CA ILE A 52 -8.26 0.38 5.46
C ILE A 52 -7.98 0.81 6.91
N SER A 53 -6.78 0.51 7.43
CA SER A 53 -6.23 0.99 8.70
C SER A 53 -4.73 1.28 8.52
N CYS A 54 -4.15 2.05 9.45
CA CYS A 54 -2.72 2.36 9.47
C CYS A 54 -2.20 2.64 10.90
N THR A 55 -0.88 2.70 11.08
CA THR A 55 -0.21 2.90 12.37
C THR A 55 0.37 4.31 12.51
N ASP A 56 0.43 4.84 13.73
CA ASP A 56 0.73 6.25 14.06
C ASP A 56 2.10 6.51 14.73
N ASN A 57 2.96 5.49 14.83
CA ASN A 57 4.35 5.61 15.30
C ASN A 57 5.20 6.49 14.38
N GLN A 58 5.73 7.57 14.97
CA GLN A 58 6.60 8.57 14.34
C GLN A 58 8.04 8.06 14.10
N ASP A 59 8.17 6.95 13.35
CA ASP A 59 9.42 6.24 13.07
C ASP A 59 9.88 6.32 11.60
N GLY A 60 9.16 7.09 10.78
CA GLY A 60 9.45 7.30 9.36
C GLY A 60 8.70 6.36 8.39
N THR A 61 7.47 5.99 8.73
CA THR A 61 6.56 5.23 7.84
C THR A 61 5.07 5.51 8.10
N CYS A 62 4.19 5.01 7.25
CA CYS A 62 2.74 5.14 7.25
C CYS A 62 2.03 3.76 7.30
N SER A 63 2.67 2.75 7.90
CA SER A 63 2.38 1.29 7.87
C SER A 63 0.90 0.95 7.78
N VAL A 64 0.53 0.23 6.72
CA VAL A 64 -0.87 -0.04 6.29
C VAL A 64 -1.27 -1.48 6.61
N SER A 65 -2.45 -1.62 7.24
CA SER A 65 -3.13 -2.88 7.55
C SER A 65 -4.52 -2.89 6.91
N TYR A 66 -4.79 -3.89 6.06
CA TYR A 66 -6.08 -4.09 5.40
C TYR A 66 -6.66 -5.46 5.74
N LEU A 67 -7.95 -5.67 5.47
CA LEU A 67 -8.66 -6.91 5.84
C LEU A 67 -9.74 -7.28 4.80
N PRO A 68 -9.42 -8.06 3.75
CA PRO A 68 -10.36 -8.46 2.71
C PRO A 68 -11.30 -9.58 3.20
N VAL A 69 -12.61 -9.42 3.00
CA VAL A 69 -13.64 -10.39 3.44
C VAL A 69 -13.89 -11.54 2.43
N LEU A 70 -13.50 -11.35 1.17
CA LEU A 70 -13.49 -12.39 0.12
C LEU A 70 -12.21 -12.30 -0.75
N PRO A 71 -11.87 -13.38 -1.48
CA PRO A 71 -10.72 -13.45 -2.38
C PRO A 71 -10.93 -12.58 -3.64
N GLY A 72 -9.81 -12.30 -4.34
CA GLY A 72 -9.85 -11.54 -5.60
C GLY A 72 -8.52 -10.90 -6.00
N ASP A 73 -8.54 -10.21 -7.15
CA ASP A 73 -7.44 -9.34 -7.63
C ASP A 73 -7.66 -7.89 -7.16
N TYR A 74 -7.18 -7.57 -5.94
CA TYR A 74 -7.28 -6.23 -5.36
C TYR A 74 -6.20 -5.32 -5.93
N SER A 75 -6.42 -4.00 -5.93
CA SER A 75 -5.56 -3.00 -6.58
C SER A 75 -5.21 -1.90 -5.60
N ILE A 76 -3.93 -1.68 -5.37
CA ILE A 76 -3.35 -0.70 -4.44
C ILE A 76 -3.03 0.59 -5.23
N LEU A 77 -3.73 1.69 -4.94
CA LEU A 77 -3.52 3.00 -5.56
C LEU A 77 -2.67 3.90 -4.65
N VAL A 78 -1.33 3.90 -4.77
CA VAL A 78 -0.47 4.76 -3.92
C VAL A 78 -0.22 6.12 -4.58
N LYS A 79 -0.37 7.20 -3.83
CA LYS A 79 -0.03 8.60 -4.19
C LYS A 79 0.82 9.27 -3.11
N TYR A 80 1.63 10.23 -3.53
CA TYR A 80 2.38 11.16 -2.66
C TYR A 80 2.36 12.56 -3.28
N ASN A 81 1.61 13.46 -2.64
CA ASN A 81 1.25 14.80 -3.14
C ASN A 81 0.61 14.74 -4.56
N GLU A 82 -0.64 14.30 -4.64
CA GLU A 82 -1.54 14.28 -5.80
C GLU A 82 -1.20 13.23 -6.88
N GLN A 83 0.06 12.81 -7.00
CA GLN A 83 0.58 11.98 -8.10
C GLN A 83 1.08 10.63 -7.58
N HIS A 84 1.03 9.58 -8.40
CA HIS A 84 1.33 8.22 -7.95
C HIS A 84 2.81 8.03 -7.56
N VAL A 85 3.04 7.07 -6.66
CA VAL A 85 4.35 6.62 -6.20
C VAL A 85 5.11 5.81 -7.28
N PRO A 86 6.41 5.59 -7.10
CA PRO A 86 7.28 4.91 -8.06
C PRO A 86 6.80 3.48 -8.39
N GLY A 87 6.34 3.26 -9.63
CA GLY A 87 5.84 1.95 -10.11
C GLY A 87 4.38 1.63 -9.82
N SER A 88 3.67 2.47 -9.06
CA SER A 88 2.23 2.31 -8.78
C SER A 88 1.33 2.52 -10.02
N PRO A 89 0.08 2.00 -10.04
CA PRO A 89 -0.55 1.17 -9.00
C PRO A 89 -0.05 -0.30 -8.99
N PHE A 90 -0.43 -1.05 -7.96
CA PHE A 90 -0.09 -2.46 -7.80
C PHE A 90 -1.36 -3.34 -7.76
N THR A 91 -1.22 -4.66 -7.95
CA THR A 91 -2.31 -5.66 -8.01
C THR A 91 -1.98 -6.88 -7.16
N ALA A 92 -2.64 -7.04 -6.01
CA ALA A 92 -2.46 -8.10 -5.03
C ALA A 92 -3.51 -9.20 -5.14
N ARG A 93 -3.09 -10.45 -5.43
CA ARG A 93 -4.00 -11.61 -5.46
C ARG A 93 -4.21 -12.28 -4.10
N VAL A 94 -5.20 -11.75 -3.39
CA VAL A 94 -5.83 -12.26 -2.17
C VAL A 94 -6.42 -13.67 -2.39
N THR A 95 -5.84 -14.69 -1.78
CA THR A 95 -6.26 -16.12 -1.87
C THR A 95 -7.14 -16.51 -0.69
N GLY A 96 -8.19 -17.29 -0.96
CA GLY A 96 -9.27 -17.60 -0.04
C GLY A 96 -8.96 -18.68 1.02
N ASP A 97 -9.91 -18.84 1.95
CA ASP A 97 -9.76 -19.67 3.17
C ASP A 97 -11.00 -20.54 3.49
N ASP A 98 -12.22 -20.01 3.31
CA ASP A 98 -13.52 -20.67 3.54
C ASP A 98 -14.54 -20.37 2.43
N GLY A 1 29.26 2.54 -5.54
CA GLY A 1 28.79 3.84 -5.02
C GLY A 1 27.78 3.64 -3.89
N ALA A 2 27.96 4.37 -2.79
CA ALA A 2 27.06 4.38 -1.63
C ALA A 2 25.73 5.14 -1.89
N MET A 3 24.80 5.10 -0.93
CA MET A 3 23.48 5.76 -0.96
C MET A 3 22.58 5.37 -2.17
N VAL A 4 22.82 4.19 -2.75
CA VAL A 4 22.05 3.61 -3.88
C VAL A 4 20.54 3.44 -3.56
N VAL A 5 20.19 3.25 -2.27
CA VAL A 5 18.81 3.08 -1.79
C VAL A 5 17.98 4.38 -1.73
N ASN A 6 18.60 5.56 -1.84
CA ASN A 6 17.96 6.86 -1.65
C ASN A 6 17.19 7.36 -2.89
N CYS A 7 16.02 6.77 -3.17
CA CYS A 7 15.10 7.16 -4.25
C CYS A 7 14.39 8.52 -4.04
N GLY A 8 14.27 8.99 -2.79
CA GLY A 8 13.73 10.32 -2.43
C GLY A 8 12.20 10.43 -2.49
N HIS A 9 11.64 10.56 -3.69
CA HIS A 9 10.20 10.71 -3.93
C HIS A 9 9.40 9.46 -3.56
N VAL A 10 8.10 9.64 -3.25
CA VAL A 10 7.22 8.56 -2.74
C VAL A 10 6.94 7.46 -3.76
N THR A 11 6.96 6.21 -3.28
CA THR A 11 6.53 4.98 -3.95
C THR A 11 5.80 4.05 -2.95
N ALA A 12 5.13 3.02 -3.44
CA ALA A 12 4.56 1.91 -2.67
C ALA A 12 5.05 0.56 -3.22
N TYR A 13 5.40 -0.37 -2.31
CA TYR A 13 5.96 -1.68 -2.64
C TYR A 13 5.69 -2.71 -1.50
N GLY A 14 5.61 -4.00 -1.88
CA GLY A 14 5.37 -5.10 -0.93
C GLY A 14 4.48 -6.21 -1.49
N PRO A 15 4.31 -7.31 -0.70
CA PRO A 15 3.50 -8.46 -1.10
C PRO A 15 2.02 -8.12 -1.19
N GLY A 16 1.52 -7.22 -0.35
CA GLY A 16 0.11 -6.79 -0.23
C GLY A 16 -0.38 -5.88 -1.36
N LEU A 17 0.43 -5.63 -2.41
CA LEU A 17 -0.02 -4.96 -3.65
C LEU A 17 -0.17 -5.94 -4.84
N THR A 18 0.31 -7.17 -4.74
CA THR A 18 0.36 -8.19 -5.81
C THR A 18 -0.38 -9.47 -5.41
N HIS A 19 -0.36 -9.83 -4.12
CA HIS A 19 -1.07 -10.94 -3.46
C HIS A 19 -1.75 -10.45 -2.18
N GLY A 20 -2.54 -11.33 -1.54
CA GLY A 20 -3.15 -11.12 -0.24
C GLY A 20 -3.39 -12.44 0.50
N VAL A 21 -3.97 -12.38 1.70
CA VAL A 21 -4.42 -13.53 2.51
C VAL A 21 -5.64 -13.09 3.29
N VAL A 22 -6.59 -14.00 3.47
CA VAL A 22 -7.92 -13.66 3.99
C VAL A 22 -8.09 -13.96 5.48
N ASN A 23 -8.82 -13.08 6.16
CA ASN A 23 -9.06 -13.05 7.62
C ASN A 23 -7.80 -12.90 8.49
N LYS A 24 -6.64 -12.56 7.89
CA LYS A 24 -5.38 -12.13 8.53
C LYS A 24 -4.95 -10.79 7.91
N PRO A 25 -4.58 -9.77 8.71
CA PRO A 25 -4.24 -8.45 8.19
C PRO A 25 -3.09 -8.55 7.18
N ALA A 26 -3.24 -7.90 6.03
CA ALA A 26 -2.26 -7.80 4.93
C ALA A 26 -1.67 -6.37 4.91
N THR A 27 -0.44 -6.21 4.37
CA THR A 27 0.32 -4.95 4.46
C THR A 27 1.25 -4.72 3.27
N PHE A 28 1.68 -3.48 3.11
CA PHE A 28 2.75 -3.04 2.21
C PHE A 28 3.45 -1.80 2.76
N THR A 29 4.63 -1.48 2.20
CA THR A 29 5.45 -0.33 2.60
C THR A 29 5.23 0.86 1.65
N VAL A 30 5.21 2.06 2.23
CA VAL A 30 5.24 3.36 1.55
C VAL A 30 6.37 4.18 2.16
N ASN A 31 6.96 5.04 1.34
CA ASN A 31 8.22 5.76 1.60
C ASN A 31 8.12 7.26 1.27
N THR A 32 7.48 8.01 2.15
CA THR A 32 7.10 9.44 1.98
C THR A 32 8.21 10.45 2.25
N LYS A 33 9.43 9.98 2.53
CA LYS A 33 10.59 10.74 3.09
C LYS A 33 10.92 12.11 2.46
N ASP A 34 10.93 12.22 1.12
CA ASP A 34 11.23 13.48 0.40
C ASP A 34 10.18 13.82 -0.68
N ALA A 35 8.93 13.38 -0.46
CA ALA A 35 7.82 13.41 -1.40
C ALA A 35 7.20 14.80 -1.64
N GLY A 36 7.02 15.61 -0.58
CA GLY A 36 6.27 16.87 -0.60
C GLY A 36 5.43 17.07 0.68
N GLU A 37 4.37 17.88 0.59
CA GLU A 37 3.36 17.99 1.66
C GLU A 37 2.59 16.65 1.83
N GLY A 38 2.18 16.34 3.07
CA GLY A 38 1.60 15.06 3.48
C GLY A 38 0.16 14.83 3.03
N GLY A 39 -0.04 14.74 1.71
CA GLY A 39 -1.32 14.50 1.02
C GLY A 39 -1.56 13.04 0.65
N LEU A 40 -1.03 12.06 1.40
CA LEU A 40 -1.31 10.64 1.26
C LEU A 40 -2.78 10.32 1.56
N SER A 41 -3.47 9.72 0.59
CA SER A 41 -4.82 9.15 0.78
C SER A 41 -4.98 7.85 -0.01
N LEU A 42 -5.65 6.87 0.59
CA LEU A 42 -5.85 5.56 -0.03
C LEU A 42 -7.29 5.24 -0.38
N ALA A 43 -7.44 4.38 -1.38
CA ALA A 43 -8.67 3.68 -1.72
C ALA A 43 -8.33 2.26 -2.20
N ILE A 44 -9.34 1.36 -2.21
CA ILE A 44 -9.22 -0.04 -2.62
C ILE A 44 -10.51 -0.50 -3.30
N GLU A 45 -10.41 -1.51 -4.17
CA GLU A 45 -11.54 -2.17 -4.86
C GLU A 45 -11.47 -3.68 -4.60
N GLY A 46 -12.40 -4.45 -5.20
CA GLY A 46 -12.50 -5.91 -5.03
C GLY A 46 -13.94 -6.36 -4.72
N PRO A 47 -14.17 -7.66 -4.45
CA PRO A 47 -15.49 -8.16 -4.10
C PRO A 47 -16.00 -7.72 -2.72
N SER A 48 -15.08 -7.43 -1.80
CA SER A 48 -15.36 -7.31 -0.36
C SER A 48 -14.35 -6.36 0.35
N LYS A 49 -14.38 -5.12 -0.17
CA LYS A 49 -13.51 -3.93 0.13
C LYS A 49 -13.03 -3.89 1.58
N ALA A 50 -11.69 -3.88 1.78
CA ALA A 50 -11.08 -3.88 3.11
C ALA A 50 -11.19 -2.52 3.83
N GLU A 51 -10.87 -2.52 5.13
CA GLU A 51 -10.75 -1.29 5.94
C GLU A 51 -9.28 -0.97 6.24
N ILE A 52 -8.77 0.12 5.68
CA ILE A 52 -7.36 0.58 5.74
C ILE A 52 -6.94 1.10 7.14
N SER A 53 -5.66 0.96 7.47
CA SER A 53 -4.94 1.57 8.61
C SER A 53 -3.47 1.90 8.21
N CYS A 54 -2.70 2.57 9.08
CA CYS A 54 -1.30 2.94 8.84
C CYS A 54 -0.45 3.04 10.13
N THR A 55 0.89 3.04 9.95
CA THR A 55 1.87 3.07 11.04
C THR A 55 3.04 3.99 10.64
N ASP A 56 3.30 5.04 11.41
CA ASP A 56 4.39 6.02 11.17
C ASP A 56 5.83 5.48 11.36
N ASN A 57 5.94 4.26 11.94
CA ASN A 57 7.15 3.45 12.16
C ASN A 57 8.29 4.09 13.00
N GLN A 58 8.07 5.31 13.51
CA GLN A 58 9.08 6.19 14.13
C GLN A 58 10.28 6.58 13.24
N ASP A 59 10.33 6.19 11.95
CA ASP A 59 11.42 6.55 11.02
C ASP A 59 10.99 7.44 9.85
N GLY A 60 9.70 7.82 9.79
CA GLY A 60 9.13 8.73 8.79
C GLY A 60 8.44 8.06 7.61
N THR A 61 8.45 6.73 7.50
CA THR A 61 7.62 5.96 6.54
C THR A 61 6.12 5.97 6.95
N CYS A 62 5.22 5.44 6.11
CA CYS A 62 3.77 5.48 6.38
C CYS A 62 3.08 4.08 6.39
N SER A 63 3.85 2.99 6.53
CA SER A 63 3.50 1.56 6.51
C SER A 63 2.00 1.23 6.61
N VAL A 64 1.39 0.95 5.46
CA VAL A 64 -0.07 0.73 5.28
C VAL A 64 -0.46 -0.71 5.64
N SER A 65 -1.61 -0.86 6.30
CA SER A 65 -2.26 -2.13 6.61
C SER A 65 -3.71 -2.14 6.11
N TYR A 66 -4.23 -3.34 5.81
CA TYR A 66 -5.63 -3.60 5.50
C TYR A 66 -6.03 -5.04 5.89
N LEU A 67 -7.33 -5.36 5.86
CA LEU A 67 -7.86 -6.66 6.27
C LEU A 67 -9.07 -7.09 5.39
N PRO A 68 -8.83 -7.92 4.34
CA PRO A 68 -9.90 -8.47 3.52
C PRO A 68 -10.54 -9.69 4.20
N VAL A 69 -11.82 -9.91 3.93
CA VAL A 69 -12.62 -10.97 4.56
C VAL A 69 -13.19 -12.02 3.60
N LEU A 70 -13.03 -11.84 2.28
CA LEU A 70 -13.39 -12.81 1.25
C LEU A 70 -12.36 -12.77 0.08
N PRO A 71 -11.76 -13.90 -0.37
CA PRO A 71 -10.78 -13.92 -1.47
C PRO A 71 -11.20 -13.21 -2.77
N GLY A 72 -10.25 -12.61 -3.48
CA GLY A 72 -10.54 -11.72 -4.61
C GLY A 72 -9.34 -10.99 -5.19
N ASP A 73 -9.60 -10.18 -6.20
CA ASP A 73 -8.63 -9.38 -6.97
C ASP A 73 -8.77 -7.88 -6.63
N TYR A 74 -8.10 -7.48 -5.57
CA TYR A 74 -8.24 -6.17 -4.92
C TYR A 74 -7.38 -5.07 -5.58
N SER A 75 -7.96 -4.23 -6.44
CA SER A 75 -7.22 -3.10 -7.04
C SER A 75 -6.84 -2.08 -5.96
N ILE A 76 -5.58 -1.66 -5.90
CA ILE A 76 -5.06 -0.68 -4.93
C ILE A 76 -4.89 0.69 -5.61
N LEU A 77 -5.44 1.73 -4.96
CA LEU A 77 -5.38 3.13 -5.38
C LEU A 77 -4.66 3.98 -4.32
N VAL A 78 -3.34 4.14 -4.46
CA VAL A 78 -2.52 5.00 -3.60
C VAL A 78 -2.43 6.40 -4.23
N LYS A 79 -3.06 7.44 -3.63
CA LYS A 79 -2.82 8.85 -4.01
C LYS A 79 -1.82 9.51 -3.05
N TYR A 80 -0.97 10.36 -3.59
CA TYR A 80 -0.12 11.29 -2.84
C TYR A 80 -0.08 12.66 -3.52
N ASN A 81 -0.75 13.65 -2.92
CA ASN A 81 -0.87 15.03 -3.40
C ASN A 81 -1.55 15.12 -4.78
N GLU A 82 -2.88 14.91 -4.78
CA GLU A 82 -3.83 15.14 -5.89
C GLU A 82 -3.75 14.18 -7.12
N GLN A 83 -2.80 13.25 -7.17
CA GLN A 83 -2.67 12.22 -8.21
C GLN A 83 -2.30 10.87 -7.60
N HIS A 84 -2.53 9.78 -8.35
CA HIS A 84 -2.03 8.46 -7.96
C HIS A 84 -0.49 8.38 -8.05
N VAL A 85 0.09 7.50 -7.23
CA VAL A 85 1.54 7.29 -7.08
C VAL A 85 2.20 6.69 -8.34
N PRO A 86 3.54 6.74 -8.44
CA PRO A 86 4.32 6.45 -9.65
C PRO A 86 4.23 5.04 -10.25
N GLY A 87 3.66 4.13 -9.47
CA GLY A 87 3.41 2.72 -9.80
C GLY A 87 1.96 2.25 -9.67
N SER A 88 1.05 3.08 -9.14
CA SER A 88 -0.38 2.81 -9.07
C SER A 88 -1.04 2.85 -10.47
N PRO A 89 -2.19 2.17 -10.66
CA PRO A 89 -2.81 1.23 -9.72
C PRO A 89 -2.06 -0.12 -9.66
N PHE A 90 -2.32 -0.89 -8.60
CA PHE A 90 -1.86 -2.27 -8.39
C PHE A 90 -3.04 -3.25 -8.24
N THR A 91 -2.83 -4.57 -8.29
CA THR A 91 -3.90 -5.58 -8.07
C THR A 91 -3.43 -6.69 -7.12
N ALA A 92 -3.83 -6.62 -5.85
CA ALA A 92 -3.56 -7.62 -4.81
C ALA A 92 -4.50 -8.82 -4.88
N ARG A 93 -4.04 -9.98 -5.38
CA ARG A 93 -4.81 -11.20 -5.37
C ARG A 93 -4.82 -11.90 -4.01
N VAL A 94 -5.79 -11.58 -3.17
CA VAL A 94 -6.16 -12.23 -1.91
C VAL A 94 -6.54 -13.70 -2.12
N THR A 95 -5.76 -14.63 -1.57
CA THR A 95 -6.06 -16.08 -1.53
C THR A 95 -6.71 -16.48 -0.18
N GLY A 96 -7.25 -17.72 -0.13
CA GLY A 96 -7.96 -18.28 1.02
C GLY A 96 -7.11 -18.61 2.26
N ASP A 97 -7.81 -19.04 3.33
CA ASP A 97 -7.22 -19.54 4.60
C ASP A 97 -6.66 -20.98 4.46
N ASP A 98 -7.08 -21.71 3.43
CA ASP A 98 -6.71 -23.12 3.13
C ASP A 98 -5.22 -23.32 2.82
N GLY A 1 4.41 7.34 -16.47
CA GLY A 1 4.21 8.81 -16.43
C GLY A 1 5.46 9.50 -15.89
N ALA A 2 6.26 10.11 -16.76
CA ALA A 2 7.60 10.66 -16.45
C ALA A 2 7.63 11.77 -15.38
N MET A 3 6.49 12.41 -15.11
CA MET A 3 6.32 13.44 -14.06
C MET A 3 5.29 13.02 -12.99
N VAL A 4 4.80 11.78 -12.99
CA VAL A 4 3.72 11.26 -12.12
C VAL A 4 4.26 10.36 -11.01
N VAL A 5 5.42 9.73 -11.23
CA VAL A 5 6.20 8.98 -10.22
C VAL A 5 6.92 9.92 -9.23
N ASN A 6 7.43 9.37 -8.13
CA ASN A 6 8.01 10.11 -7.00
C ASN A 6 9.45 9.63 -6.69
N CYS A 7 10.43 10.55 -6.73
CA CYS A 7 11.86 10.32 -6.47
C CYS A 7 12.26 10.40 -4.98
N GLY A 8 11.32 10.64 -4.07
CA GLY A 8 11.50 10.96 -2.64
C GLY A 8 12.06 9.87 -1.72
N HIS A 9 12.66 8.80 -2.25
CA HIS A 9 13.38 7.73 -1.55
C HIS A 9 12.57 6.83 -0.58
N VAL A 10 11.34 7.21 -0.23
CA VAL A 10 10.35 6.37 0.48
C VAL A 10 9.96 5.17 -0.38
N THR A 11 9.81 3.99 0.22
CA THR A 11 9.49 2.71 -0.50
C THR A 11 8.33 1.93 0.12
N ALA A 12 7.79 0.97 -0.62
CA ALA A 12 6.69 0.08 -0.20
C ALA A 12 6.96 -1.37 -0.66
N TYR A 13 6.91 -2.35 0.24
CA TYR A 13 7.13 -3.77 -0.05
C TYR A 13 6.30 -4.70 0.86
N GLY A 14 6.17 -6.00 0.50
CA GLY A 14 5.48 -7.01 1.32
C GLY A 14 4.50 -7.87 0.50
N PRO A 15 3.92 -8.93 1.14
CA PRO A 15 3.01 -9.84 0.47
C PRO A 15 1.69 -9.17 0.05
N GLY A 16 1.22 -8.19 0.83
CA GLY A 16 -0.03 -7.43 0.57
C GLY A 16 -0.02 -6.50 -0.65
N LEU A 17 1.11 -6.42 -1.39
CA LEU A 17 1.22 -5.71 -2.67
C LEU A 17 1.24 -6.65 -3.89
N THR A 18 1.20 -7.99 -3.70
CA THR A 18 1.30 -9.00 -4.78
C THR A 18 0.29 -10.15 -4.67
N HIS A 19 -0.13 -10.52 -3.46
CA HIS A 19 -1.13 -11.54 -3.17
C HIS A 19 -2.15 -11.06 -2.09
N GLY A 20 -3.06 -11.92 -1.63
CA GLY A 20 -3.93 -11.61 -0.49
C GLY A 20 -4.78 -12.81 -0.02
N VAL A 21 -5.51 -12.64 1.10
CA VAL A 21 -6.39 -13.65 1.72
C VAL A 21 -7.72 -13.02 2.09
N VAL A 22 -8.79 -13.39 1.38
CA VAL A 22 -10.13 -12.85 1.71
C VAL A 22 -10.65 -13.32 3.06
N ASN A 23 -11.31 -12.41 3.78
CA ASN A 23 -11.85 -12.54 5.14
C ASN A 23 -10.78 -12.57 6.26
N LYS A 24 -9.48 -12.49 5.94
CA LYS A 24 -8.37 -12.39 6.92
C LYS A 24 -7.51 -11.14 6.66
N PRO A 25 -7.06 -10.41 7.70
CA PRO A 25 -6.24 -9.21 7.52
C PRO A 25 -4.96 -9.49 6.75
N ALA A 26 -4.60 -8.56 5.87
CA ALA A 26 -3.37 -8.55 5.10
C ALA A 26 -2.58 -7.25 5.32
N THR A 27 -1.26 -7.27 5.07
CA THR A 27 -0.37 -6.15 5.43
C THR A 27 0.78 -5.95 4.44
N PHE A 28 1.37 -4.76 4.44
CA PHE A 28 2.62 -4.41 3.77
C PHE A 28 3.40 -3.31 4.52
N THR A 29 4.66 -3.10 4.15
CA THR A 29 5.59 -2.24 4.87
C THR A 29 6.04 -1.09 3.99
N VAL A 30 5.64 0.11 4.39
CA VAL A 30 6.18 1.37 3.86
C VAL A 30 7.28 1.88 4.78
N ASN A 31 8.26 2.54 4.18
CA ASN A 31 9.58 2.87 4.73
C ASN A 31 9.99 4.32 4.42
N THR A 32 9.73 5.22 5.36
CA THR A 32 9.76 6.71 5.27
C THR A 32 11.08 7.42 5.67
N LYS A 33 12.22 6.72 5.60
CA LYS A 33 13.54 7.11 6.14
C LYS A 33 14.01 8.54 5.86
N ASP A 34 13.73 9.09 4.69
CA ASP A 34 14.12 10.45 4.24
C ASP A 34 12.91 11.31 3.82
N ALA A 35 11.68 10.91 4.15
CA ALA A 35 10.44 11.54 3.67
C ALA A 35 10.25 13.02 4.04
N GLY A 36 10.82 13.48 5.17
CA GLY A 36 10.91 14.86 5.61
C GLY A 36 9.63 15.46 6.19
N GLU A 37 8.53 15.40 5.43
CA GLU A 37 7.21 15.98 5.67
C GLU A 37 6.11 14.94 5.37
N GLY A 38 5.07 14.90 6.23
CA GLY A 38 3.97 13.95 6.18
C GLY A 38 2.84 14.28 5.18
N GLY A 39 1.66 13.70 5.39
CA GLY A 39 0.47 13.97 4.56
C GLY A 39 0.27 13.03 3.36
N LEU A 40 0.98 11.88 3.35
CA LEU A 40 0.75 10.78 2.39
C LEU A 40 -0.70 10.27 2.38
N SER A 41 -1.06 9.56 1.29
CA SER A 41 -2.41 9.04 1.07
C SER A 41 -2.40 7.58 0.60
N LEU A 42 -3.50 6.87 0.89
CA LEU A 42 -3.72 5.45 0.67
C LEU A 42 -5.13 5.21 0.13
N ALA A 43 -5.24 4.49 -0.98
CA ALA A 43 -6.50 3.96 -1.51
C ALA A 43 -6.29 2.57 -2.14
N ILE A 44 -7.38 1.83 -2.35
CA ILE A 44 -7.41 0.48 -2.94
C ILE A 44 -8.54 0.46 -4.01
N GLU A 45 -8.24 0.01 -5.21
CA GLU A 45 -9.16 -0.31 -6.31
C GLU A 45 -9.24 -1.83 -6.52
N GLY A 46 -10.15 -2.31 -7.37
CA GLY A 46 -10.44 -3.73 -7.59
C GLY A 46 -11.94 -3.99 -7.86
N PRO A 47 -12.41 -5.26 -7.79
CA PRO A 47 -13.84 -5.58 -7.85
C PRO A 47 -14.64 -5.15 -6.60
N SER A 48 -13.91 -4.93 -5.51
CA SER A 48 -14.38 -4.77 -4.14
C SER A 48 -13.39 -3.88 -3.35
N LYS A 49 -13.62 -3.69 -2.06
CA LYS A 49 -12.90 -2.75 -1.17
C LYS A 49 -12.23 -3.45 0.03
N ALA A 50 -11.37 -2.71 0.75
CA ALA A 50 -10.72 -3.13 1.98
C ALA A 50 -10.51 -1.95 2.97
N GLU A 51 -10.18 -2.27 4.23
CA GLU A 51 -9.84 -1.32 5.29
C GLU A 51 -8.53 -0.53 5.02
N ILE A 52 -8.34 0.63 5.66
CA ILE A 52 -7.15 1.50 5.55
C ILE A 52 -6.63 1.84 6.96
N SER A 53 -5.53 1.20 7.36
CA SER A 53 -4.87 1.42 8.66
C SER A 53 -3.34 1.50 8.53
N CYS A 54 -2.80 2.72 8.30
CA CYS A 54 -1.36 2.98 8.39
C CYS A 54 -0.94 3.15 9.87
N THR A 55 0.35 2.90 10.16
CA THR A 55 0.92 3.00 11.53
C THR A 55 2.32 3.60 11.47
N ASP A 56 2.43 4.89 11.78
CA ASP A 56 3.70 5.59 11.99
C ASP A 56 4.47 5.02 13.21
N ASN A 57 5.70 4.54 13.01
CA ASN A 57 6.49 3.81 14.02
C ASN A 57 7.91 4.38 14.21
N GLN A 58 8.53 3.99 15.34
CA GLN A 58 9.85 4.41 15.84
C GLN A 58 11.03 4.01 14.90
N ASP A 59 10.87 2.99 14.06
CA ASP A 59 11.90 2.43 13.16
C ASP A 59 11.99 3.15 11.79
N GLY A 60 11.16 4.16 11.53
CA GLY A 60 11.11 4.92 10.28
C GLY A 60 10.20 4.28 9.23
N THR A 61 9.05 3.75 9.67
CA THR A 61 8.04 3.04 8.86
C THR A 61 6.63 3.59 9.10
N CYS A 62 5.72 3.33 8.16
CA CYS A 62 4.30 3.73 8.19
C CYS A 62 3.32 2.57 8.04
N SER A 63 3.83 1.33 8.07
CA SER A 63 3.16 0.00 8.16
C SER A 63 1.64 0.00 7.90
N VAL A 64 1.23 -0.39 6.69
CA VAL A 64 -0.16 -0.35 6.23
C VAL A 64 -0.81 -1.74 6.30
N SER A 65 -1.89 -1.85 7.07
CA SER A 65 -2.80 -2.99 7.18
C SER A 65 -4.11 -2.73 6.43
N TYR A 66 -4.67 -3.79 5.87
CA TYR A 66 -5.96 -3.81 5.17
C TYR A 66 -6.64 -5.18 5.38
N LEU A 67 -7.88 -5.33 4.93
CA LEU A 67 -8.71 -6.54 5.15
C LEU A 67 -9.71 -6.72 3.98
N PRO A 68 -9.35 -7.48 2.90
CA PRO A 68 -10.21 -7.65 1.73
C PRO A 68 -11.38 -8.63 1.98
N VAL A 69 -12.48 -8.48 1.22
CA VAL A 69 -13.75 -9.18 1.48
C VAL A 69 -14.35 -9.97 0.30
N LEU A 70 -13.85 -9.77 -0.93
CA LEU A 70 -14.26 -10.53 -2.13
C LEU A 70 -13.06 -10.77 -3.05
N PRO A 71 -12.68 -12.04 -3.38
CA PRO A 71 -11.44 -12.38 -4.09
C PRO A 71 -11.29 -11.64 -5.43
N GLY A 72 -10.07 -11.21 -5.77
CA GLY A 72 -9.84 -10.35 -6.93
C GLY A 72 -8.41 -9.84 -7.13
N ASP A 73 -8.20 -9.11 -8.22
CA ASP A 73 -6.98 -8.34 -8.53
C ASP A 73 -7.09 -6.91 -7.99
N TYR A 74 -6.79 -6.72 -6.70
CA TYR A 74 -6.80 -5.41 -6.03
C TYR A 74 -5.58 -4.56 -6.49
N SER A 75 -5.73 -3.24 -6.54
CA SER A 75 -4.68 -2.28 -6.95
C SER A 75 -4.48 -1.24 -5.84
N ILE A 76 -3.36 -1.30 -5.13
CA ILE A 76 -3.03 -0.28 -4.08
C ILE A 76 -2.53 0.99 -4.77
N LEU A 77 -3.05 2.15 -4.34
CA LEU A 77 -2.66 3.50 -4.71
C LEU A 77 -2.02 4.19 -3.48
N VAL A 78 -0.71 4.44 -3.53
CA VAL A 78 0.05 5.21 -2.50
C VAL A 78 0.68 6.47 -3.15
N LYS A 79 0.11 7.65 -2.84
CA LYS A 79 0.69 8.96 -3.15
C LYS A 79 1.48 9.45 -1.94
N TYR A 80 2.80 9.63 -2.06
CA TYR A 80 3.53 10.28 -0.97
C TYR A 80 3.40 11.81 -1.14
N ASN A 81 2.51 12.39 -0.33
CA ASN A 81 1.97 13.76 -0.29
C ASN A 81 1.22 14.21 -1.56
N GLU A 82 1.74 13.92 -2.78
CA GLU A 82 1.11 14.31 -4.06
C GLU A 82 1.41 13.33 -5.23
N GLN A 83 2.57 12.67 -5.25
CA GLN A 83 3.04 11.87 -6.38
C GLN A 83 3.20 10.41 -5.97
N HIS A 84 2.93 9.47 -6.87
CA HIS A 84 2.86 8.03 -6.52
C HIS A 84 4.23 7.41 -6.27
N VAL A 85 4.26 6.48 -5.33
CA VAL A 85 5.47 5.84 -4.83
C VAL A 85 6.18 4.99 -5.89
N PRO A 86 7.48 4.68 -5.68
CA PRO A 86 8.31 3.87 -6.58
C PRO A 86 7.69 2.47 -6.74
N GLY A 87 7.10 2.22 -7.92
CA GLY A 87 6.47 0.95 -8.31
C GLY A 87 4.95 0.90 -8.12
N SER A 88 4.32 1.94 -7.54
CA SER A 88 2.86 2.09 -7.54
C SER A 88 2.28 2.26 -8.98
N PRO A 89 1.03 1.80 -9.26
CA PRO A 89 0.15 1.02 -8.38
C PRO A 89 0.57 -0.46 -8.25
N PHE A 90 0.06 -1.14 -7.22
CA PHE A 90 0.47 -2.49 -6.81
C PHE A 90 -0.68 -3.51 -6.93
N THR A 91 -0.58 -4.38 -7.95
CA THR A 91 -1.54 -5.45 -8.24
C THR A 91 -1.43 -6.60 -7.21
N ALA A 92 -2.15 -6.48 -6.11
CA ALA A 92 -2.30 -7.46 -5.04
C ALA A 92 -3.39 -8.48 -5.36
N ARG A 93 -3.03 -9.68 -5.85
CA ARG A 93 -4.03 -10.70 -6.25
C ARG A 93 -4.50 -11.57 -5.08
N VAL A 94 -5.46 -11.04 -4.34
CA VAL A 94 -6.22 -11.66 -3.26
C VAL A 94 -6.93 -12.95 -3.70
N THR A 95 -6.77 -14.06 -2.95
CA THR A 95 -7.45 -15.36 -3.19
C THR A 95 -8.46 -15.67 -2.08
N GLY A 96 -9.42 -16.57 -2.34
CA GLY A 96 -10.49 -16.99 -1.43
C GLY A 96 -10.16 -18.31 -0.73
N ASP A 97 -9.38 -18.23 0.35
CA ASP A 97 -8.95 -19.39 1.15
C ASP A 97 -10.11 -20.17 1.84
N ASP A 98 -11.23 -19.50 2.13
CA ASP A 98 -12.46 -20.03 2.77
C ASP A 98 -13.70 -19.94 1.84
N GLY A 1 25.73 0.45 -9.87
CA GLY A 1 24.40 1.09 -10.06
C GLY A 1 24.01 1.89 -8.84
N ALA A 2 22.84 1.60 -8.26
CA ALA A 2 22.36 2.18 -7.01
C ALA A 2 23.20 1.75 -5.78
N MET A 3 22.91 2.35 -4.62
CA MET A 3 23.53 2.05 -3.32
C MET A 3 22.42 1.93 -2.25
N VAL A 4 22.62 1.05 -1.26
CA VAL A 4 21.61 0.73 -0.22
C VAL A 4 21.27 1.91 0.71
N VAL A 5 22.16 2.91 0.83
CA VAL A 5 21.94 4.17 1.55
C VAL A 5 21.03 5.13 0.74
N ASN A 6 21.06 5.02 -0.59
CA ASN A 6 20.41 5.95 -1.51
C ASN A 6 19.02 5.42 -1.94
N CYS A 7 18.07 5.42 -1.00
CA CYS A 7 16.69 5.02 -1.21
C CYS A 7 15.91 5.94 -2.18
N GLY A 8 14.72 5.52 -2.61
CA GLY A 8 13.88 6.27 -3.56
C GLY A 8 12.87 7.25 -2.92
N HIS A 9 12.25 8.04 -3.78
CA HIS A 9 11.15 8.97 -3.48
C HIS A 9 9.84 8.25 -3.03
N VAL A 10 8.85 9.03 -2.54
CA VAL A 10 7.51 8.56 -2.12
C VAL A 10 6.81 7.78 -3.25
N THR A 11 6.60 6.50 -2.98
CA THR A 11 5.95 5.48 -3.81
C THR A 11 5.44 4.40 -2.87
N ALA A 12 4.37 3.69 -3.21
CA ALA A 12 4.01 2.50 -2.44
C ALA A 12 4.85 1.27 -2.86
N TYR A 13 5.34 0.52 -1.88
CA TYR A 13 6.08 -0.75 -2.06
C TYR A 13 5.83 -1.74 -0.91
N GLY A 14 5.99 -3.04 -1.16
CA GLY A 14 5.80 -4.13 -0.20
C GLY A 14 5.02 -5.32 -0.77
N PRO A 15 4.97 -6.43 -0.04
CA PRO A 15 4.30 -7.67 -0.50
C PRO A 15 2.77 -7.55 -0.58
N GLY A 16 2.14 -6.73 0.27
CA GLY A 16 0.68 -6.48 0.24
C GLY A 16 0.14 -5.76 -1.00
N LEU A 17 1.00 -5.31 -1.91
CA LEU A 17 0.60 -4.78 -3.22
C LEU A 17 0.56 -5.84 -4.34
N THR A 18 1.34 -6.92 -4.23
CA THR A 18 1.45 -7.97 -5.27
C THR A 18 0.54 -9.16 -4.96
N HIS A 19 0.41 -9.53 -3.69
CA HIS A 19 -0.40 -10.64 -3.20
C HIS A 19 -1.04 -10.33 -1.84
N GLY A 20 -1.77 -11.29 -1.31
CA GLY A 20 -2.43 -11.23 0.00
C GLY A 20 -2.65 -12.60 0.64
N VAL A 21 -3.09 -12.64 1.90
CA VAL A 21 -3.55 -13.83 2.62
C VAL A 21 -4.78 -13.49 3.47
N VAL A 22 -5.74 -14.41 3.58
CA VAL A 22 -7.08 -14.18 4.15
C VAL A 22 -7.16 -14.54 5.63
N ASN A 23 -7.91 -13.76 6.43
CA ASN A 23 -8.04 -13.85 7.89
C ASN A 23 -6.69 -13.70 8.65
N LYS A 24 -5.69 -13.10 7.99
CA LYS A 24 -4.40 -12.71 8.57
C LYS A 24 -3.94 -11.37 7.94
N PRO A 25 -3.32 -10.46 8.72
CA PRO A 25 -3.00 -9.09 8.29
C PRO A 25 -2.16 -8.99 7.01
N ALA A 26 -2.42 -7.95 6.23
CA ALA A 26 -1.66 -7.60 5.03
C ALA A 26 -1.24 -6.11 5.10
N THR A 27 -0.02 -5.80 4.68
CA THR A 27 0.55 -4.43 4.84
C THR A 27 1.47 -4.04 3.70
N PHE A 28 1.77 -2.76 3.56
CA PHE A 28 2.76 -2.18 2.65
C PHE A 28 3.28 -0.84 3.19
N THR A 29 4.28 -0.28 2.51
CA THR A 29 5.06 0.92 2.89
C THR A 29 4.88 2.02 1.83
N VAL A 30 4.80 3.27 2.28
CA VAL A 30 4.48 4.50 1.52
C VAL A 30 5.26 5.65 2.17
N ASN A 31 6.56 5.57 1.93
CA ASN A 31 7.63 6.38 2.53
C ASN A 31 7.60 7.88 2.09
N THR A 32 6.68 8.61 2.69
CA THR A 32 6.30 10.03 2.54
C THR A 32 7.26 11.06 3.16
N LYS A 33 8.46 10.67 3.59
CA LYS A 33 9.48 11.49 4.32
C LYS A 33 9.71 12.94 3.82
N ASP A 34 9.49 13.20 2.54
CA ASP A 34 9.67 14.49 1.86
C ASP A 34 8.36 15.20 1.44
N ALA A 35 7.19 14.54 1.60
CA ALA A 35 5.89 15.03 1.13
C ALA A 35 5.44 16.30 1.90
N GLY A 36 5.58 16.30 3.22
CA GLY A 36 5.23 17.41 4.12
C GLY A 36 3.71 17.74 4.16
N GLU A 37 3.24 18.43 3.13
CA GLU A 37 1.87 18.95 2.97
C GLU A 37 1.24 18.65 1.61
N GLY A 38 1.90 17.83 0.77
CA GLY A 38 1.50 17.49 -0.61
C GLY A 38 0.33 16.50 -0.71
N GLY A 39 0.19 15.57 0.24
CA GLY A 39 -0.98 14.68 0.41
C GLY A 39 -0.89 13.33 -0.32
N LEU A 40 -0.95 12.24 0.45
CA LEU A 40 -1.10 10.87 -0.04
C LEU A 40 -2.47 10.33 0.47
N SER A 41 -3.35 9.98 -0.48
CA SER A 41 -4.77 9.70 -0.22
C SER A 41 -5.29 8.40 -0.85
N LEU A 42 -4.51 7.33 -0.69
CA LEU A 42 -4.83 6.00 -1.21
C LEU A 42 -6.14 5.38 -0.69
N ALA A 43 -6.63 4.35 -1.40
CA ALA A 43 -7.75 3.47 -1.01
C ALA A 43 -7.53 2.00 -1.46
N ILE A 44 -8.41 1.09 -1.02
CA ILE A 44 -8.46 -0.33 -1.44
C ILE A 44 -9.88 -0.66 -1.93
N GLU A 45 -9.94 -1.40 -3.04
CA GLU A 45 -11.12 -2.06 -3.62
C GLU A 45 -10.93 -3.59 -3.76
N GLY A 46 -11.99 -4.30 -4.12
CA GLY A 46 -12.00 -5.79 -4.25
C GLY A 46 -13.42 -6.38 -4.33
N PRO A 47 -13.59 -7.71 -4.31
CA PRO A 47 -14.92 -8.35 -4.24
C PRO A 47 -15.58 -8.11 -2.87
N SER A 48 -14.77 -7.80 -1.86
CA SER A 48 -15.14 -7.76 -0.45
C SER A 48 -14.43 -6.64 0.33
N LYS A 49 -13.35 -6.08 -0.27
CA LYS A 49 -12.47 -4.97 0.19
C LYS A 49 -12.06 -5.02 1.68
N ALA A 50 -11.50 -3.93 2.21
CA ALA A 50 -11.00 -3.83 3.58
C ALA A 50 -11.06 -2.40 4.15
N GLU A 51 -10.91 -2.28 5.47
CA GLU A 51 -10.82 -1.02 6.22
C GLU A 51 -9.39 -0.45 6.22
N ILE A 52 -9.24 0.87 6.03
CA ILE A 52 -7.96 1.60 5.95
C ILE A 52 -7.47 1.92 7.38
N SER A 53 -6.17 1.71 7.62
CA SER A 53 -5.47 2.14 8.84
C SER A 53 -4.00 2.50 8.58
N CYS A 54 -3.75 3.77 8.28
CA CYS A 54 -2.41 4.35 8.13
C CYS A 54 -1.61 4.35 9.46
N THR A 55 -0.29 4.14 9.37
CA THR A 55 0.63 4.08 10.52
C THR A 55 1.88 4.94 10.27
N ASP A 56 1.92 6.13 10.87
CA ASP A 56 3.08 7.03 10.88
C ASP A 56 4.26 6.41 11.66
N ASN A 57 5.27 5.92 10.93
CA ASN A 57 6.49 5.32 11.47
C ASN A 57 7.68 6.29 11.39
N GLN A 58 8.67 6.07 12.25
CA GLN A 58 9.83 6.94 12.49
C GLN A 58 10.82 7.11 11.30
N ASP A 59 10.79 6.21 10.32
CA ASP A 59 11.58 6.32 9.08
C ASP A 59 10.93 7.25 8.03
N GLY A 60 9.73 7.77 8.32
CA GLY A 60 8.98 8.68 7.45
C GLY A 60 8.11 7.94 6.42
N THR A 61 7.27 7.02 6.89
CA THR A 61 6.26 6.34 6.05
C THR A 61 4.88 6.34 6.72
N CYS A 62 3.86 6.41 5.89
CA CYS A 62 2.44 6.43 6.24
C CYS A 62 1.85 4.99 6.39
N SER A 63 2.68 3.96 6.20
CA SER A 63 2.43 2.51 6.21
C SER A 63 1.03 2.03 6.54
N VAL A 64 0.19 1.82 5.51
CA VAL A 64 -1.18 1.35 5.68
C VAL A 64 -1.23 -0.17 5.96
N SER A 65 -2.04 -0.54 6.96
CA SER A 65 -2.27 -1.91 7.45
C SER A 65 -3.76 -2.27 7.33
N TYR A 66 -4.06 -3.43 6.73
CA TYR A 66 -5.41 -3.96 6.52
C TYR A 66 -5.47 -5.47 6.77
N LEU A 67 -6.66 -6.07 6.66
CA LEU A 67 -6.91 -7.47 7.07
C LEU A 67 -8.06 -8.06 6.23
N PRO A 68 -7.79 -8.65 5.04
CA PRO A 68 -8.84 -9.15 4.14
C PRO A 68 -9.56 -10.36 4.74
N VAL A 69 -10.89 -10.31 4.77
CA VAL A 69 -11.79 -11.34 5.35
C VAL A 69 -12.18 -12.43 4.34
N LEU A 70 -11.96 -12.18 3.04
CA LEU A 70 -12.11 -13.16 1.95
C LEU A 70 -10.99 -13.00 0.90
N PRO A 71 -10.79 -14.03 0.05
CA PRO A 71 -9.85 -13.96 -1.10
C PRO A 71 -10.41 -13.11 -2.25
N GLY A 72 -9.54 -12.77 -3.22
CA GLY A 72 -9.91 -12.02 -4.41
C GLY A 72 -8.77 -11.28 -5.09
N ASP A 73 -9.13 -10.57 -6.17
CA ASP A 73 -8.26 -9.65 -6.92
C ASP A 73 -8.47 -8.22 -6.43
N TYR A 74 -7.86 -7.87 -5.29
CA TYR A 74 -8.01 -6.55 -4.66
C TYR A 74 -7.21 -5.51 -5.46
N SER A 75 -7.57 -4.24 -5.36
CA SER A 75 -6.93 -3.12 -6.08
C SER A 75 -6.52 -2.02 -5.11
N ILE A 76 -5.22 -1.74 -4.95
CA ILE A 76 -4.71 -0.61 -4.15
C ILE A 76 -4.67 0.65 -5.03
N LEU A 77 -5.69 1.50 -4.87
CA LEU A 77 -5.83 2.81 -5.53
C LEU A 77 -4.87 3.84 -4.89
N VAL A 78 -3.56 3.80 -5.16
CA VAL A 78 -2.59 4.73 -4.56
C VAL A 78 -2.62 6.09 -5.26
N LYS A 79 -3.15 7.13 -4.57
CA LYS A 79 -3.08 8.55 -4.99
C LYS A 79 -2.01 9.33 -4.22
N TYR A 80 -1.27 10.16 -4.94
CA TYR A 80 -0.37 11.22 -4.40
C TYR A 80 -0.65 12.53 -5.13
N ASN A 81 -1.13 13.54 -4.40
CA ASN A 81 -1.68 14.81 -4.88
C ASN A 81 -2.80 14.62 -5.91
N GLU A 82 -3.98 14.15 -5.44
CA GLU A 82 -5.24 13.95 -6.17
C GLU A 82 -5.27 12.91 -7.31
N GLN A 83 -4.13 12.53 -7.87
CA GLN A 83 -3.98 11.62 -9.03
C GLN A 83 -3.16 10.39 -8.63
N HIS A 84 -3.35 9.26 -9.33
CA HIS A 84 -2.69 8.01 -8.99
C HIS A 84 -1.16 8.03 -9.26
N VAL A 85 -0.43 7.31 -8.41
CA VAL A 85 1.04 7.14 -8.45
C VAL A 85 1.49 6.39 -9.72
N PRO A 86 2.78 6.46 -10.05
CA PRO A 86 3.36 5.87 -11.24
C PRO A 86 3.11 4.36 -11.35
N GLY A 87 2.23 3.95 -12.28
CA GLY A 87 1.87 2.55 -12.54
C GLY A 87 0.68 1.98 -11.73
N SER A 88 0.04 2.76 -10.87
CA SER A 88 -1.13 2.34 -10.07
C SER A 88 -2.43 2.20 -10.91
N PRO A 89 -3.47 1.48 -10.39
CA PRO A 89 -3.51 0.74 -9.13
C PRO A 89 -2.69 -0.55 -9.13
N PHE A 90 -2.42 -1.08 -7.93
CA PHE A 90 -1.72 -2.35 -7.72
C PHE A 90 -2.75 -3.49 -7.49
N THR A 91 -2.83 -4.45 -8.41
CA THR A 91 -3.70 -5.64 -8.28
C THR A 91 -3.08 -6.69 -7.37
N ALA A 92 -3.54 -6.78 -6.12
CA ALA A 92 -3.07 -7.63 -5.03
C ALA A 92 -3.86 -8.97 -4.96
N ARG A 93 -3.23 -10.08 -5.35
CA ARG A 93 -3.85 -11.42 -5.35
C ARG A 93 -3.90 -12.07 -3.96
N VAL A 94 -4.92 -11.77 -3.18
CA VAL A 94 -5.26 -12.35 -1.88
C VAL A 94 -5.65 -13.84 -1.99
N THR A 95 -4.73 -14.74 -1.60
CA THR A 95 -4.96 -16.21 -1.59
C THR A 95 -5.73 -16.66 -0.32
N GLY A 96 -6.75 -17.50 -0.48
CA GLY A 96 -7.70 -17.87 0.57
C GLY A 96 -7.56 -19.29 1.13
N ASP A 97 -8.07 -19.46 2.35
CA ASP A 97 -8.19 -20.78 3.00
C ASP A 97 -9.47 -21.59 2.61
N ASP A 98 -10.48 -20.90 2.08
CA ASP A 98 -11.78 -21.45 1.62
C ASP A 98 -11.63 -22.45 0.44
N GLY A 1 21.62 7.80 -13.87
CA GLY A 1 21.61 9.24 -13.49
C GLY A 1 21.95 9.43 -12.01
N ALA A 2 23.18 9.87 -11.70
CA ALA A 2 23.71 10.05 -10.33
C ALA A 2 23.12 11.25 -9.54
N MET A 3 22.29 12.11 -10.17
CA MET A 3 21.74 13.34 -9.58
C MET A 3 20.72 13.12 -8.44
N VAL A 4 20.20 11.89 -8.26
CA VAL A 4 19.19 11.54 -7.24
C VAL A 4 19.56 10.28 -6.47
N VAL A 5 18.97 10.10 -5.28
CA VAL A 5 19.04 8.85 -4.49
C VAL A 5 18.27 7.74 -5.22
N ASN A 6 16.99 8.01 -5.57
CA ASN A 6 16.14 7.20 -6.44
C ASN A 6 15.09 8.10 -7.14
N CYS A 7 14.42 7.61 -8.19
CA CYS A 7 13.33 8.32 -8.87
C CYS A 7 12.03 8.45 -8.03
N GLY A 8 11.90 7.66 -6.96
CA GLY A 8 10.76 7.65 -6.02
C GLY A 8 11.22 7.78 -4.56
N HIS A 9 11.07 8.98 -3.98
CA HIS A 9 11.49 9.34 -2.60
C HIS A 9 10.54 8.80 -1.49
N VAL A 10 9.31 8.42 -1.86
CA VAL A 10 8.25 7.82 -1.02
C VAL A 10 7.65 6.62 -1.78
N THR A 11 7.49 5.49 -1.11
CA THR A 11 7.22 4.17 -1.71
C THR A 11 6.36 3.27 -0.82
N ALA A 12 5.95 2.12 -1.38
CA ALA A 12 5.25 1.02 -0.70
C ALA A 12 5.92 -0.34 -1.03
N TYR A 13 5.99 -1.24 -0.05
CA TYR A 13 6.53 -2.59 -0.20
C TYR A 13 5.93 -3.59 0.79
N GLY A 14 6.01 -4.89 0.47
CA GLY A 14 5.67 -6.03 1.33
C GLY A 14 4.86 -7.14 0.62
N PRO A 15 4.69 -8.31 1.28
CA PRO A 15 4.05 -9.49 0.69
C PRO A 15 2.53 -9.33 0.52
N GLY A 16 1.88 -8.51 1.33
CA GLY A 16 0.45 -8.17 1.19
C GLY A 16 0.11 -7.37 -0.08
N LEU A 17 1.10 -6.94 -0.86
CA LEU A 17 0.92 -6.32 -2.17
C LEU A 17 0.91 -7.32 -3.35
N THR A 18 1.26 -8.60 -3.12
CA THR A 18 1.28 -9.65 -4.17
C THR A 18 0.18 -10.69 -4.03
N HIS A 19 -0.24 -11.01 -2.80
CA HIS A 19 -1.29 -12.00 -2.49
C HIS A 19 -2.10 -11.63 -1.24
N GLY A 20 -3.16 -12.37 -0.96
CA GLY A 20 -4.01 -12.20 0.23
C GLY A 20 -4.70 -13.48 0.73
N VAL A 21 -5.33 -13.42 1.91
CA VAL A 21 -6.04 -14.54 2.54
C VAL A 21 -7.39 -14.10 3.06
N VAL A 22 -8.48 -14.51 2.40
CA VAL A 22 -9.86 -14.15 2.74
C VAL A 22 -10.14 -14.41 4.24
N ASN A 23 -10.57 -13.37 4.96
CA ASN A 23 -10.90 -13.31 6.39
C ASN A 23 -9.69 -13.35 7.36
N LYS A 24 -8.44 -13.24 6.87
CA LYS A 24 -7.23 -13.07 7.69
C LYS A 24 -6.57 -11.69 7.39
N PRO A 25 -6.15 -10.93 8.40
CA PRO A 25 -5.57 -9.60 8.23
C PRO A 25 -4.36 -9.59 7.29
N ALA A 26 -4.42 -8.72 6.29
CA ALA A 26 -3.32 -8.46 5.34
C ALA A 26 -2.65 -7.10 5.63
N THR A 27 -1.35 -7.02 5.39
CA THR A 27 -0.53 -5.84 5.75
C THR A 27 0.59 -5.55 4.76
N PHE A 28 1.08 -4.31 4.76
CA PHE A 28 2.30 -3.87 4.06
C PHE A 28 2.91 -2.62 4.71
N THR A 29 4.08 -2.18 4.22
CA THR A 29 4.77 -0.99 4.74
C THR A 29 4.88 0.08 3.66
N VAL A 30 4.71 1.34 4.06
CA VAL A 30 5.04 2.53 3.26
C VAL A 30 6.09 3.33 4.00
N ASN A 31 6.86 4.13 3.29
CA ASN A 31 8.01 4.88 3.80
C ASN A 31 8.09 6.25 3.12
N THR A 32 7.78 7.32 3.88
CA THR A 32 7.78 8.71 3.38
C THR A 32 9.11 9.46 3.44
N LYS A 33 10.08 8.91 4.17
CA LYS A 33 11.39 9.51 4.55
C LYS A 33 11.28 10.94 5.06
N ASP A 34 11.38 11.96 4.19
CA ASP A 34 11.14 13.36 4.54
C ASP A 34 9.66 13.76 4.40
N ALA A 35 9.14 13.79 3.16
CA ALA A 35 7.81 14.19 2.66
C ALA A 35 7.26 15.57 3.03
N GLY A 36 7.56 16.14 4.20
CA GLY A 36 6.98 17.40 4.68
C GLY A 36 5.46 17.32 4.84
N GLU A 37 4.71 18.24 4.21
CA GLU A 37 3.23 18.22 4.08
C GLU A 37 2.70 17.24 3.01
N GLY A 38 3.58 16.45 2.39
CA GLY A 38 3.30 15.42 1.39
C GLY A 38 2.34 14.32 1.91
N GLY A 39 1.05 14.44 1.61
CA GLY A 39 -0.01 13.54 2.09
C GLY A 39 -0.12 12.25 1.28
N LEU A 40 0.70 11.26 1.64
CA LEU A 40 0.63 9.87 1.18
C LEU A 40 -0.71 9.26 1.62
N SER A 41 -1.56 8.94 0.64
CA SER A 41 -2.88 8.36 0.81
C SER A 41 -3.10 7.21 -0.17
N LEU A 42 -3.89 6.21 0.21
CA LEU A 42 -4.19 5.04 -0.58
C LEU A 42 -5.55 4.42 -0.32
N ALA A 43 -5.95 3.52 -1.23
CA ALA A 43 -7.11 2.64 -1.06
C ALA A 43 -6.86 1.28 -1.71
N ILE A 44 -7.77 0.33 -1.45
CA ILE A 44 -7.83 -0.99 -2.07
C ILE A 44 -9.13 -1.11 -2.89
N GLU A 45 -8.97 -1.33 -4.19
CA GLU A 45 -10.02 -1.65 -5.14
C GLU A 45 -9.97 -3.15 -5.53
N GLY A 46 -10.93 -3.64 -6.33
CA GLY A 46 -11.10 -5.06 -6.68
C GLY A 46 -12.55 -5.44 -6.91
N PRO A 47 -12.95 -6.73 -6.77
CA PRO A 47 -14.37 -7.09 -6.71
C PRO A 47 -15.04 -6.69 -5.40
N SER A 48 -14.20 -6.39 -4.40
CA SER A 48 -14.50 -6.19 -2.98
C SER A 48 -13.48 -5.23 -2.36
N LYS A 49 -13.77 -4.73 -1.16
CA LYS A 49 -12.99 -3.73 -0.41
C LYS A 49 -12.74 -4.17 1.05
N ALA A 50 -11.92 -3.39 1.77
CA ALA A 50 -11.52 -3.65 3.15
C ALA A 50 -11.49 -2.37 4.02
N GLU A 51 -11.43 -2.57 5.35
CA GLU A 51 -11.14 -1.50 6.34
C GLU A 51 -9.67 -1.07 6.25
N ILE A 52 -9.40 0.24 6.20
CA ILE A 52 -8.05 0.78 5.99
C ILE A 52 -7.56 1.47 7.26
N SER A 53 -6.44 0.99 7.82
CA SER A 53 -5.73 1.56 8.98
C SER A 53 -4.25 1.77 8.65
N CYS A 54 -3.60 2.77 9.25
CA CYS A 54 -2.20 3.12 9.07
C CYS A 54 -1.55 3.55 10.42
N THR A 55 -0.21 3.48 10.51
CA THR A 55 0.55 3.74 11.74
C THR A 55 1.87 4.45 11.41
N ASP A 56 1.95 5.77 11.65
CA ASP A 56 3.15 6.60 11.51
C ASP A 56 4.20 6.36 12.64
N ASN A 57 5.22 5.56 12.33
CA ASN A 57 6.29 5.17 13.24
C ASN A 57 7.41 6.22 13.40
N GLN A 58 8.42 5.87 14.19
CA GLN A 58 9.60 6.68 14.51
C GLN A 58 10.39 7.15 13.26
N ASP A 59 10.53 6.32 12.22
CA ASP A 59 11.38 6.58 11.05
C ASP A 59 10.62 7.22 9.87
N GLY A 60 9.34 7.53 10.04
CA GLY A 60 8.46 8.06 8.98
C GLY A 60 7.77 7.00 8.12
N THR A 61 7.97 5.71 8.42
CA THR A 61 7.18 4.62 7.85
C THR A 61 5.72 4.71 8.35
N CYS A 62 4.74 4.41 7.49
CA CYS A 62 3.31 4.66 7.76
C CYS A 62 2.45 3.38 7.88
N SER A 63 3.09 2.19 7.93
CA SER A 63 2.59 0.83 8.18
C SER A 63 1.06 0.61 8.04
N VAL A 64 0.61 0.14 6.88
CA VAL A 64 -0.80 -0.05 6.55
C VAL A 64 -1.25 -1.48 6.87
N SER A 65 -2.44 -1.60 7.44
CA SER A 65 -3.13 -2.85 7.80
C SER A 65 -4.57 -2.82 7.29
N TYR A 66 -5.03 -3.92 6.69
CA TYR A 66 -6.36 -4.13 6.16
C TYR A 66 -6.83 -5.58 6.33
N LEU A 67 -8.07 -5.86 5.94
CA LEU A 67 -8.69 -7.19 6.10
C LEU A 67 -9.54 -7.56 4.87
N PRO A 68 -9.03 -8.38 3.92
CA PRO A 68 -9.82 -8.89 2.79
C PRO A 68 -10.93 -9.84 3.27
N VAL A 69 -12.08 -9.80 2.59
CA VAL A 69 -13.30 -10.56 2.95
C VAL A 69 -13.91 -11.35 1.77
N LEU A 70 -13.33 -11.25 0.57
CA LEU A 70 -13.78 -11.96 -0.63
C LEU A 70 -12.60 -12.11 -1.63
N PRO A 71 -12.38 -13.30 -2.22
CA PRO A 71 -11.21 -13.55 -3.07
C PRO A 71 -11.27 -12.80 -4.40
N GLY A 72 -10.13 -12.29 -4.87
CA GLY A 72 -10.01 -11.43 -6.05
C GLY A 72 -8.66 -10.73 -6.26
N ASP A 73 -8.57 -9.99 -7.37
CA ASP A 73 -7.44 -9.12 -7.75
C ASP A 73 -7.55 -7.76 -7.02
N TYR A 74 -7.03 -7.70 -5.79
CA TYR A 74 -7.03 -6.50 -4.96
C TYR A 74 -6.03 -5.46 -5.49
N SER A 75 -6.51 -4.47 -6.23
CA SER A 75 -5.71 -3.36 -6.76
C SER A 75 -5.39 -2.33 -5.67
N ILE A 76 -4.15 -2.32 -5.19
CA ILE A 76 -3.67 -1.29 -4.25
C ILE A 76 -3.39 0.02 -5.01
N LEU A 77 -4.26 1.02 -4.85
CA LEU A 77 -4.16 2.35 -5.47
C LEU A 77 -3.51 3.34 -4.48
N VAL A 78 -2.26 3.72 -4.74
CA VAL A 78 -1.52 4.69 -3.90
C VAL A 78 -1.35 6.06 -4.61
N LYS A 79 -1.55 7.16 -3.88
CA LYS A 79 -1.37 8.55 -4.30
C LYS A 79 -0.47 9.34 -3.36
N TYR A 80 0.24 10.29 -3.94
CA TYR A 80 1.09 11.27 -3.27
C TYR A 80 0.92 12.65 -3.93
N ASN A 81 0.26 13.57 -3.24
CA ASN A 81 -0.10 14.92 -3.71
C ASN A 81 -0.86 14.92 -5.06
N GLU A 82 -2.12 14.48 -5.03
CA GLU A 82 -3.11 14.55 -6.13
C GLU A 82 -2.77 13.76 -7.42
N GLN A 83 -1.66 13.01 -7.46
CA GLN A 83 -1.28 12.06 -8.51
C GLN A 83 -0.88 10.69 -7.93
N HIS A 84 -0.90 9.64 -8.75
CA HIS A 84 -0.49 8.31 -8.29
C HIS A 84 1.04 8.19 -8.06
N VAL A 85 1.42 7.24 -7.19
CA VAL A 85 2.80 6.98 -6.75
C VAL A 85 3.67 6.35 -7.86
N PRO A 86 5.01 6.37 -7.69
CA PRO A 86 6.00 5.99 -8.70
C PRO A 86 5.96 4.57 -9.27
N GLY A 87 5.12 3.72 -8.69
CA GLY A 87 4.96 2.30 -9.03
C GLY A 87 3.51 1.79 -8.99
N SER A 88 2.52 2.65 -8.77
CA SER A 88 1.10 2.27 -8.69
C SER A 88 0.50 1.80 -10.05
N PRO A 89 -0.55 0.97 -10.04
CA PRO A 89 -1.05 0.17 -8.91
C PRO A 89 -0.13 -1.04 -8.61
N PHE A 90 -0.25 -1.62 -7.41
CA PHE A 90 0.58 -2.77 -6.98
C PHE A 90 -0.10 -4.16 -7.17
N THR A 91 -1.43 -4.19 -7.35
CA THR A 91 -2.29 -5.35 -7.73
C THR A 91 -1.92 -6.71 -7.09
N ALA A 92 -2.39 -6.93 -5.86
CA ALA A 92 -2.33 -8.23 -5.14
C ALA A 92 -3.40 -9.21 -5.65
N ARG A 93 -3.35 -10.48 -5.23
CA ARG A 93 -4.40 -11.48 -5.49
C ARG A 93 -4.71 -12.37 -4.31
N VAL A 94 -5.73 -11.97 -3.54
CA VAL A 94 -6.38 -12.68 -2.45
C VAL A 94 -6.99 -14.01 -2.89
N THR A 95 -6.75 -15.07 -2.13
CA THR A 95 -7.33 -16.41 -2.33
C THR A 95 -8.16 -16.86 -1.11
N GLY A 96 -9.17 -17.70 -1.38
CA GLY A 96 -10.23 -18.09 -0.43
C GLY A 96 -9.89 -19.29 0.48
N ASP A 97 -9.83 -19.04 1.81
CA ASP A 97 -9.65 -20.07 2.85
C ASP A 97 -10.92 -20.92 3.12
N ASP A 98 -12.08 -20.49 2.62
CA ASP A 98 -13.39 -21.18 2.70
C ASP A 98 -13.38 -22.61 2.10
N GLY A 1 19.17 0.59 2.37
CA GLY A 1 18.11 -0.26 1.78
C GLY A 1 17.54 0.40 0.54
N ALA A 2 17.79 -0.21 -0.64
CA ALA A 2 17.32 0.26 -1.95
C ALA A 2 15.80 0.10 -2.17
N MET A 3 15.31 0.62 -3.31
CA MET A 3 13.94 0.50 -3.80
C MET A 3 13.91 0.05 -5.27
N VAL A 4 12.72 -0.32 -5.79
CA VAL A 4 12.51 -0.70 -7.19
C VAL A 4 12.61 0.52 -8.12
N VAL A 5 12.00 1.65 -7.72
CA VAL A 5 12.12 2.93 -8.42
C VAL A 5 13.53 3.54 -8.30
N ASN A 6 13.90 4.41 -9.26
CA ASN A 6 15.13 5.20 -9.21
C ASN A 6 15.10 6.37 -8.21
N CYS A 7 13.90 6.84 -7.84
CA CYS A 7 13.66 7.92 -6.88
C CYS A 7 13.93 7.50 -5.41
N GLY A 8 13.98 8.49 -4.52
CA GLY A 8 14.05 8.35 -3.05
C GLY A 8 12.86 8.98 -2.32
N HIS A 9 11.79 9.35 -3.06
CA HIS A 9 10.66 10.15 -2.58
C HIS A 9 9.54 9.30 -1.93
N VAL A 10 8.38 9.91 -1.72
CA VAL A 10 7.12 9.27 -1.33
C VAL A 10 6.63 8.28 -2.40
N THR A 11 6.69 7.01 -2.03
CA THR A 11 6.39 5.83 -2.82
C THR A 11 5.83 4.74 -1.88
N ALA A 12 5.21 3.68 -2.41
CA ALA A 12 4.78 2.54 -1.61
C ALA A 12 5.55 1.26 -2.00
N TYR A 13 5.87 0.44 -0.99
CA TYR A 13 6.62 -0.81 -1.13
C TYR A 13 6.32 -1.76 0.05
N GLY A 14 6.74 -3.04 -0.03
CA GLY A 14 6.66 -4.00 1.10
C GLY A 14 5.96 -5.32 0.75
N PRO A 15 5.85 -6.25 1.72
CA PRO A 15 5.26 -7.57 1.53
C PRO A 15 3.82 -7.52 0.96
N GLY A 16 2.99 -6.66 1.51
CA GLY A 16 1.56 -6.53 1.20
C GLY A 16 1.24 -6.16 -0.25
N LEU A 17 2.17 -5.61 -1.03
CA LEU A 17 2.02 -5.38 -2.48
C LEU A 17 2.50 -6.58 -3.33
N THR A 18 3.38 -7.42 -2.78
CA THR A 18 3.83 -8.67 -3.46
C THR A 18 2.79 -9.78 -3.30
N HIS A 19 2.31 -10.01 -2.07
CA HIS A 19 1.29 -11.00 -1.71
C HIS A 19 0.43 -10.52 -0.53
N GLY A 20 -0.72 -11.17 -0.33
CA GLY A 20 -1.67 -10.92 0.74
C GLY A 20 -2.07 -12.19 1.51
N VAL A 21 -2.84 -12.05 2.58
CA VAL A 21 -3.49 -13.16 3.30
C VAL A 21 -4.94 -12.83 3.64
N VAL A 22 -5.85 -13.79 3.47
CA VAL A 22 -7.32 -13.64 3.56
C VAL A 22 -7.84 -13.75 5.01
N ASN A 23 -8.83 -12.92 5.36
CA ASN A 23 -9.45 -12.80 6.69
C ASN A 23 -8.48 -12.56 7.87
N LYS A 24 -7.26 -12.11 7.58
CA LYS A 24 -6.26 -11.63 8.58
C LYS A 24 -5.60 -10.34 8.08
N PRO A 25 -5.29 -9.37 8.95
CA PRO A 25 -4.72 -8.08 8.56
C PRO A 25 -3.41 -8.24 7.78
N ALA A 26 -3.28 -7.49 6.68
CA ALA A 26 -2.08 -7.41 5.85
C ALA A 26 -1.58 -5.95 5.80
N THR A 27 -0.31 -5.75 5.42
CA THR A 27 0.37 -4.44 5.56
C THR A 27 1.42 -4.14 4.48
N PHE A 28 1.65 -2.85 4.21
CA PHE A 28 2.75 -2.36 3.39
C PHE A 28 3.24 -0.97 3.87
N THR A 29 4.38 -0.53 3.37
CA THR A 29 5.06 0.70 3.81
C THR A 29 4.88 1.81 2.79
N VAL A 30 4.70 3.04 3.31
CA VAL A 30 4.73 4.30 2.57
C VAL A 30 5.72 5.22 3.27
N ASN A 31 6.35 6.04 2.45
CA ASN A 31 7.56 6.81 2.78
C ASN A 31 7.38 8.34 2.59
N THR A 32 6.46 8.92 3.38
CA THR A 32 6.21 10.38 3.45
C THR A 32 7.34 11.22 4.07
N LYS A 33 8.45 10.59 4.46
CA LYS A 33 9.68 11.18 5.01
C LYS A 33 10.21 12.35 4.16
N ASP A 34 10.36 12.11 2.85
CA ASP A 34 10.84 13.09 1.87
C ASP A 34 9.78 14.12 1.43
N ALA A 35 8.49 13.75 1.48
CA ALA A 35 7.34 14.65 1.26
C ALA A 35 7.17 15.67 2.39
N GLY A 36 7.54 15.29 3.62
CA GLY A 36 7.58 16.16 4.82
C GLY A 36 6.28 16.18 5.65
N GLU A 37 5.18 15.61 5.14
CA GLU A 37 3.91 15.50 5.84
C GLU A 37 3.12 14.28 5.35
N GLY A 38 2.22 13.72 6.18
CA GLY A 38 1.28 12.64 5.86
C GLY A 38 0.11 13.04 4.93
N GLY A 39 0.39 13.74 3.84
CA GLY A 39 -0.56 14.32 2.87
C GLY A 39 -0.93 13.41 1.67
N LEU A 40 -0.44 12.17 1.63
CA LEU A 40 -0.74 11.21 0.56
C LEU A 40 -2.20 10.71 0.57
N SER A 41 -2.60 10.02 -0.50
CA SER A 41 -3.93 9.37 -0.61
C SER A 41 -3.79 8.02 -1.31
N LEU A 42 -4.63 7.03 -0.99
CA LEU A 42 -4.73 5.79 -1.72
C LEU A 42 -6.10 5.11 -1.61
N ALA A 43 -6.29 4.05 -2.39
CA ALA A 43 -7.41 3.12 -2.30
C ALA A 43 -6.95 1.69 -2.60
N ILE A 44 -7.81 0.71 -2.24
CA ILE A 44 -7.66 -0.71 -2.62
C ILE A 44 -8.91 -1.14 -3.39
N GLU A 45 -8.71 -1.52 -4.65
CA GLU A 45 -9.67 -2.15 -5.54
C GLU A 45 -9.41 -3.68 -5.61
N GLY A 46 -10.27 -4.42 -6.30
CA GLY A 46 -10.28 -5.90 -6.29
C GLY A 46 -11.65 -6.51 -6.66
N PRO A 47 -11.86 -7.81 -6.39
CA PRO A 47 -13.17 -8.47 -6.51
C PRO A 47 -14.11 -8.04 -5.34
N SER A 48 -13.50 -7.54 -4.26
CA SER A 48 -14.08 -7.32 -2.93
C SER A 48 -13.36 -6.16 -2.23
N LYS A 49 -13.77 -5.86 -0.99
CA LYS A 49 -13.31 -4.72 -0.17
C LYS A 49 -12.33 -5.14 0.93
N ALA A 50 -11.68 -4.14 1.54
CA ALA A 50 -10.77 -4.29 2.69
C ALA A 50 -10.91 -3.12 3.70
N GLU A 51 -10.50 -3.32 4.95
CA GLU A 51 -10.49 -2.28 6.00
C GLU A 51 -9.18 -1.45 5.98
N ILE A 52 -9.11 -0.43 5.11
CA ILE A 52 -7.92 0.43 4.93
C ILE A 52 -7.71 1.33 6.17
N SER A 53 -6.47 1.41 6.69
CA SER A 53 -6.03 2.36 7.70
C SER A 53 -4.56 2.77 7.51
N CYS A 54 -4.08 3.78 8.25
CA CYS A 54 -2.70 4.29 8.23
C CYS A 54 -2.16 4.60 9.64
N THR A 55 -0.83 4.68 9.79
CA THR A 55 -0.18 4.80 11.10
C THR A 55 1.09 5.63 11.00
N ASP A 56 1.10 6.80 11.62
CA ASP A 56 2.31 7.62 11.84
C ASP A 56 3.22 6.92 12.88
N ASN A 57 4.52 6.81 12.61
CA ASN A 57 5.51 6.12 13.45
C ASN A 57 6.76 6.97 13.71
N GLN A 58 7.56 6.50 14.67
CA GLN A 58 8.87 7.06 15.03
C GLN A 58 9.89 7.05 13.85
N ASP A 59 9.78 6.06 12.95
CA ASP A 59 10.63 5.91 11.75
C ASP A 59 10.26 6.92 10.65
N GLY A 60 9.09 7.58 10.74
CA GLY A 60 8.63 8.65 9.86
C GLY A 60 7.72 8.19 8.71
N THR A 61 7.40 6.90 8.63
CA THR A 61 6.47 6.29 7.66
C THR A 61 5.00 6.69 7.93
N CYS A 62 4.11 6.44 6.97
CA CYS A 62 2.65 6.55 7.13
C CYS A 62 1.95 5.16 7.21
N SER A 63 2.72 4.08 7.26
CA SER A 63 2.42 2.63 7.41
C SER A 63 0.96 2.22 7.20
N VAL A 64 0.61 1.82 5.99
CA VAL A 64 -0.77 1.48 5.63
C VAL A 64 -1.04 -0.02 5.87
N SER A 65 -2.20 -0.29 6.47
CA SER A 65 -2.79 -1.61 6.68
C SER A 65 -4.09 -1.76 5.92
N TYR A 66 -4.43 -3.02 5.61
CA TYR A 66 -5.64 -3.47 4.94
C TYR A 66 -6.04 -4.87 5.43
N LEU A 67 -7.24 -5.35 5.09
CA LEU A 67 -7.81 -6.59 5.63
C LEU A 67 -8.79 -7.24 4.59
N PRO A 68 -8.29 -8.00 3.61
CA PRO A 68 -9.11 -8.59 2.54
C PRO A 68 -9.94 -9.75 3.06
N VAL A 69 -11.26 -9.65 2.90
CA VAL A 69 -12.24 -10.66 3.38
C VAL A 69 -12.34 -11.90 2.50
N LEU A 70 -11.80 -11.86 1.27
CA LEU A 70 -11.75 -12.98 0.32
C LEU A 70 -10.48 -12.97 -0.53
N PRO A 71 -10.10 -14.11 -1.15
CA PRO A 71 -8.99 -14.17 -2.12
C PRO A 71 -9.19 -13.26 -3.33
N GLY A 72 -8.10 -12.83 -3.97
CA GLY A 72 -8.20 -12.01 -5.19
C GLY A 72 -6.91 -11.30 -5.65
N ASP A 73 -7.04 -10.60 -6.77
CA ASP A 73 -6.01 -9.69 -7.32
C ASP A 73 -6.38 -8.25 -6.96
N TYR A 74 -5.86 -7.75 -5.84
CA TYR A 74 -6.26 -6.49 -5.24
C TYR A 74 -5.35 -5.33 -5.71
N SER A 75 -5.89 -4.48 -6.58
CA SER A 75 -5.19 -3.30 -7.13
C SER A 75 -5.08 -2.20 -6.08
N ILE A 76 -3.86 -1.98 -5.54
CA ILE A 76 -3.56 -0.84 -4.70
C ILE A 76 -3.33 0.38 -5.61
N LEU A 77 -4.16 1.42 -5.44
CA LEU A 77 -4.15 2.67 -6.22
C LEU A 77 -3.60 3.79 -5.33
N VAL A 78 -2.28 4.04 -5.36
CA VAL A 78 -1.61 5.09 -4.55
C VAL A 78 -1.47 6.38 -5.36
N LYS A 79 -1.69 7.52 -4.71
CA LYS A 79 -1.63 8.89 -5.25
C LYS A 79 -0.79 9.84 -4.39
N TYR A 80 -0.25 10.85 -5.03
CA TYR A 80 0.33 12.04 -4.37
C TYR A 80 0.04 13.28 -5.23
N ASN A 81 -0.67 14.25 -4.64
CA ASN A 81 -1.21 15.47 -5.27
C ASN A 81 -1.98 15.18 -6.57
N GLU A 82 -3.22 14.71 -6.43
CA GLU A 82 -4.27 14.46 -7.47
C GLU A 82 -3.90 13.58 -8.68
N GLN A 83 -2.74 12.93 -8.69
CA GLN A 83 -2.36 11.91 -9.67
C GLN A 83 -1.75 10.65 -9.01
N HIS A 84 -1.76 9.52 -9.72
CA HIS A 84 -1.15 8.29 -9.21
C HIS A 84 0.39 8.37 -9.17
N VAL A 85 0.96 7.55 -8.29
CA VAL A 85 2.40 7.45 -8.07
C VAL A 85 3.13 6.69 -9.20
N PRO A 86 4.46 6.77 -9.27
CA PRO A 86 5.29 6.21 -10.36
C PRO A 86 5.27 4.67 -10.48
N GLY A 87 5.00 4.02 -9.35
CA GLY A 87 4.92 2.57 -9.20
C GLY A 87 3.49 2.01 -9.29
N SER A 88 2.46 2.85 -9.17
CA SER A 88 1.03 2.49 -9.24
C SER A 88 0.57 2.13 -10.66
N PRO A 89 -0.47 1.29 -10.82
CA PRO A 89 -1.04 0.42 -9.78
C PRO A 89 -0.15 -0.76 -9.44
N PHE A 90 -0.31 -1.34 -8.23
CA PHE A 90 0.60 -2.35 -7.67
C PHE A 90 0.09 -3.81 -7.75
N THR A 91 -1.20 -4.02 -8.02
CA THR A 91 -1.95 -5.30 -8.11
C THR A 91 -1.39 -6.45 -7.24
N ALA A 92 -1.71 -6.43 -5.95
CA ALA A 92 -1.29 -7.42 -4.96
C ALA A 92 -2.02 -8.76 -5.13
N ARG A 93 -1.47 -9.84 -4.54
CA ARG A 93 -1.97 -11.22 -4.70
C ARG A 93 -2.21 -11.94 -3.37
N VAL A 94 -3.42 -11.70 -2.84
CA VAL A 94 -3.97 -12.24 -1.59
C VAL A 94 -4.27 -13.73 -1.69
N THR A 95 -3.49 -14.57 -0.99
CA THR A 95 -3.68 -16.02 -0.86
C THR A 95 -4.76 -16.36 0.16
N GLY A 96 -5.65 -17.27 -0.22
CA GLY A 96 -6.71 -17.84 0.61
C GLY A 96 -6.18 -18.91 1.57
N ASP A 97 -5.51 -18.49 2.64
CA ASP A 97 -4.98 -19.40 3.66
C ASP A 97 -6.06 -19.93 4.63
N ASP A 98 -7.17 -19.18 4.82
CA ASP A 98 -8.33 -19.52 5.64
C ASP A 98 -9.09 -20.79 5.19
N GLY A 1 30.61 10.44 -6.60
CA GLY A 1 30.15 9.19 -7.22
C GLY A 1 29.64 9.42 -8.64
N ALA A 2 28.52 8.78 -8.99
CA ALA A 2 27.81 8.91 -10.26
C ALA A 2 26.28 8.88 -10.08
N MET A 3 25.53 9.18 -11.15
CA MET A 3 24.05 9.22 -11.15
C MET A 3 23.37 7.86 -10.89
N VAL A 4 24.14 6.77 -10.87
CA VAL A 4 23.70 5.39 -10.64
C VAL A 4 23.07 5.18 -9.25
N VAL A 5 23.43 6.01 -8.26
CA VAL A 5 22.94 5.96 -6.87
C VAL A 5 22.42 7.33 -6.43
N ASN A 6 21.33 7.33 -5.65
CA ASN A 6 20.55 8.52 -5.27
C ASN A 6 20.07 8.42 -3.79
N CYS A 7 19.53 9.51 -3.25
CA CYS A 7 19.09 9.62 -1.83
C CYS A 7 17.65 9.10 -1.55
N GLY A 8 16.92 8.68 -2.58
CA GLY A 8 15.58 8.04 -2.47
C GLY A 8 14.39 9.02 -2.45
N HIS A 9 13.20 8.44 -2.42
CA HIS A 9 11.89 9.12 -2.49
C HIS A 9 10.79 8.35 -1.73
N VAL A 10 9.58 8.88 -1.63
CA VAL A 10 8.38 8.14 -1.17
C VAL A 10 8.04 7.01 -2.15
N THR A 11 7.69 5.84 -1.61
CA THR A 11 7.37 4.62 -2.36
C THR A 11 6.26 3.82 -1.67
N ALA A 12 5.75 2.78 -2.33
CA ALA A 12 4.81 1.79 -1.74
C ALA A 12 5.32 0.38 -2.02
N TYR A 13 5.59 -0.43 -0.98
CA TYR A 13 6.13 -1.78 -1.07
C TYR A 13 5.63 -2.68 0.06
N GLY A 14 5.65 -3.99 -0.17
CA GLY A 14 5.34 -5.04 0.81
C GLY A 14 4.43 -6.17 0.28
N PRO A 15 4.18 -7.21 1.10
CA PRO A 15 3.39 -8.38 0.70
C PRO A 15 1.93 -8.05 0.42
N GLY A 16 1.39 -7.00 1.05
CA GLY A 16 0.02 -6.54 0.83
C GLY A 16 -0.25 -5.89 -0.56
N LEU A 17 0.76 -5.72 -1.41
CA LEU A 17 0.59 -5.28 -2.80
C LEU A 17 0.73 -6.44 -3.83
N THR A 18 1.12 -7.65 -3.39
CA THR A 18 1.36 -8.81 -4.27
C THR A 18 0.33 -9.93 -4.06
N HIS A 19 -0.06 -10.22 -2.81
CA HIS A 19 -1.04 -11.22 -2.41
C HIS A 19 -1.89 -10.76 -1.21
N GLY A 20 -2.78 -11.62 -0.72
CA GLY A 20 -3.53 -11.42 0.53
C GLY A 20 -3.98 -12.73 1.19
N VAL A 21 -4.47 -12.66 2.44
CA VAL A 21 -4.94 -13.81 3.26
C VAL A 21 -6.41 -13.61 3.62
N VAL A 22 -7.31 -14.35 2.96
CA VAL A 22 -8.75 -14.25 3.18
C VAL A 22 -9.14 -14.50 4.66
N ASN A 23 -9.80 -13.51 5.24
CA ASN A 23 -10.27 -13.44 6.64
C ASN A 23 -9.17 -13.34 7.73
N LYS A 24 -7.90 -13.09 7.37
CA LYS A 24 -6.82 -12.72 8.28
C LYS A 24 -6.05 -11.46 7.83
N PRO A 25 -5.50 -10.68 8.75
CA PRO A 25 -5.00 -9.33 8.48
C PRO A 25 -3.82 -9.35 7.48
N ALA A 26 -3.65 -8.25 6.77
CA ALA A 26 -2.54 -8.04 5.84
C ALA A 26 -2.05 -6.57 5.89
N THR A 27 -0.80 -6.33 5.50
CA THR A 27 -0.11 -5.02 5.64
C THR A 27 0.87 -4.75 4.50
N PHE A 28 1.21 -3.47 4.31
CA PHE A 28 2.29 -2.99 3.45
C PHE A 28 2.87 -1.66 4.01
N THR A 29 3.96 -1.17 3.44
CA THR A 29 4.69 0.02 3.90
C THR A 29 4.71 1.10 2.82
N VAL A 30 4.41 2.32 3.26
CA VAL A 30 4.51 3.58 2.48
C VAL A 30 5.36 4.55 3.28
N ASN A 31 6.64 4.32 3.09
CA ASN A 31 7.80 5.05 3.61
C ASN A 31 7.85 6.50 3.13
N THR A 32 7.00 7.35 3.70
CA THR A 32 6.93 8.82 3.50
C THR A 32 8.04 9.60 4.26
N LYS A 33 9.26 9.04 4.35
CA LYS A 33 10.44 9.44 5.14
C LYS A 33 10.58 10.94 5.40
N ASP A 34 10.61 11.76 4.35
CA ASP A 34 10.58 13.23 4.38
C ASP A 34 9.44 13.83 3.50
N ALA A 35 8.61 12.99 2.90
CA ALA A 35 7.39 13.27 2.12
C ALA A 35 6.18 13.66 2.98
N GLY A 36 6.32 13.61 4.32
CA GLY A 36 5.24 13.78 5.32
C GLY A 36 4.74 15.21 5.49
N GLU A 37 5.16 16.19 4.67
CA GLU A 37 4.79 17.62 4.79
C GLU A 37 3.32 17.97 4.46
N GLY A 38 2.56 16.97 3.99
CA GLY A 38 1.11 17.08 3.76
C GLY A 38 0.36 15.75 3.81
N GLY A 39 1.06 14.62 3.61
CA GLY A 39 0.52 13.27 3.65
C GLY A 39 -0.09 12.80 2.33
N LEU A 40 -0.02 11.48 2.09
CA LEU A 40 -0.59 10.82 0.93
C LEU A 40 -2.05 10.35 1.13
N SER A 41 -2.58 9.66 0.13
CA SER A 41 -3.87 8.94 0.18
C SER A 41 -3.80 7.68 -0.69
N LEU A 42 -4.54 6.64 -0.32
CA LEU A 42 -4.77 5.43 -1.10
C LEU A 42 -6.12 4.77 -0.74
N ALA A 43 -6.53 3.81 -1.57
CA ALA A 43 -7.65 2.91 -1.29
C ALA A 43 -7.41 1.49 -1.82
N ILE A 44 -8.28 0.56 -1.41
CA ILE A 44 -8.30 -0.83 -1.90
C ILE A 44 -9.69 -1.12 -2.51
N GLU A 45 -9.70 -1.74 -3.67
CA GLU A 45 -10.86 -2.21 -4.44
C GLU A 45 -10.70 -3.70 -4.84
N GLY A 46 -11.72 -4.26 -5.48
CA GLY A 46 -11.74 -5.67 -5.91
C GLY A 46 -13.15 -6.21 -6.17
N PRO A 47 -13.38 -7.54 -6.06
CA PRO A 47 -14.74 -8.10 -6.06
C PRO A 47 -15.49 -7.79 -4.74
N SER A 48 -14.74 -7.33 -3.72
CA SER A 48 -15.10 -7.18 -2.32
C SER A 48 -14.29 -6.03 -1.69
N LYS A 49 -14.42 -5.83 -0.39
CA LYS A 49 -13.83 -4.73 0.38
C LYS A 49 -13.08 -5.23 1.62
N ALA A 50 -12.28 -4.38 2.24
CA ALA A 50 -11.43 -4.65 3.40
C ALA A 50 -11.49 -3.53 4.46
N GLU A 51 -11.11 -3.83 5.70
CA GLU A 51 -11.07 -2.86 6.82
C GLU A 51 -9.75 -2.07 6.84
N ILE A 52 -9.64 -1.06 5.97
CA ILE A 52 -8.45 -0.21 5.81
C ILE A 52 -8.27 0.70 7.04
N SER A 53 -7.04 0.72 7.59
CA SER A 53 -6.65 1.65 8.68
C SER A 53 -5.16 2.05 8.57
N CYS A 54 -4.79 3.25 9.06
CA CYS A 54 -3.45 3.84 8.86
C CYS A 54 -2.77 4.23 10.19
N THR A 55 -1.43 4.28 10.23
CA THR A 55 -0.65 4.55 11.45
C THR A 55 0.42 5.64 11.19
N ASP A 56 0.65 6.49 12.21
CA ASP A 56 1.64 7.57 12.22
C ASP A 56 2.27 7.74 13.62
N ASN A 57 3.43 7.11 13.84
CA ASN A 57 4.23 7.15 15.08
C ASN A 57 5.73 7.39 14.76
N GLN A 58 6.64 6.97 15.64
CA GLN A 58 8.09 7.25 15.65
C GLN A 58 8.80 7.12 14.28
N ASP A 59 8.41 6.18 13.42
CA ASP A 59 9.02 5.93 12.11
C ASP A 59 8.62 6.97 11.03
N GLY A 60 7.57 7.77 11.30
CA GLY A 60 7.13 8.87 10.43
C GLY A 60 6.48 8.45 9.11
N THR A 61 6.27 7.16 8.88
CA THR A 61 5.64 6.59 7.68
C THR A 61 4.11 6.84 7.61
N CYS A 62 3.48 6.45 6.50
CA CYS A 62 2.00 6.47 6.36
C CYS A 62 1.39 5.04 6.45
N SER A 63 2.10 4.09 7.06
CA SER A 63 1.85 2.64 7.06
C SER A 63 0.38 2.25 7.20
N VAL A 64 -0.06 1.31 6.35
CA VAL A 64 -1.46 0.91 6.18
C VAL A 64 -1.63 -0.58 6.44
N SER A 65 -2.64 -0.92 7.25
CA SER A 65 -3.15 -2.28 7.48
C SER A 65 -4.54 -2.44 6.86
N TYR A 66 -4.89 -3.66 6.47
CA TYR A 66 -6.22 -4.02 5.96
C TYR A 66 -6.55 -5.49 6.27
N LEU A 67 -7.80 -5.91 6.03
CA LEU A 67 -8.32 -7.23 6.36
C LEU A 67 -9.40 -7.62 5.34
N PRO A 68 -9.07 -8.40 4.30
CA PRO A 68 -10.03 -8.87 3.29
C PRO A 68 -10.96 -9.96 3.84
N VAL A 69 -12.18 -10.04 3.33
CA VAL A 69 -13.20 -11.01 3.78
C VAL A 69 -13.63 -12.04 2.73
N LEU A 70 -13.17 -11.89 1.48
CA LEU A 70 -13.52 -12.77 0.35
C LEU A 70 -12.33 -12.86 -0.64
N PRO A 71 -12.05 -14.01 -1.27
CA PRO A 71 -10.97 -14.18 -2.26
C PRO A 71 -11.08 -13.22 -3.47
N GLY A 72 -9.95 -12.89 -4.10
CA GLY A 72 -9.97 -12.13 -5.36
C GLY A 72 -8.64 -11.58 -5.84
N ASP A 73 -8.71 -10.88 -6.97
CA ASP A 73 -7.63 -10.09 -7.58
C ASP A 73 -7.87 -8.60 -7.31
N TYR A 74 -7.61 -8.20 -6.06
CA TYR A 74 -7.83 -6.85 -5.53
C TYR A 74 -6.92 -5.82 -6.19
N SER A 75 -7.29 -4.54 -6.17
CA SER A 75 -6.56 -3.41 -6.72
C SER A 75 -6.21 -2.39 -5.63
N ILE A 76 -4.92 -2.15 -5.37
CA ILE A 76 -4.46 -1.08 -4.50
C ILE A 76 -4.27 0.20 -5.33
N LEU A 77 -5.15 1.18 -5.13
CA LEU A 77 -5.10 2.51 -5.75
C LEU A 77 -4.21 3.41 -4.88
N VAL A 78 -2.90 3.45 -5.11
CA VAL A 78 -1.99 4.35 -4.35
C VAL A 78 -1.85 5.69 -5.06
N LYS A 79 -1.84 6.78 -4.30
CA LYS A 79 -1.50 8.14 -4.77
C LYS A 79 -0.38 8.77 -3.95
N TYR A 80 0.15 9.89 -4.44
CA TYR A 80 0.98 10.83 -3.67
C TYR A 80 0.53 12.27 -3.94
N ASN A 81 0.29 13.02 -2.86
CA ASN A 81 -0.30 14.36 -2.78
C ASN A 81 -1.74 14.45 -3.35
N GLU A 82 -1.97 14.14 -4.62
CA GLU A 82 -3.31 14.21 -5.26
C GLU A 82 -3.55 13.24 -6.45
N GLN A 83 -2.53 12.57 -6.98
CA GLN A 83 -2.59 11.74 -8.20
C GLN A 83 -1.83 10.42 -8.02
N HIS A 84 -2.16 9.42 -8.86
CA HIS A 84 -1.69 8.03 -8.69
C HIS A 84 -0.16 7.89 -8.79
N VAL A 85 0.37 6.94 -8.02
CA VAL A 85 1.80 6.63 -7.89
C VAL A 85 2.42 6.04 -9.19
N PRO A 86 3.76 6.08 -9.31
CA PRO A 86 4.51 5.76 -10.52
C PRO A 86 4.34 4.36 -11.14
N GLY A 87 3.72 3.46 -10.38
CA GLY A 87 3.38 2.07 -10.72
C GLY A 87 1.94 1.65 -10.42
N SER A 88 1.08 2.52 -9.91
CA SER A 88 -0.34 2.21 -9.65
C SER A 88 -1.14 1.95 -10.93
N PRO A 89 -2.23 1.14 -10.88
CA PRO A 89 -2.68 0.38 -9.69
C PRO A 89 -1.85 -0.93 -9.48
N PHE A 90 -2.01 -1.56 -8.32
CA PHE A 90 -1.31 -2.81 -7.95
C PHE A 90 -2.32 -3.96 -7.74
N THR A 91 -2.29 -4.96 -8.62
CA THR A 91 -3.07 -6.22 -8.53
C THR A 91 -2.51 -7.15 -7.44
N ALA A 92 -3.23 -7.34 -6.34
CA ALA A 92 -2.85 -8.20 -5.22
C ALA A 92 -3.77 -9.44 -5.09
N ARG A 93 -3.18 -10.64 -5.23
CA ARG A 93 -3.92 -11.91 -5.21
C ARG A 93 -4.26 -12.43 -3.78
N VAL A 94 -5.30 -11.84 -3.19
CA VAL A 94 -6.01 -12.26 -1.98
C VAL A 94 -6.52 -13.69 -2.11
N THR A 95 -5.74 -14.66 -1.62
CA THR A 95 -5.96 -16.09 -1.86
C THR A 95 -6.88 -16.72 -0.82
N GLY A 96 -7.85 -17.51 -1.29
CA GLY A 96 -8.81 -18.29 -0.49
C GLY A 96 -8.23 -19.61 -0.04
N ASP A 97 -7.63 -19.62 1.15
CA ASP A 97 -6.95 -20.82 1.71
C ASP A 97 -7.92 -21.98 2.09
N ASP A 98 -9.20 -21.67 2.31
CA ASP A 98 -10.33 -22.57 2.53
C ASP A 98 -11.61 -22.06 1.84
N GLY A 1 19.22 6.50 -20.13
CA GLY A 1 19.30 7.65 -19.19
C GLY A 1 17.99 7.84 -18.44
N ALA A 2 18.07 8.03 -17.12
CA ALA A 2 16.93 8.29 -16.23
C ALA A 2 17.30 9.26 -15.09
N MET A 3 16.31 9.63 -14.27
CA MET A 3 16.44 10.55 -13.12
C MET A 3 15.73 10.01 -11.87
N VAL A 4 16.03 10.59 -10.71
CA VAL A 4 15.51 10.19 -9.38
C VAL A 4 14.61 11.27 -8.75
N VAL A 5 14.61 12.50 -9.30
CA VAL A 5 13.95 13.71 -8.78
C VAL A 5 14.48 14.06 -7.38
N ASN A 6 15.73 14.54 -7.34
CA ASN A 6 16.52 15.02 -6.19
C ASN A 6 16.31 14.30 -4.84
N CYS A 7 15.32 14.73 -4.06
CA CYS A 7 14.95 14.14 -2.77
C CYS A 7 14.43 12.70 -2.84
N GLY A 8 13.99 12.23 -4.02
CA GLY A 8 13.45 10.89 -4.26
C GLY A 8 12.00 10.72 -3.77
N HIS A 9 11.08 10.43 -4.69
CA HIS A 9 9.71 10.09 -4.31
C HIS A 9 9.66 8.86 -3.39
N VAL A 10 8.69 8.84 -2.48
CA VAL A 10 8.50 7.75 -1.49
C VAL A 10 8.05 6.46 -2.19
N THR A 11 8.18 5.32 -1.50
CA THR A 11 7.86 3.98 -2.03
C THR A 11 7.15 3.09 -0.99
N ALA A 12 6.59 1.98 -1.49
CA ALA A 12 5.90 0.94 -0.72
C ALA A 12 6.43 -0.47 -1.07
N TYR A 13 6.49 -1.37 -0.09
CA TYR A 13 7.12 -2.69 -0.19
C TYR A 13 6.49 -3.70 0.81
N GLY A 14 6.88 -4.99 0.71
CA GLY A 14 6.44 -6.09 1.60
C GLY A 14 5.53 -7.15 0.95
N PRO A 15 5.27 -8.27 1.66
CA PRO A 15 4.54 -9.43 1.11
C PRO A 15 3.04 -9.18 0.90
N GLY A 16 2.45 -8.23 1.63
CA GLY A 16 1.04 -7.85 1.47
C GLY A 16 0.75 -7.09 0.17
N LEU A 17 1.77 -6.75 -0.63
CA LEU A 17 1.55 -6.24 -1.98
C LEU A 17 1.31 -7.37 -3.00
N THR A 18 1.64 -8.64 -2.69
CA THR A 18 1.53 -9.78 -3.62
C THR A 18 0.72 -10.97 -3.08
N HIS A 19 0.54 -11.08 -1.76
CA HIS A 19 -0.19 -12.13 -1.07
C HIS A 19 -1.21 -11.54 -0.06
N GLY A 20 -2.02 -12.38 0.59
CA GLY A 20 -3.05 -11.96 1.56
C GLY A 20 -3.65 -13.12 2.38
N VAL A 21 -4.40 -12.76 3.42
CA VAL A 21 -5.23 -13.65 4.27
C VAL A 21 -6.58 -12.97 4.54
N VAL A 22 -7.62 -13.76 4.82
CA VAL A 22 -9.02 -13.27 4.87
C VAL A 22 -9.71 -13.47 6.22
N ASN A 23 -10.64 -12.57 6.54
CA ASN A 23 -11.30 -12.36 7.84
C ASN A 23 -10.33 -12.00 9.00
N LYS A 24 -9.03 -11.90 8.72
CA LYS A 24 -8.01 -11.32 9.59
C LYS A 24 -7.18 -10.27 8.80
N PRO A 25 -6.52 -9.32 9.50
CA PRO A 25 -5.92 -8.14 8.92
C PRO A 25 -4.72 -8.46 8.00
N ALA A 26 -4.67 -7.72 6.89
CA ALA A 26 -3.51 -7.67 5.98
C ALA A 26 -2.77 -6.33 6.15
N THR A 27 -1.46 -6.33 5.90
CA THR A 27 -0.57 -5.18 6.09
C THR A 27 0.59 -5.16 5.08
N PHE A 28 1.21 -3.98 4.91
CA PHE A 28 2.45 -3.74 4.16
C PHE A 28 3.21 -2.53 4.76
N THR A 29 4.40 -2.22 4.22
CA THR A 29 5.25 -1.14 4.74
C THR A 29 5.62 -0.15 3.62
N VAL A 30 5.94 1.09 3.98
CA VAL A 30 6.36 2.16 3.09
C VAL A 30 7.60 2.87 3.70
N ASN A 31 8.12 3.88 3.04
CA ASN A 31 9.12 4.78 3.62
C ASN A 31 8.81 6.25 3.26
N THR A 32 7.66 6.71 3.76
CA THR A 32 7.05 8.02 3.55
C THR A 32 7.70 9.08 4.45
N LYS A 33 8.98 9.37 4.17
CA LYS A 33 9.89 10.18 5.01
C LYS A 33 9.51 11.67 5.20
N ASP A 34 8.79 12.26 4.24
CA ASP A 34 8.38 13.68 4.22
C ASP A 34 6.91 13.88 3.76
N ALA A 35 6.18 12.78 3.63
CA ALA A 35 4.86 12.73 3.01
C ALA A 35 3.73 13.58 3.62
N GLY A 36 3.84 13.97 4.90
CA GLY A 36 2.86 14.78 5.65
C GLY A 36 2.60 16.17 5.02
N GLU A 37 3.53 16.65 4.20
CA GLU A 37 3.44 17.89 3.41
C GLU A 37 3.78 17.68 1.91
N GLY A 38 3.96 16.42 1.47
CA GLY A 38 4.35 16.00 0.10
C GLY A 38 3.24 15.44 -0.78
N GLY A 39 2.16 14.88 -0.20
CA GLY A 39 0.93 14.48 -0.88
C GLY A 39 0.85 12.98 -1.18
N LEU A 40 1.09 12.13 -0.16
CA LEU A 40 0.83 10.67 -0.22
C LEU A 40 -0.68 10.36 -0.09
N SER A 41 -1.20 9.47 -0.92
CA SER A 41 -2.54 8.87 -0.80
C SER A 41 -2.55 7.46 -1.40
N LEU A 42 -3.34 6.56 -0.84
CA LEU A 42 -3.56 5.22 -1.37
C LEU A 42 -4.91 4.63 -1.01
N ALA A 43 -5.28 3.56 -1.73
CA ALA A 43 -6.42 2.71 -1.43
C ALA A 43 -6.18 1.25 -1.93
N ILE A 44 -7.08 0.31 -1.57
CA ILE A 44 -7.14 -1.05 -2.10
C ILE A 44 -8.45 -1.22 -2.87
N GLU A 45 -8.36 -1.86 -4.04
CA GLU A 45 -9.48 -2.34 -4.86
C GLU A 45 -9.51 -3.88 -4.93
N GLY A 46 -10.64 -4.46 -5.40
CA GLY A 46 -10.80 -5.92 -5.48
C GLY A 46 -12.24 -6.34 -5.73
N PRO A 47 -12.58 -7.62 -5.52
CA PRO A 47 -13.93 -8.12 -5.70
C PRO A 47 -14.90 -7.67 -4.58
N SER A 48 -14.35 -7.34 -3.42
CA SER A 48 -15.05 -7.12 -2.16
C SER A 48 -14.46 -5.95 -1.32
N LYS A 49 -13.55 -5.17 -1.92
CA LYS A 49 -12.94 -3.89 -1.47
C LYS A 49 -12.64 -3.79 0.05
N ALA A 50 -11.43 -4.18 0.43
CA ALA A 50 -10.97 -4.26 1.82
C ALA A 50 -11.13 -2.93 2.62
N GLU A 51 -11.39 -3.03 3.92
CA GLU A 51 -11.58 -1.86 4.78
C GLU A 51 -10.27 -1.24 5.28
N ILE A 52 -9.96 -0.02 4.84
CA ILE A 52 -8.71 0.69 5.14
C ILE A 52 -8.73 1.25 6.57
N SER A 53 -7.62 1.08 7.29
CA SER A 53 -7.31 1.70 8.59
C SER A 53 -5.81 2.06 8.68
N CYS A 54 -5.41 2.86 9.68
CA CYS A 54 -4.04 3.31 9.87
C CYS A 54 -3.67 3.59 11.34
N THR A 55 -2.38 3.75 11.60
CA THR A 55 -1.75 4.08 12.90
C THR A 55 -0.67 5.16 12.70
N ASP A 56 -0.31 5.91 13.75
CA ASP A 56 0.78 6.93 13.75
C ASP A 56 2.15 6.30 13.35
N ASN A 57 3.04 7.13 12.80
CA ASN A 57 4.39 6.78 12.37
C ASN A 57 5.34 6.33 13.51
N GLN A 58 6.56 5.97 13.12
CA GLN A 58 7.69 5.67 14.00
C GLN A 58 8.97 6.42 13.60
N ASP A 59 9.39 6.30 12.35
CA ASP A 59 10.61 6.89 11.77
C ASP A 59 10.38 7.55 10.39
N GLY A 60 9.12 7.71 9.98
CA GLY A 60 8.71 8.18 8.66
C GLY A 60 8.15 7.05 7.76
N THR A 61 7.09 6.36 8.22
CA THR A 61 6.37 5.32 7.46
C THR A 61 4.87 5.27 7.76
N CYS A 62 4.07 4.87 6.77
CA CYS A 62 2.62 4.79 6.72
C CYS A 62 2.15 3.39 7.16
N SER A 63 1.80 3.23 8.44
CA SER A 63 1.31 1.97 9.02
C SER A 63 -0.14 1.66 8.63
N VAL A 64 -0.34 1.26 7.36
CA VAL A 64 -1.62 0.85 6.78
C VAL A 64 -1.98 -0.59 7.15
N SER A 65 -3.17 -0.75 7.72
CA SER A 65 -3.80 -2.06 7.98
C SER A 65 -5.10 -2.12 7.18
N TYR A 66 -5.24 -3.10 6.28
CA TYR A 66 -6.46 -3.31 5.50
C TYR A 66 -7.06 -4.70 5.75
N LEU A 67 -8.37 -4.80 5.71
CA LEU A 67 -9.14 -6.01 6.05
C LEU A 67 -10.00 -6.51 4.87
N PRO A 68 -9.49 -7.45 4.04
CA PRO A 68 -10.29 -8.14 3.05
C PRO A 68 -11.25 -9.13 3.75
N VAL A 69 -12.53 -9.13 3.36
CA VAL A 69 -13.60 -9.91 4.01
C VAL A 69 -14.00 -11.15 3.25
N LEU A 70 -13.65 -11.23 1.96
CA LEU A 70 -13.75 -12.42 1.12
C LEU A 70 -12.50 -12.60 0.21
N PRO A 71 -12.14 -13.85 -0.14
CA PRO A 71 -10.94 -14.14 -0.96
C PRO A 71 -10.93 -13.43 -2.31
N GLY A 72 -9.75 -13.26 -2.91
CA GLY A 72 -9.63 -12.53 -4.18
C GLY A 72 -8.21 -12.13 -4.61
N ASP A 73 -8.15 -11.49 -5.77
CA ASP A 73 -6.95 -10.98 -6.46
C ASP A 73 -6.96 -9.44 -6.41
N TYR A 74 -6.79 -8.87 -5.21
CA TYR A 74 -6.96 -7.45 -4.91
C TYR A 74 -5.87 -6.59 -5.58
N SER A 75 -6.10 -5.28 -5.77
CA SER A 75 -5.07 -4.34 -6.28
C SER A 75 -4.74 -3.27 -5.23
N ILE A 76 -3.45 -2.99 -5.05
CA ILE A 76 -2.96 -1.87 -4.22
C ILE A 76 -2.68 -0.66 -5.15
N LEU A 77 -3.38 0.45 -4.90
CA LEU A 77 -3.31 1.70 -5.67
C LEU A 77 -2.63 2.77 -4.81
N VAL A 78 -1.31 2.98 -4.97
CA VAL A 78 -0.54 4.03 -4.24
C VAL A 78 -0.24 5.19 -5.18
N LYS A 79 -0.33 6.44 -4.68
CA LYS A 79 0.02 7.71 -5.35
C LYS A 79 0.90 8.58 -4.46
N TYR A 80 1.77 9.35 -5.08
CA TYR A 80 2.55 10.43 -4.47
C TYR A 80 2.58 11.64 -5.40
N ASN A 81 2.07 12.78 -4.92
CA ASN A 81 1.99 14.05 -5.64
C ASN A 81 1.33 13.94 -7.04
N GLU A 82 0.02 13.66 -7.04
CA GLU A 82 -0.94 13.67 -8.16
C GLU A 82 -0.81 12.50 -9.18
N GLN A 83 0.16 11.59 -9.03
CA GLN A 83 0.29 10.39 -9.87
C GLN A 83 0.72 9.13 -9.08
N HIS A 84 0.63 7.92 -9.69
CA HIS A 84 1.00 6.67 -9.00
C HIS A 84 2.47 6.56 -8.64
N VAL A 85 2.74 5.80 -7.58
CA VAL A 85 4.07 5.57 -7.01
C VAL A 85 5.01 4.77 -7.92
N PRO A 86 6.33 4.78 -7.65
CA PRO A 86 7.35 4.04 -8.38
C PRO A 86 7.07 2.53 -8.36
N GLY A 87 6.59 1.95 -9.49
CA GLY A 87 6.26 0.56 -9.65
C GLY A 87 4.80 0.16 -9.36
N SER A 88 3.93 1.07 -8.92
CA SER A 88 2.47 0.85 -8.80
C SER A 88 1.81 0.65 -10.17
N PRO A 89 0.60 0.05 -10.24
CA PRO A 89 -0.09 -0.63 -9.13
C PRO A 89 0.53 -2.00 -8.79
N PHE A 90 0.06 -2.62 -7.70
CA PHE A 90 0.39 -3.98 -7.27
C PHE A 90 -0.88 -4.87 -7.19
N THR A 91 -0.71 -6.19 -7.00
CA THR A 91 -1.78 -7.19 -7.02
C THR A 91 -1.61 -8.23 -5.91
N ALA A 92 -2.37 -8.05 -4.82
CA ALA A 92 -2.32 -8.83 -3.58
C ALA A 92 -3.29 -10.04 -3.56
N ARG A 93 -2.77 -11.26 -3.69
CA ARG A 93 -3.57 -12.49 -3.73
C ARG A 93 -3.80 -13.12 -2.35
N VAL A 94 -4.96 -12.75 -1.80
CA VAL A 94 -5.64 -13.28 -0.63
C VAL A 94 -5.95 -14.78 -0.75
N THR A 95 -5.32 -15.61 0.08
CA THR A 95 -5.33 -17.08 -0.03
C THR A 95 -6.69 -17.73 0.22
N GLY A 96 -7.44 -17.18 1.18
CA GLY A 96 -8.75 -17.69 1.60
C GLY A 96 -8.67 -19.04 2.31
N ASP A 97 -8.29 -19.03 3.58
CA ASP A 97 -8.19 -20.23 4.41
C ASP A 97 -9.56 -20.91 4.73
N ASP A 98 -10.65 -20.13 4.71
CA ASP A 98 -12.07 -20.46 4.96
C ASP A 98 -12.41 -21.94 5.29
N GLY A 1 31.31 13.40 -14.24
CA GLY A 1 31.11 12.89 -12.88
C GLY A 1 30.06 13.68 -12.12
N ALA A 2 29.12 12.97 -11.48
CA ALA A 2 28.08 13.51 -10.60
C ALA A 2 27.90 12.64 -9.33
N MET A 3 27.02 13.07 -8.42
CA MET A 3 26.70 12.41 -7.15
C MET A 3 25.18 12.42 -6.88
N VAL A 4 24.58 11.22 -6.72
CA VAL A 4 23.15 11.03 -6.41
C VAL A 4 22.88 11.36 -4.93
N VAL A 5 21.98 12.32 -4.69
CA VAL A 5 21.63 12.80 -3.34
C VAL A 5 20.11 12.79 -3.06
N ASN A 6 19.31 12.18 -3.95
CA ASN A 6 17.84 12.20 -3.91
C ASN A 6 17.16 11.25 -2.88
N CYS A 7 17.96 10.48 -2.13
CA CYS A 7 17.58 9.54 -1.06
C CYS A 7 16.63 8.38 -1.41
N GLY A 8 16.10 8.30 -2.63
CA GLY A 8 15.12 7.28 -3.07
C GLY A 8 13.66 7.67 -2.84
N HIS A 9 13.39 8.95 -2.60
CA HIS A 9 12.09 9.63 -2.47
C HIS A 9 10.93 8.80 -1.85
N VAL A 10 9.95 8.32 -2.64
CA VAL A 10 8.79 7.52 -2.18
C VAL A 10 8.54 6.28 -3.04
N THR A 11 8.22 5.16 -2.39
CA THR A 11 7.91 3.86 -3.02
C THR A 11 6.78 3.12 -2.29
N ALA A 12 6.21 2.08 -2.93
CA ALA A 12 5.23 1.15 -2.37
C ALA A 12 5.60 -0.29 -2.71
N TYR A 13 5.62 -1.18 -1.71
CA TYR A 13 6.10 -2.57 -1.82
C TYR A 13 5.50 -3.47 -0.74
N GLY A 14 5.76 -4.78 -0.81
CA GLY A 14 5.35 -5.78 0.18
C GLY A 14 4.37 -6.86 -0.35
N PRO A 15 4.16 -7.94 0.42
CA PRO A 15 3.34 -9.05 -0.02
C PRO A 15 1.85 -8.68 -0.13
N GLY A 16 1.37 -7.71 0.65
CA GLY A 16 -0.03 -7.25 0.60
C GLY A 16 -0.47 -6.55 -0.70
N LEU A 17 0.41 -6.33 -1.68
CA LEU A 17 0.03 -5.89 -3.03
C LEU A 17 -0.14 -7.06 -4.03
N THR A 18 0.26 -8.30 -3.69
CA THR A 18 0.32 -9.46 -4.60
C THR A 18 -0.25 -10.77 -4.00
N HIS A 19 -0.42 -10.82 -2.67
CA HIS A 19 -0.98 -11.92 -1.87
C HIS A 19 -1.80 -11.40 -0.65
N GLY A 20 -2.36 -12.27 0.19
CA GLY A 20 -3.14 -11.89 1.38
C GLY A 20 -3.54 -13.09 2.25
N VAL A 21 -4.16 -12.83 3.40
CA VAL A 21 -4.69 -13.85 4.34
C VAL A 21 -6.11 -13.48 4.78
N VAL A 22 -7.13 -14.19 4.33
CA VAL A 22 -8.54 -13.96 4.72
C VAL A 22 -8.74 -14.17 6.23
N ASN A 23 -9.45 -13.25 6.89
CA ASN A 23 -9.71 -13.19 8.33
C ASN A 23 -8.49 -12.89 9.25
N LYS A 24 -7.31 -12.54 8.67
CA LYS A 24 -6.15 -12.01 9.43
C LYS A 24 -5.69 -10.64 8.89
N PRO A 25 -5.19 -9.71 9.74
CA PRO A 25 -4.59 -8.45 9.33
C PRO A 25 -3.51 -8.63 8.25
N ALA A 26 -3.80 -8.14 7.03
CA ALA A 26 -2.87 -8.10 5.90
C ALA A 26 -2.16 -6.73 5.85
N THR A 27 -0.95 -6.67 5.28
CA THR A 27 -0.14 -5.43 5.30
C THR A 27 0.76 -5.26 4.09
N PHE A 28 1.04 -4.00 3.75
CA PHE A 28 2.09 -3.60 2.81
C PHE A 28 2.75 -2.29 3.29
N THR A 29 3.93 -1.99 2.74
CA THR A 29 4.79 -0.93 3.22
C THR A 29 4.89 0.19 2.18
N VAL A 30 4.73 1.43 2.65
CA VAL A 30 5.01 2.67 1.93
C VAL A 30 5.93 3.53 2.81
N ASN A 31 6.85 4.23 2.17
CA ASN A 31 8.01 4.90 2.77
C ASN A 31 8.19 6.30 2.17
N THR A 32 7.65 7.30 2.87
CA THR A 32 7.53 8.73 2.51
C THR A 32 8.67 9.60 3.05
N LYS A 33 9.82 9.00 3.41
CA LYS A 33 11.07 9.56 4.01
C LYS A 33 11.42 11.00 3.61
N ASP A 34 11.41 11.31 2.32
CA ASP A 34 11.78 12.62 1.73
C ASP A 34 10.61 13.28 0.99
N ALA A 35 9.44 12.67 1.04
CA ALA A 35 8.23 12.94 0.27
C ALA A 35 7.29 14.02 0.88
N GLY A 36 7.78 14.78 1.85
CA GLY A 36 7.06 15.82 2.59
C GLY A 36 6.30 16.82 1.68
N GLU A 37 5.17 17.30 2.17
CA GLU A 37 4.21 18.17 1.47
C GLU A 37 3.51 17.54 0.24
N GLY A 38 3.74 16.25 -0.01
CA GLY A 38 3.06 15.48 -1.06
C GLY A 38 1.84 14.70 -0.55
N GLY A 39 0.81 14.59 -1.38
CA GLY A 39 -0.49 14.03 -1.06
C GLY A 39 -0.59 12.53 -1.33
N LEU A 40 0.07 11.69 -0.52
CA LEU A 40 -0.08 10.23 -0.51
C LEU A 40 -1.49 9.86 -0.05
N SER A 41 -2.27 9.20 -0.90
CA SER A 41 -3.64 8.70 -0.60
C SER A 41 -3.94 7.42 -1.39
N LEU A 42 -4.77 6.53 -0.83
CA LEU A 42 -5.12 5.27 -1.45
C LEU A 42 -6.46 4.67 -1.02
N ALA A 43 -6.84 3.59 -1.72
CA ALA A 43 -7.94 2.70 -1.36
C ALA A 43 -7.75 1.30 -1.94
N ILE A 44 -8.64 0.37 -1.56
CA ILE A 44 -8.73 -1.02 -2.05
C ILE A 44 -10.12 -1.30 -2.65
N GLU A 45 -10.16 -2.14 -3.68
CA GLU A 45 -11.37 -2.71 -4.29
C GLU A 45 -11.28 -4.26 -4.29
N GLY A 46 -12.38 -4.94 -4.59
CA GLY A 46 -12.47 -6.41 -4.61
C GLY A 46 -13.92 -6.92 -4.69
N PRO A 47 -14.17 -8.21 -4.36
CA PRO A 47 -15.53 -8.77 -4.24
C PRO A 47 -16.28 -8.24 -3.01
N SER A 48 -15.51 -7.67 -2.07
CA SER A 48 -15.86 -7.28 -0.72
C SER A 48 -14.97 -6.09 -0.28
N LYS A 49 -15.26 -5.46 0.86
CA LYS A 49 -14.45 -4.37 1.45
C LYS A 49 -13.38 -4.91 2.43
N ALA A 50 -12.50 -4.02 2.90
CA ALA A 50 -11.53 -4.29 3.97
C ALA A 50 -11.41 -3.09 4.92
N GLU A 51 -11.00 -3.33 6.17
CA GLU A 51 -10.89 -2.33 7.24
C GLU A 51 -9.53 -1.59 7.20
N ILE A 52 -9.44 -0.56 6.35
CA ILE A 52 -8.19 0.19 6.07
C ILE A 52 -7.73 1.00 7.28
N SER A 53 -6.44 0.92 7.61
CA SER A 53 -5.73 1.73 8.63
C SER A 53 -4.26 2.00 8.24
N CYS A 54 -3.98 3.16 7.66
CA CYS A 54 -2.60 3.63 7.42
C CYS A 54 -1.89 4.01 8.73
N THR A 55 -0.56 3.84 8.76
CA THR A 55 0.33 4.35 9.83
C THR A 55 0.64 5.85 9.65
N ASP A 56 0.97 6.56 10.75
CA ASP A 56 1.47 7.94 10.75
C ASP A 56 2.66 8.09 11.73
N ASN A 57 3.89 7.91 11.20
CA ASN A 57 5.14 7.82 11.96
C ASN A 57 6.15 8.89 11.50
N GLN A 58 6.77 9.56 12.46
CA GLN A 58 7.84 10.56 12.27
C GLN A 58 9.12 9.99 11.59
N ASP A 59 9.21 8.67 11.40
CA ASP A 59 10.30 7.96 10.71
C ASP A 59 10.16 8.01 9.18
N GLY A 60 9.02 8.45 8.66
CA GLY A 60 8.74 8.59 7.23
C GLY A 60 8.14 7.35 6.59
N THR A 61 7.05 6.85 7.16
CA THR A 61 6.26 5.73 6.61
C THR A 61 4.75 6.01 6.70
N CYS A 62 3.96 5.37 5.83
CA CYS A 62 2.49 5.42 5.83
C CYS A 62 1.83 4.03 5.94
N SER A 63 2.65 3.00 6.11
CA SER A 63 2.35 1.55 6.25
C SER A 63 0.87 1.18 6.37
N VAL A 64 0.28 0.76 5.26
CA VAL A 64 -1.13 0.42 5.12
C VAL A 64 -1.43 -0.99 5.66
N SER A 65 -2.06 -1.05 6.82
CA SER A 65 -2.71 -2.26 7.35
C SER A 65 -4.14 -2.32 6.85
N TYR A 66 -4.67 -3.51 6.55
CA TYR A 66 -6.06 -3.77 6.18
C TYR A 66 -6.48 -5.16 6.66
N LEU A 67 -7.77 -5.47 6.69
CA LEU A 67 -8.27 -6.76 7.19
C LEU A 67 -9.35 -7.31 6.25
N PRO A 68 -8.97 -8.16 5.27
CA PRO A 68 -9.92 -8.77 4.34
C PRO A 68 -10.75 -9.83 5.07
N VAL A 69 -12.04 -9.86 4.77
CA VAL A 69 -13.04 -10.73 5.43
C VAL A 69 -13.61 -11.81 4.52
N LEU A 70 -13.30 -11.81 3.22
CA LEU A 70 -13.82 -12.76 2.23
C LEU A 70 -12.74 -13.04 1.16
N PRO A 71 -12.48 -14.29 0.74
CA PRO A 71 -11.52 -14.62 -0.36
C PRO A 71 -11.74 -13.83 -1.67
N GLY A 72 -10.69 -13.25 -2.25
CA GLY A 72 -10.79 -12.39 -3.43
C GLY A 72 -9.47 -11.95 -4.08
N ASP A 73 -9.62 -11.28 -5.22
CA ASP A 73 -8.55 -10.71 -6.06
C ASP A 73 -8.49 -9.19 -5.89
N TYR A 74 -8.21 -8.74 -4.65
CA TYR A 74 -8.33 -7.35 -4.23
C TYR A 74 -7.39 -6.39 -4.97
N SER A 75 -7.95 -5.45 -5.75
CA SER A 75 -7.14 -4.39 -6.38
C SER A 75 -6.70 -3.35 -5.34
N ILE A 76 -5.50 -2.77 -5.50
CA ILE A 76 -4.93 -1.69 -4.69
C ILE A 76 -4.76 -0.43 -5.55
N LEU A 77 -5.34 0.70 -5.13
CA LEU A 77 -5.39 1.95 -5.87
C LEU A 77 -4.64 3.06 -5.11
N VAL A 78 -3.36 3.28 -5.43
CA VAL A 78 -2.49 4.26 -4.73
C VAL A 78 -2.29 5.49 -5.61
N LYS A 79 -2.33 6.67 -5.00
CA LYS A 79 -2.04 7.97 -5.62
C LYS A 79 -1.04 8.77 -4.79
N TYR A 80 -0.28 9.62 -5.45
CA TYR A 80 0.61 10.60 -4.83
C TYR A 80 0.47 11.94 -5.59
N ASN A 81 -0.27 12.87 -4.97
CA ASN A 81 -0.74 14.14 -5.54
C ASN A 81 -1.64 13.96 -6.77
N GLU A 82 -2.88 13.51 -6.57
CA GLU A 82 -4.01 13.31 -7.53
C GLU A 82 -3.78 12.36 -8.73
N GLN A 83 -2.55 11.91 -8.95
CA GLN A 83 -2.15 10.97 -9.99
C GLN A 83 -1.74 9.64 -9.37
N HIS A 84 -2.01 8.51 -10.03
CA HIS A 84 -1.55 7.19 -9.53
C HIS A 84 -0.03 7.07 -9.46
N VAL A 85 0.43 6.29 -8.49
CA VAL A 85 1.84 6.08 -8.12
C VAL A 85 2.65 5.38 -9.23
N PRO A 86 4.00 5.38 -9.13
CA PRO A 86 4.97 4.90 -10.15
C PRO A 86 4.87 3.42 -10.59
N GLY A 87 3.91 2.66 -10.07
CA GLY A 87 3.61 1.26 -10.42
C GLY A 87 2.13 0.85 -10.29
N SER A 88 1.20 1.76 -9.96
CA SER A 88 -0.22 1.45 -9.72
C SER A 88 -1.00 1.22 -11.04
N PRO A 89 -2.19 0.58 -11.00
CA PRO A 89 -2.73 -0.13 -9.83
C PRO A 89 -2.02 -1.46 -9.56
N PHE A 90 -2.34 -2.11 -8.44
CA PHE A 90 -1.88 -3.47 -8.07
C PHE A 90 -3.06 -4.44 -7.87
N THR A 91 -2.81 -5.74 -7.76
CA THR A 91 -3.84 -6.80 -7.58
C THR A 91 -3.33 -7.88 -6.64
N ALA A 92 -3.73 -7.81 -5.37
CA ALA A 92 -3.45 -8.79 -4.35
C ALA A 92 -4.21 -10.12 -4.55
N ARG A 93 -3.78 -11.18 -3.87
CA ARG A 93 -4.38 -12.53 -3.91
C ARG A 93 -4.52 -13.09 -2.49
N VAL A 94 -5.55 -12.63 -1.79
CA VAL A 94 -5.95 -13.03 -0.43
C VAL A 94 -6.44 -14.48 -0.39
N THR A 95 -5.57 -15.42 0.00
CA THR A 95 -5.89 -16.86 0.08
C THR A 95 -6.84 -17.16 1.23
N GLY A 96 -7.91 -17.89 0.91
CA GLY A 96 -8.95 -18.35 1.82
C GLY A 96 -8.61 -19.68 2.50
N ASP A 97 -9.53 -20.14 3.36
CA ASP A 97 -9.47 -21.42 4.07
C ASP A 97 -10.71 -22.32 3.82
N ASP A 98 -11.87 -21.70 3.57
CA ASP A 98 -13.15 -22.38 3.26
C ASP A 98 -14.01 -21.62 2.24
#